data_2AHR
#
_entry.id   2AHR
#
_cell.length_a   171.631
_cell.length_b   109.646
_cell.length_c   84.033
_cell.angle_alpha   90.00
_cell.angle_beta   96.08
_cell.angle_gamma   90.00
#
_symmetry.space_group_name_H-M   'C 1 2 1'
#
loop_
_entity.id
_entity.type
_entity.pdbx_description
1 polymer 'putative pyrroline carboxylate reductase'
2 non-polymer 'SODIUM ION'
3 non-polymer 'NADP NICOTINAMIDE-ADENINE-DINUCLEOTIDE PHOSPHATE'
4 non-polymer 'FORMIC ACID'
5 water water
#
_entity_poly.entity_id   1
_entity_poly.type   'polypeptide(L)'
_entity_poly.pdbx_seq_one_letter_code
;SNA(MSE)KIGIIGVGK(MSE)ASAIIKGLKQTPHELIISGSSLERSKEIAEQLALPYA(MSE)SHQDLIDQVDLVILGI
KPQLFETVLKPLHFKQPIIS(MSE)AAGISLQRLATFVGQDLPLLRI(MSE)PN(MSE)NAQILQSSTALTGNALVSQEL
QARVRDLTDSFGSTFDISEKDFDTFTALAGSSPAYIYLFIEALAKAGVKNGIPKAKALEIVTQTVLASASNLKTSSQSPH
DFIDAICSPGGTTIAGL(MSE)ELERLGLTATVSSAIDKTIDKAKSL
;
_entity_poly.pdbx_strand_id   A,B,C,D,E
#
loop_
_chem_comp.id
_chem_comp.type
_chem_comp.name
_chem_comp.formula
FMT non-polymer 'FORMIC ACID' 'C H2 O2'
NA non-polymer 'SODIUM ION' 'Na 1'
NAP non-polymer 'NADP NICOTINAMIDE-ADENINE-DINUCLEOTIDE PHOSPHATE' 'C21 H28 N7 O17 P3'
#
# COMPACT_ATOMS: atom_id res chain seq x y z
N ALA A 3 5.92 3.57 -47.72
CA ALA A 3 6.71 3.12 -46.54
C ALA A 3 7.88 4.06 -46.25
N MSE A 4 7.73 4.86 -45.21
CA MSE A 4 8.73 5.88 -44.89
C MSE A 4 9.93 5.34 -44.10
O MSE A 4 9.91 4.20 -43.63
CB MSE A 4 8.10 7.08 -44.16
CG MSE A 4 7.04 6.74 -43.14
SE MSE A 4 6.08 8.21 -42.67
CE MSE A 4 4.70 7.39 -41.88
N LYS A 5 10.96 6.17 -43.99
CA LYS A 5 12.10 5.89 -43.12
C LYS A 5 11.97 6.73 -41.86
N ILE A 6 11.87 6.05 -40.72
CA ILE A 6 11.60 6.74 -39.45
C ILE A 6 12.84 6.72 -38.55
N GLY A 7 13.17 7.90 -38.02
CA GLY A 7 14.32 8.06 -37.12
C GLY A 7 13.96 8.42 -35.68
N ILE A 8 14.66 7.82 -34.73
CA ILE A 8 14.40 8.04 -33.32
C ILE A 8 15.63 8.65 -32.64
N ILE A 9 15.44 9.81 -32.02
CA ILE A 9 16.51 10.45 -31.29
C ILE A 9 16.27 10.32 -29.80
N GLY A 10 17.19 9.59 -29.15
CA GLY A 10 17.06 9.27 -27.74
C GLY A 10 16.24 8.00 -27.61
N VAL A 11 16.87 6.96 -27.07
CA VAL A 11 16.23 5.64 -26.95
C VAL A 11 16.49 5.07 -25.56
N GLY A 12 15.57 5.35 -24.65
CA GLY A 12 15.62 4.84 -23.29
C GLY A 12 14.52 3.83 -23.13
N LYS A 13 13.90 3.82 -21.95
CA LYS A 13 12.87 2.81 -21.62
C LYS A 13 11.64 2.91 -22.55
N MSE A 14 11.02 4.09 -22.56
CA MSE A 14 9.81 4.32 -23.36
C MSE A 14 10.06 4.10 -24.87
O MSE A 14 9.36 3.31 -25.52
CB MSE A 14 9.24 5.72 -23.08
CG MSE A 14 7.70 5.90 -23.26
SE MSE A 14 6.64 4.59 -22.59
CE MSE A 14 6.49 3.55 -24.03
N ALA A 15 11.09 4.75 -25.42
CA ALA A 15 11.43 4.59 -26.83
C ALA A 15 11.70 3.12 -27.23
N SER A 16 12.45 2.40 -26.40
CA SER A 16 12.73 0.97 -26.68
C SER A 16 11.45 0.15 -26.76
N ALA A 17 10.52 0.42 -25.83
CA ALA A 17 9.24 -0.31 -25.76
C ALA A 17 8.41 -0.14 -27.03
N ILE A 18 8.54 1.02 -27.66
CA ILE A 18 7.77 1.41 -28.84
C ILE A 18 8.28 0.78 -30.17
N ILE A 19 9.53 0.35 -30.17
CA ILE A 19 10.17 -0.15 -31.38
C ILE A 19 9.71 -1.56 -31.76
N LYS A 20 9.34 -2.37 -30.77
CA LYS A 20 8.77 -3.69 -31.04
C LYS A 20 7.57 -3.59 -31.99
N GLY A 21 6.68 -2.64 -31.71
CA GLY A 21 5.54 -2.35 -32.56
C GLY A 21 5.92 -1.74 -33.90
N LEU A 22 6.92 -0.86 -33.91
CA LEU A 22 7.40 -0.24 -35.15
C LEU A 22 8.11 -1.23 -36.09
N LYS A 23 8.73 -2.26 -35.52
CA LYS A 23 9.35 -3.35 -36.28
C LYS A 23 8.34 -4.18 -37.06
N GLN A 24 7.09 -4.15 -36.61
CA GLN A 24 6.03 -4.91 -37.26
C GLN A 24 5.26 -4.08 -38.29
N THR A 25 5.69 -2.83 -38.47
CA THR A 25 5.27 -2.02 -39.61
C THR A 25 6.28 -2.17 -40.76
N PRO A 26 5.86 -1.88 -42.01
CA PRO A 26 6.75 -1.93 -43.18
C PRO A 26 7.80 -0.83 -43.24
N HIS A 27 7.78 0.10 -42.29
CA HIS A 27 8.69 1.25 -42.30
C HIS A 27 10.12 0.90 -41.94
N GLU A 28 11.06 1.66 -42.45
CA GLU A 28 12.46 1.46 -42.11
C GLU A 28 12.83 2.37 -40.95
N LEU A 29 13.61 1.83 -40.02
CA LEU A 29 13.91 2.51 -38.80
C LEU A 29 15.41 2.78 -38.68
N ILE A 30 15.76 3.87 -38.01
CA ILE A 30 17.13 4.18 -37.69
C ILE A 30 17.13 5.00 -36.42
N ILE A 31 18.15 4.81 -35.58
CA ILE A 31 18.15 5.40 -34.25
C ILE A 31 19.42 6.21 -33.98
N SER A 32 19.38 7.08 -32.98
CA SER A 32 20.53 7.89 -32.58
C SER A 32 20.47 8.22 -31.09
N GLY A 33 21.51 7.84 -30.35
CA GLY A 33 21.57 7.99 -28.88
C GLY A 33 22.34 9.18 -28.33
N SER A 34 22.73 9.10 -27.06
CA SER A 34 23.44 10.18 -26.34
C SER A 34 24.94 10.34 -26.69
N SER A 35 25.50 9.35 -27.37
CA SER A 35 26.89 9.37 -27.85
C SER A 35 27.02 8.25 -28.86
N LEU A 36 28.01 8.34 -29.75
CA LEU A 36 28.23 7.30 -30.76
C LEU A 36 28.31 5.90 -30.16
N GLU A 37 29.03 5.78 -29.05
CA GLU A 37 29.20 4.46 -28.42
C GLU A 37 27.84 3.93 -27.97
N ARG A 38 27.09 4.78 -27.22
CA ARG A 38 25.76 4.42 -26.75
C ARG A 38 24.85 4.09 -27.91
N SER A 39 24.93 4.86 -28.99
CA SER A 39 24.18 4.59 -30.21
C SER A 39 24.38 3.17 -30.73
N LYS A 40 25.65 2.73 -30.77
CA LYS A 40 25.99 1.41 -31.25
C LYS A 40 25.54 0.30 -30.30
N GLU A 41 25.79 0.50 -29.01
CA GLU A 41 25.38 -0.42 -27.95
C GLU A 41 23.88 -0.72 -28.09
N ILE A 42 23.09 0.35 -28.22
CA ILE A 42 21.64 0.27 -28.34
C ILE A 42 21.19 -0.33 -29.67
N ALA A 43 21.86 0.07 -30.76
CA ALA A 43 21.54 -0.45 -32.09
C ALA A 43 21.81 -1.95 -32.20
N GLU A 44 22.85 -2.42 -31.51
CA GLU A 44 23.17 -3.85 -31.51
C GLU A 44 22.04 -4.65 -30.88
N GLN A 45 21.62 -4.24 -29.68
CA GLN A 45 20.60 -5.00 -28.95
C GLN A 45 19.19 -4.88 -29.53
N LEU A 46 18.98 -3.92 -30.42
CA LEU A 46 17.68 -3.79 -31.09
C LEU A 46 17.67 -4.36 -32.52
N ALA A 47 18.85 -4.75 -33.01
CA ALA A 47 19.03 -5.24 -34.37
C ALA A 47 18.57 -4.18 -35.36
N LEU A 48 19.03 -2.96 -35.14
CA LEU A 48 18.68 -1.82 -35.98
C LEU A 48 19.90 -0.98 -36.39
N PRO A 49 19.82 -0.32 -37.57
CA PRO A 49 20.85 0.64 -37.95
C PRO A 49 20.86 1.90 -37.07
N TYR A 50 22.01 2.54 -36.99
CA TYR A 50 22.16 3.80 -36.27
C TYR A 50 22.92 4.84 -37.10
N ALA A 51 22.74 6.10 -36.71
CA ALA A 51 23.32 7.25 -37.42
C ALA A 51 24.58 7.76 -36.72
N MSE A 52 25.38 8.53 -37.45
CA MSE A 52 26.68 9.01 -36.94
C MSE A 52 26.56 10.29 -36.10
O MSE A 52 27.53 10.70 -35.44
CB MSE A 52 27.70 9.16 -38.08
CG MSE A 52 27.98 7.84 -38.85
SE MSE A 52 28.76 6.53 -37.88
CE MSE A 52 27.84 5.09 -38.42
N SER A 53 25.38 10.90 -36.12
CA SER A 53 25.05 12.09 -35.35
C SER A 53 23.57 12.37 -35.55
N HIS A 54 23.00 13.27 -34.75
CA HIS A 54 21.57 13.58 -34.88
C HIS A 54 21.24 14.21 -36.23
N GLN A 55 22.10 15.12 -36.68
CA GLN A 55 21.92 15.75 -37.98
C GLN A 55 22.02 14.72 -39.11
N ASP A 56 22.97 13.79 -39.00
CA ASP A 56 23.07 12.73 -40.00
C ASP A 56 21.79 11.89 -40.06
N LEU A 57 21.19 11.63 -38.89
CA LEU A 57 19.85 11.00 -38.77
C LEU A 57 18.79 11.84 -39.50
N ILE A 58 18.74 13.13 -39.14
CA ILE A 58 17.78 14.05 -39.73
C ILE A 58 17.76 14.06 -41.27
N ASP A 59 18.94 14.12 -41.89
CA ASP A 59 19.04 14.30 -43.35
C ASP A 59 18.51 13.14 -44.20
N GLN A 60 18.32 11.97 -43.58
CA GLN A 60 17.98 10.79 -44.35
C GLN A 60 16.64 10.17 -43.96
N VAL A 61 15.88 10.89 -43.16
CA VAL A 61 14.69 10.35 -42.53
C VAL A 61 13.43 11.16 -42.86
N ASP A 62 12.32 10.47 -43.11
CA ASP A 62 11.05 11.11 -43.44
C ASP A 62 10.32 11.62 -42.21
N LEU A 63 10.52 10.96 -41.07
CA LEU A 63 9.77 11.28 -39.86
C LEU A 63 10.70 11.14 -38.67
N VAL A 64 10.68 12.10 -37.76
CA VAL A 64 11.45 11.99 -36.52
C VAL A 64 10.56 11.72 -35.30
N ILE A 65 10.98 10.78 -34.47
CA ILE A 65 10.37 10.51 -33.17
C ILE A 65 11.39 10.90 -32.10
N LEU A 66 10.96 11.72 -31.15
CA LEU A 66 11.83 12.15 -30.06
C LEU A 66 11.63 11.33 -28.78
N GLY A 67 12.71 10.69 -28.32
CA GLY A 67 12.69 9.85 -27.11
C GLY A 67 13.51 10.34 -25.91
N ILE A 68 13.93 11.60 -25.96
CA ILE A 68 14.72 12.20 -24.88
C ILE A 68 13.76 12.75 -23.82
N LYS A 69 14.28 13.01 -22.62
CA LYS A 69 13.51 13.62 -21.54
C LYS A 69 13.19 15.09 -21.82
N PRO A 70 12.04 15.57 -21.33
CA PRO A 70 11.62 16.96 -21.60
C PRO A 70 12.70 18.00 -21.25
N GLN A 71 13.36 17.84 -20.09
CA GLN A 71 14.32 18.86 -19.64
C GLN A 71 15.59 18.93 -20.49
N LEU A 72 15.70 18.03 -21.47
CA LEU A 72 16.79 18.07 -22.44
C LEU A 72 16.36 18.60 -23.80
N PHE A 73 15.09 18.94 -23.97
CA PHE A 73 14.58 19.37 -25.28
C PHE A 73 15.35 20.57 -25.87
N GLU A 74 15.46 21.64 -25.08
CA GLU A 74 16.12 22.86 -25.54
C GLU A 74 17.58 22.59 -25.90
N THR A 75 18.35 22.08 -24.94
CA THR A 75 19.76 21.75 -25.11
C THR A 75 20.05 20.90 -26.36
N VAL A 76 19.26 19.85 -26.55
CA VAL A 76 19.52 18.85 -27.59
C VAL A 76 18.95 19.24 -28.96
N LEU A 77 17.81 19.95 -28.98
CA LEU A 77 17.11 20.28 -30.23
C LEU A 77 17.52 21.63 -30.86
N LYS A 78 17.78 22.64 -30.03
CA LYS A 78 18.03 23.99 -30.53
C LYS A 78 19.16 24.05 -31.58
N PRO A 79 20.34 23.41 -31.29
CA PRO A 79 21.43 23.38 -32.26
C PRO A 79 21.24 22.48 -33.50
N LEU A 80 20.11 21.78 -33.62
CA LEU A 80 19.86 20.95 -34.80
C LEU A 80 19.03 21.67 -35.87
N HIS A 81 18.96 21.07 -37.06
CA HIS A 81 18.21 21.64 -38.18
C HIS A 81 17.26 20.59 -38.76
N PHE A 82 16.04 20.56 -38.25
CA PHE A 82 15.02 19.57 -38.67
C PHE A 82 14.38 19.95 -40.00
N LYS A 83 13.84 18.95 -40.69
CA LYS A 83 13.20 19.16 -41.99
C LYS A 83 12.09 18.17 -42.31
N GLN A 84 11.56 17.52 -41.28
CA GLN A 84 10.44 16.57 -41.39
C GLN A 84 9.44 16.87 -40.28
N PRO A 85 8.24 16.27 -40.36
CA PRO A 85 7.39 16.17 -39.16
C PRO A 85 8.10 15.49 -37.97
N ILE A 86 7.86 16.02 -36.77
CA ILE A 86 8.42 15.46 -35.53
C ILE A 86 7.31 15.01 -34.57
N ILE A 87 7.51 13.81 -34.00
CA ILE A 87 6.63 13.27 -32.95
C ILE A 87 7.36 13.35 -31.61
N SER A 88 6.76 14.05 -30.64
CA SER A 88 7.28 14.10 -29.30
C SER A 88 6.47 13.13 -28.41
N MSE A 89 7.16 12.30 -27.63
CA MSE A 89 6.48 11.48 -26.59
C MSE A 89 6.60 12.10 -25.18
O MSE A 89 6.16 11.51 -24.18
CB MSE A 89 6.95 10.02 -26.61
CG MSE A 89 8.31 9.72 -25.90
SE MSE A 89 9.01 8.03 -26.11
CE MSE A 89 8.73 7.79 -27.85
N ALA A 90 7.19 13.29 -25.10
CA ALA A 90 7.56 13.90 -23.83
C ALA A 90 6.40 14.50 -23.06
N ALA A 91 6.36 14.20 -21.76
CA ALA A 91 5.46 14.85 -20.82
C ALA A 91 5.79 16.33 -20.71
N GLY A 92 4.77 17.16 -20.48
CA GLY A 92 4.98 18.55 -20.09
C GLY A 92 5.35 19.57 -21.16
N ILE A 93 5.67 19.11 -22.37
CA ILE A 93 6.16 20.01 -23.42
C ILE A 93 5.12 20.26 -24.52
N SER A 94 4.61 21.49 -24.59
CA SER A 94 3.52 21.78 -25.53
C SER A 94 3.99 21.79 -26.98
N LEU A 95 3.05 21.60 -27.89
CA LEU A 95 3.37 21.70 -29.30
C LEU A 95 3.97 23.09 -29.59
N GLN A 96 3.38 24.11 -28.98
CA GLN A 96 3.86 25.47 -29.12
C GLN A 96 5.32 25.65 -28.68
N ARG A 97 5.68 25.09 -27.53
CA ARG A 97 7.04 25.20 -27.02
C ARG A 97 7.99 24.43 -27.92
N LEU A 98 7.58 23.26 -28.39
CA LEU A 98 8.39 22.48 -29.32
C LEU A 98 8.67 23.27 -30.62
N ALA A 99 7.67 23.96 -31.15
CA ALA A 99 7.86 24.80 -32.35
C ALA A 99 8.95 25.86 -32.13
N THR A 100 9.02 26.34 -30.89
CA THR A 100 10.06 27.26 -30.43
C THR A 100 11.48 26.66 -30.50
N PHE A 101 11.60 25.35 -30.31
CA PHE A 101 12.90 24.68 -30.34
C PHE A 101 13.29 24.23 -31.74
N VAL A 102 12.30 23.89 -32.56
CA VAL A 102 12.58 23.21 -33.85
C VAL A 102 12.09 23.94 -35.11
N GLY A 103 11.19 24.90 -34.98
CA GLY A 103 10.70 25.60 -36.15
C GLY A 103 9.20 25.73 -36.31
N GLN A 104 8.80 26.85 -36.94
CA GLN A 104 7.41 27.22 -37.13
C GLN A 104 6.81 26.69 -38.43
N ASP A 105 7.60 25.98 -39.22
CA ASP A 105 7.18 25.52 -40.54
C ASP A 105 7.01 24.01 -40.60
N LEU A 106 7.06 23.36 -39.44
CA LEU A 106 7.02 21.91 -39.38
C LEU A 106 5.72 21.38 -38.80
N PRO A 107 5.15 20.34 -39.44
CA PRO A 107 4.08 19.64 -38.75
C PRO A 107 4.67 18.96 -37.51
N LEU A 108 3.99 19.09 -36.38
CA LEU A 108 4.43 18.51 -35.12
C LEU A 108 3.29 17.80 -34.43
N LEU A 109 3.56 16.58 -33.97
CA LEU A 109 2.62 15.77 -33.20
C LEU A 109 3.16 15.40 -31.83
N ARG A 110 2.24 15.24 -30.89
CA ARG A 110 2.55 14.68 -29.60
C ARG A 110 1.83 13.36 -29.46
N ILE A 111 2.53 12.39 -28.88
CA ILE A 111 1.92 11.20 -28.34
C ILE A 111 2.18 11.11 -26.83
N MSE A 112 1.31 10.37 -26.12
CA MSE A 112 1.55 9.99 -24.75
C MSE A 112 1.25 8.51 -24.59
O MSE A 112 0.09 8.13 -24.36
CB MSE A 112 0.75 10.85 -23.75
CG MSE A 112 0.99 10.45 -22.26
SE MSE A 112 2.73 10.34 -21.75
CE MSE A 112 3.32 11.96 -22.26
N PRO A 113 2.29 7.66 -24.77
CA PRO A 113 2.17 6.23 -24.61
C PRO A 113 2.44 5.80 -23.16
N ASN A 114 2.45 4.49 -22.91
CA ASN A 114 2.88 3.98 -21.62
C ASN A 114 3.65 2.69 -21.79
N MSE A 115 4.20 2.15 -20.70
CA MSE A 115 5.14 1.01 -20.76
C MSE A 115 4.53 -0.29 -21.35
O MSE A 115 5.26 -1.23 -21.72
CB MSE A 115 5.77 0.76 -19.37
CG MSE A 115 7.14 0.01 -19.37
SE MSE A 115 8.50 0.68 -20.39
CE MSE A 115 8.73 2.33 -19.71
N ASN A 116 3.20 -0.32 -21.42
CA ASN A 116 2.46 -1.45 -21.95
C ASN A 116 2.66 -1.62 -23.46
N ALA A 117 3.23 -0.59 -24.09
CA ALA A 117 3.81 -0.73 -25.44
C ALA A 117 4.66 -1.98 -25.59
N GLN A 118 5.30 -2.42 -24.50
CA GLN A 118 6.14 -3.63 -24.49
C GLN A 118 5.40 -4.89 -24.88
N ILE A 119 4.10 -4.93 -24.61
CA ILE A 119 3.28 -6.07 -25.03
C ILE A 119 2.30 -5.62 -26.10
N LEU A 120 2.59 -4.46 -26.69
CA LEU A 120 1.76 -3.85 -27.74
C LEU A 120 0.35 -3.52 -27.26
N GLN A 121 0.23 -3.06 -26.00
CA GLN A 121 -1.07 -2.70 -25.43
C GLN A 121 -1.02 -1.36 -24.71
N SER A 122 -0.25 -0.43 -25.27
CA SER A 122 -0.19 0.92 -24.75
C SER A 122 -1.55 1.59 -24.93
N SER A 123 -1.88 2.51 -24.02
CA SER A 123 -3.00 3.42 -24.27
C SER A 123 -2.40 4.78 -24.60
N THR A 124 -2.38 5.12 -25.89
CA THR A 124 -1.61 6.26 -26.40
C THR A 124 -2.47 7.40 -26.92
N ALA A 125 -2.30 8.59 -26.33
CA ALA A 125 -2.94 9.80 -26.82
C ALA A 125 -2.15 10.30 -28.03
N LEU A 126 -2.87 10.87 -28.99
CA LEU A 126 -2.27 11.43 -30.19
C LEU A 126 -2.90 12.78 -30.53
N THR A 127 -2.05 13.76 -30.82
CA THR A 127 -2.52 15.08 -31.27
C THR A 127 -1.44 15.78 -32.10
N GLY A 128 -1.86 16.75 -32.90
CA GLY A 128 -0.94 17.48 -33.78
C GLY A 128 -1.26 18.97 -33.84
N ASN A 129 -0.29 19.76 -34.30
CA ASN A 129 -0.49 21.19 -34.50
C ASN A 129 -1.25 21.49 -35.78
N ALA A 130 -1.43 22.79 -36.09
CA ALA A 130 -2.22 23.25 -37.23
C ALA A 130 -1.66 22.81 -38.58
N LEU A 131 -0.36 22.54 -38.62
CA LEU A 131 0.32 22.07 -39.83
C LEU A 131 0.15 20.58 -40.14
N VAL A 132 -0.54 19.86 -39.25
CA VAL A 132 -0.73 18.43 -39.42
C VAL A 132 -2.00 18.16 -40.22
N SER A 133 -1.81 17.69 -41.46
CA SER A 133 -2.93 17.28 -42.30
C SER A 133 -3.70 16.14 -41.65
N GLN A 134 -4.90 15.87 -42.13
CA GLN A 134 -5.57 14.62 -41.77
C GLN A 134 -4.84 13.43 -42.43
N GLU A 135 -3.97 13.72 -43.39
CA GLU A 135 -3.09 12.70 -43.96
C GLU A 135 -2.05 12.25 -42.94
N LEU A 136 -1.35 13.22 -42.36
CA LEU A 136 -0.23 12.94 -41.49
C LEU A 136 -0.70 12.29 -40.19
N GLN A 137 -1.75 12.86 -39.58
CA GLN A 137 -2.32 12.27 -38.37
C GLN A 137 -2.72 10.81 -38.59
N ALA A 138 -3.08 10.47 -39.83
CA ALA A 138 -3.48 9.10 -40.17
C ALA A 138 -2.29 8.15 -40.19
N ARG A 139 -1.22 8.57 -40.84
CA ARG A 139 0.01 7.80 -40.94
C ARG A 139 0.64 7.55 -39.57
N VAL A 140 0.57 8.57 -38.70
CA VAL A 140 1.07 8.51 -37.34
C VAL A 140 0.17 7.61 -36.49
N ARG A 141 -1.15 7.68 -36.71
CA ARG A 141 -2.07 6.84 -35.96
C ARG A 141 -1.84 5.36 -36.26
N ASP A 142 -1.41 5.05 -37.47
CA ASP A 142 -1.02 3.69 -37.83
C ASP A 142 0.22 3.26 -37.05
N LEU A 143 1.12 4.21 -36.81
CA LEU A 143 2.29 3.97 -35.99
C LEU A 143 1.92 3.60 -34.55
N THR A 144 1.04 4.38 -33.95
CA THR A 144 0.66 4.16 -32.55
C THR A 144 -0.21 2.93 -32.36
N ASP A 145 -1.04 2.60 -33.37
CA ASP A 145 -1.84 1.38 -33.33
C ASP A 145 -0.95 0.13 -33.40
N SER A 146 0.29 0.31 -33.83
CA SER A 146 1.21 -0.84 -33.91
C SER A 146 1.67 -1.30 -32.52
N PHE A 147 1.57 -0.44 -31.50
CA PHE A 147 1.98 -0.82 -30.14
C PHE A 147 0.89 -0.64 -29.07
N GLY A 148 -0.36 -0.60 -29.51
CA GLY A 148 -1.49 -0.59 -28.60
C GLY A 148 -2.69 0.09 -29.22
N SER A 149 -3.44 0.82 -28.40
CA SER A 149 -4.59 1.58 -28.89
C SER A 149 -4.28 3.09 -28.91
N THR A 150 -5.06 3.83 -29.70
CA THR A 150 -4.83 5.24 -29.91
C THR A 150 -6.05 6.05 -29.53
N PHE A 151 -5.84 7.11 -28.75
CA PHE A 151 -6.88 8.01 -28.31
C PHE A 151 -6.67 9.42 -28.91
N ASP A 152 -7.67 9.95 -29.61
CA ASP A 152 -7.57 11.29 -30.16
C ASP A 152 -7.98 12.25 -29.08
N ILE A 153 -6.98 12.92 -28.52
CA ILE A 153 -7.10 13.66 -27.26
C ILE A 153 -6.68 15.08 -27.62
N SER A 154 -7.42 16.07 -27.18
CA SER A 154 -7.02 17.42 -27.50
C SER A 154 -5.88 17.82 -26.57
N GLU A 155 -5.00 18.69 -27.04
CA GLU A 155 -3.77 19.02 -26.34
C GLU A 155 -4.02 19.55 -24.94
N LYS A 156 -5.09 20.30 -24.77
CA LYS A 156 -5.47 20.79 -23.46
C LYS A 156 -5.66 19.64 -22.44
N ASP A 157 -5.92 18.42 -22.91
CA ASP A 157 -6.18 17.28 -22.01
C ASP A 157 -4.98 16.35 -21.86
N PHE A 158 -3.85 16.75 -22.46
CA PHE A 158 -2.64 15.91 -22.49
C PHE A 158 -2.00 15.66 -21.13
N ASP A 159 -1.96 16.68 -20.27
CA ASP A 159 -1.32 16.52 -18.95
C ASP A 159 -2.11 15.50 -18.11
N THR A 160 -3.44 15.62 -18.15
CA THR A 160 -4.35 14.69 -17.47
C THR A 160 -4.24 13.29 -18.05
N PHE A 161 -4.31 13.17 -19.37
CA PHE A 161 -4.05 11.85 -20.01
C PHE A 161 -2.70 11.31 -19.56
N THR A 162 -1.71 12.19 -19.41
CA THR A 162 -0.36 11.77 -19.00
C THR A 162 -0.39 11.06 -17.63
N ALA A 163 -1.13 11.64 -16.70
CA ALA A 163 -1.34 11.04 -15.38
C ALA A 163 -2.18 9.76 -15.46
N LEU A 164 -3.26 9.77 -16.24
CA LEU A 164 -4.21 8.65 -16.26
C LEU A 164 -3.71 7.42 -16.98
N ALA A 165 -2.88 7.58 -18.00
CA ALA A 165 -2.49 6.43 -18.82
C ALA A 165 -0.99 6.21 -18.87
N GLY A 166 -0.25 7.31 -18.79
CA GLY A 166 1.21 7.28 -18.88
C GLY A 166 1.92 6.97 -17.57
N SER A 167 1.51 7.68 -16.52
CA SER A 167 2.03 7.49 -15.19
C SER A 167 1.33 6.39 -14.42
N SER A 168 0.05 6.14 -14.69
CA SER A 168 -0.74 5.24 -13.85
C SER A 168 -0.24 3.79 -13.72
N PRO A 169 0.42 3.22 -14.77
CA PRO A 169 0.97 1.87 -14.56
C PRO A 169 1.81 1.76 -13.28
N ALA A 170 2.57 2.79 -12.95
CA ALA A 170 3.37 2.77 -11.72
C ALA A 170 2.49 2.76 -10.47
N TYR A 171 1.36 3.48 -10.52
CA TYR A 171 0.44 3.54 -9.39
C TYR A 171 -0.29 2.23 -9.25
N ILE A 172 -0.70 1.67 -10.40
CA ILE A 172 -1.27 0.34 -10.44
C ILE A 172 -0.30 -0.69 -9.84
N TYR A 173 0.98 -0.61 -10.21
CA TYR A 173 1.96 -1.56 -9.69
C TYR A 173 2.20 -1.38 -8.18
N LEU A 174 2.22 -0.13 -7.71
CA LEU A 174 2.36 0.06 -6.25
C LEU A 174 1.14 -0.55 -5.57
N PHE A 175 -0.02 -0.44 -6.19
CA PHE A 175 -1.24 -0.95 -5.58
C PHE A 175 -1.23 -2.50 -5.47
N ILE A 176 -0.89 -3.13 -6.59
CA ILE A 176 -0.72 -4.58 -6.65
C ILE A 176 0.31 -5.05 -5.62
N GLU A 177 1.45 -4.38 -5.58
CA GLU A 177 2.50 -4.65 -4.61
C GLU A 177 2.00 -4.54 -3.17
N ALA A 178 1.12 -3.57 -2.92
CA ALA A 178 0.59 -3.39 -1.58
C ALA A 178 -0.30 -4.60 -1.21
N LEU A 179 -1.08 -5.09 -2.18
CA LEU A 179 -1.97 -6.22 -1.95
C LEU A 179 -1.11 -7.43 -1.61
N ALA A 180 -0.06 -7.65 -2.38
CA ALA A 180 0.84 -8.80 -2.21
C ALA A 180 1.62 -8.77 -0.90
N LYS A 181 2.14 -7.61 -0.54
CA LYS A 181 2.77 -7.39 0.78
C LYS A 181 1.82 -7.68 1.93
N ALA A 182 0.56 -7.29 1.76
CA ALA A 182 -0.47 -7.59 2.75
C ALA A 182 -0.63 -9.12 2.84
N GLY A 183 -0.67 -9.77 1.69
CA GLY A 183 -0.57 -11.24 1.66
C GLY A 183 0.59 -11.81 2.44
N VAL A 184 1.81 -11.29 2.22
CA VAL A 184 3.01 -11.75 2.96
C VAL A 184 2.87 -11.56 4.47
N LYS A 185 2.43 -10.35 4.85
CA LYS A 185 2.22 -10.01 6.26
C LYS A 185 1.32 -11.06 6.93
N ASN A 186 0.33 -11.53 6.18
CA ASN A 186 -0.63 -12.49 6.70
C ASN A 186 -0.39 -13.97 6.27
N GLY A 187 0.83 -14.31 5.88
CA GLY A 187 1.24 -15.72 5.81
C GLY A 187 1.40 -16.35 4.44
N ILE A 188 1.09 -15.61 3.38
CA ILE A 188 1.25 -16.16 2.03
C ILE A 188 2.52 -15.65 1.38
N PRO A 189 3.35 -16.56 0.81
CA PRO A 189 4.61 -16.21 0.14
C PRO A 189 4.42 -15.14 -0.94
N LYS A 190 5.40 -14.24 -1.08
CA LYS A 190 5.32 -13.09 -2.00
C LYS A 190 4.94 -13.45 -3.43
N ALA A 191 5.61 -14.47 -4.01
CA ALA A 191 5.37 -14.89 -5.39
C ALA A 191 3.94 -15.40 -5.59
N LYS A 192 3.45 -16.17 -4.63
CA LYS A 192 2.12 -16.73 -4.68
C LYS A 192 1.05 -15.64 -4.55
N ALA A 193 1.26 -14.72 -3.62
CA ALA A 193 0.30 -13.61 -3.41
C ALA A 193 0.23 -12.73 -4.64
N LEU A 194 1.39 -12.50 -5.26
CA LEU A 194 1.50 -11.69 -6.45
C LEU A 194 0.81 -12.37 -7.65
N GLU A 195 0.97 -13.69 -7.76
CA GLU A 195 0.26 -14.47 -8.77
C GLU A 195 -1.26 -14.32 -8.56
N ILE A 196 -1.73 -14.57 -7.33
CA ILE A 196 -3.17 -14.45 -7.03
C ILE A 196 -3.69 -13.05 -7.41
N VAL A 197 -3.02 -12.02 -6.89
CA VAL A 197 -3.48 -10.64 -7.02
C VAL A 197 -3.45 -10.14 -8.47
N THR A 198 -2.33 -10.40 -9.15
CA THR A 198 -2.18 -9.99 -10.55
C THR A 198 -3.29 -10.60 -11.41
N GLN A 199 -3.54 -11.90 -11.20
CA GLN A 199 -4.58 -12.61 -11.94
C GLN A 199 -5.96 -12.05 -11.57
N THR A 200 -6.16 -11.69 -10.31
CA THR A 200 -7.42 -11.10 -9.90
C THR A 200 -7.61 -9.70 -10.54
N VAL A 201 -6.55 -8.89 -10.57
CA VAL A 201 -6.62 -7.52 -11.17
C VAL A 201 -6.93 -7.64 -12.66
N LEU A 202 -6.16 -8.50 -13.32
CA LEU A 202 -6.38 -8.77 -14.72
C LEU A 202 -7.83 -9.14 -15.01
N ALA A 203 -8.39 -10.11 -14.28
CA ALA A 203 -9.78 -10.57 -14.51
C ALA A 203 -10.82 -9.51 -14.19
N SER A 204 -10.59 -8.79 -13.09
CA SER A 204 -11.54 -7.78 -12.62
C SER A 204 -11.74 -6.71 -13.66
N ALA A 205 -10.64 -6.29 -14.26
CA ALA A 205 -10.68 -5.20 -15.21
C ALA A 205 -11.27 -5.71 -16.55
N SER A 206 -11.02 -6.97 -16.86
CA SER A 206 -11.66 -7.58 -18.03
C SER A 206 -13.19 -7.66 -17.81
N ASN A 207 -13.61 -8.09 -16.63
CA ASN A 207 -15.05 -8.11 -16.29
C ASN A 207 -15.68 -6.72 -16.41
N LEU A 208 -15.04 -5.70 -15.82
CA LEU A 208 -15.52 -4.33 -15.96
C LEU A 208 -15.68 -3.87 -17.41
N LYS A 209 -14.68 -4.16 -18.21
CA LYS A 209 -14.61 -3.71 -19.61
C LYS A 209 -15.73 -4.32 -20.46
N THR A 210 -15.98 -5.60 -20.31
CA THR A 210 -16.97 -6.28 -21.13
C THR A 210 -18.38 -6.09 -20.58
N SER A 211 -18.49 -5.53 -19.37
CA SER A 211 -19.80 -5.41 -18.75
C SER A 211 -20.36 -4.00 -18.94
N SER A 212 -21.67 -3.84 -18.76
CA SER A 212 -22.27 -2.52 -18.82
C SER A 212 -22.36 -1.86 -17.44
N GLN A 213 -22.07 -2.61 -16.39
CA GLN A 213 -22.09 -2.10 -15.01
C GLN A 213 -20.91 -1.18 -14.66
N SER A 214 -21.13 -0.23 -13.75
CA SER A 214 -20.06 0.67 -13.27
C SER A 214 -19.23 -0.02 -12.19
N PRO A 215 -18.04 0.53 -11.86
CA PRO A 215 -17.25 0.02 -10.74
C PRO A 215 -18.08 -0.07 -9.47
N HIS A 216 -18.84 0.97 -9.17
CA HIS A 216 -19.68 1.00 -7.96
C HIS A 216 -20.83 -0.03 -7.99
N ASP A 217 -21.39 -0.29 -9.18
CA ASP A 217 -22.33 -1.42 -9.38
C ASP A 217 -21.69 -2.75 -8.95
N PHE A 218 -20.50 -3.06 -9.47
CA PHE A 218 -19.72 -4.23 -9.08
C PHE A 218 -19.41 -4.24 -7.57
N ILE A 219 -19.01 -3.10 -7.03
CA ILE A 219 -18.80 -3.02 -5.58
C ILE A 219 -20.04 -3.46 -4.83
N ASP A 220 -21.22 -3.00 -5.26
CA ASP A 220 -22.49 -3.41 -4.62
C ASP A 220 -22.74 -4.92 -4.69
N ALA A 221 -22.40 -5.52 -5.82
CA ALA A 221 -22.57 -6.96 -5.99
C ALA A 221 -21.61 -7.74 -5.08
N ILE A 222 -20.40 -7.23 -4.93
CA ILE A 222 -19.35 -7.91 -4.17
C ILE A 222 -19.51 -7.78 -2.62
N CYS A 223 -20.07 -6.66 -2.15
CA CYS A 223 -20.19 -6.43 -0.72
C CYS A 223 -21.39 -7.15 -0.07
N SER A 224 -21.22 -8.40 0.34
CA SER A 224 -22.27 -9.14 1.05
C SER A 224 -22.60 -8.41 2.36
N PRO A 225 -23.89 -8.31 2.71
CA PRO A 225 -24.30 -7.63 3.95
C PRO A 225 -23.66 -8.31 5.17
N GLY A 226 -23.05 -7.52 6.05
CA GLY A 226 -22.33 -8.04 7.22
C GLY A 226 -21.07 -8.84 6.88
N GLY A 227 -20.54 -8.69 5.65
CA GLY A 227 -19.42 -9.51 5.20
C GLY A 227 -18.03 -8.92 5.37
N THR A 228 -17.05 -9.59 4.76
CA THR A 228 -15.64 -9.22 4.89
C THR A 228 -15.31 -8.03 4.01
N THR A 229 -15.78 -8.06 2.77
CA THR A 229 -15.45 -7.03 1.78
C THR A 229 -15.90 -5.64 2.19
N ILE A 230 -17.10 -5.50 2.75
CA ILE A 230 -17.60 -4.21 3.19
C ILE A 230 -16.81 -3.69 4.40
N ALA A 231 -16.30 -4.61 5.23
CA ALA A 231 -15.39 -4.24 6.32
C ALA A 231 -14.08 -3.67 5.76
N GLY A 232 -13.51 -4.33 4.76
CA GLY A 232 -12.30 -3.80 4.14
C GLY A 232 -12.55 -2.52 3.38
N LEU A 233 -13.71 -2.42 2.72
CA LEU A 233 -14.04 -1.23 1.90
C LEU A 233 -14.15 0.01 2.78
N MSE A 234 -14.78 -0.13 3.94
CA MSE A 234 -14.94 1.01 4.86
C MSE A 234 -13.62 1.39 5.55
O MSE A 234 -13.46 2.52 6.02
CB MSE A 234 -16.06 0.76 5.89
CG MSE A 234 -17.48 0.67 5.26
SE MSE A 234 -17.99 2.16 4.32
CE MSE A 234 -17.87 1.53 2.73
N GLU A 235 -12.68 0.45 5.61
CA GLU A 235 -11.31 0.80 6.04
C GLU A 235 -10.62 1.66 4.97
N LEU A 236 -10.78 1.30 3.70
CA LEU A 236 -10.26 2.09 2.57
C LEU A 236 -10.82 3.51 2.59
N GLU A 237 -12.10 3.64 2.91
CA GLU A 237 -12.75 4.93 3.07
C GLU A 237 -12.23 5.65 4.29
N ARG A 238 -12.06 4.95 5.39
CA ARG A 238 -11.49 5.56 6.59
C ARG A 238 -10.14 6.21 6.31
N LEU A 239 -9.28 5.51 5.57
CA LEU A 239 -7.87 5.94 5.38
C LEU A 239 -7.66 6.71 4.08
N GLY A 240 -8.72 6.82 3.29
CA GLY A 240 -8.75 7.79 2.21
C GLY A 240 -8.21 7.30 0.88
N LEU A 241 -8.42 6.02 0.57
CA LEU A 241 -7.92 5.50 -0.72
C LEU A 241 -8.21 6.46 -1.88
N THR A 242 -9.48 6.86 -2.04
CA THR A 242 -9.88 7.68 -3.18
C THR A 242 -9.19 9.03 -3.20
N ALA A 243 -9.20 9.74 -2.06
CA ALA A 243 -8.50 11.02 -1.92
C ALA A 243 -7.03 10.89 -2.26
N THR A 244 -6.42 9.78 -1.84
CA THR A 244 -4.99 9.58 -2.01
C THR A 244 -4.60 9.42 -3.49
N VAL A 245 -5.36 8.61 -4.21
CA VAL A 245 -5.16 8.43 -5.66
C VAL A 245 -5.34 9.75 -6.41
N SER A 246 -6.40 10.47 -6.06
CA SER A 246 -6.75 11.74 -6.70
C SER A 246 -5.68 12.81 -6.47
N SER A 247 -5.22 12.92 -5.23
CA SER A 247 -4.11 13.82 -4.89
C SER A 247 -2.80 13.42 -5.61
N ALA A 248 -2.53 12.13 -5.74
CA ALA A 248 -1.38 11.68 -6.55
C ALA A 248 -1.52 12.09 -8.02
N ILE A 249 -2.72 11.97 -8.56
CA ILE A 249 -2.96 12.39 -9.94
C ILE A 249 -2.78 13.91 -10.08
N ASP A 250 -3.35 14.68 -9.14
CA ASP A 250 -3.14 16.12 -9.13
C ASP A 250 -1.65 16.48 -9.12
N LYS A 251 -0.86 15.76 -8.31
CA LYS A 251 0.58 16.03 -8.25
C LYS A 251 1.28 15.71 -9.53
N THR A 252 0.86 14.62 -10.17
CA THR A 252 1.41 14.21 -11.47
C THR A 252 1.19 15.32 -12.50
N ILE A 253 -0.02 15.86 -12.48
CA ILE A 253 -0.47 16.91 -13.42
C ILE A 253 0.26 18.23 -13.13
N ASP A 254 0.34 18.62 -11.85
CA ASP A 254 1.18 19.77 -11.43
C ASP A 254 2.62 19.70 -11.96
N LYS A 255 3.21 18.50 -11.93
CA LYS A 255 4.60 18.33 -12.39
C LYS A 255 4.68 18.45 -13.89
N ALA A 256 3.74 17.79 -14.59
CA ALA A 256 3.62 17.97 -16.04
C ALA A 256 3.54 19.45 -16.39
N LYS A 257 2.60 20.18 -15.75
CA LYS A 257 2.48 21.60 -15.96
C LYS A 257 3.79 22.33 -15.78
N SER A 258 4.55 22.05 -14.72
CA SER A 258 5.76 22.84 -14.47
C SER A 258 6.92 22.48 -15.39
N LEU A 259 6.91 21.27 -15.96
CA LEU A 259 7.92 20.92 -16.95
C LEU A 259 7.81 21.82 -18.18
N ALA B 3 54.04 18.63 -9.18
CA ALA B 3 53.84 18.87 -7.72
C ALA B 3 53.67 20.36 -7.47
N MSE B 4 52.43 20.79 -7.26
CA MSE B 4 52.11 22.21 -7.14
C MSE B 4 51.99 22.67 -5.69
O MSE B 4 52.14 21.88 -4.77
CB MSE B 4 50.85 22.54 -7.95
CG MSE B 4 49.54 21.99 -7.41
SE MSE B 4 48.20 22.09 -8.63
CE MSE B 4 48.47 20.58 -9.55
N LYS B 5 51.73 23.96 -5.50
CA LYS B 5 51.47 24.53 -4.18
C LYS B 5 49.98 24.82 -4.06
N ILE B 6 49.30 24.11 -3.16
CA ILE B 6 47.88 24.31 -2.94
C ILE B 6 47.66 25.14 -1.69
N GLY B 7 46.93 26.25 -1.85
CA GLY B 7 46.53 27.10 -0.72
C GLY B 7 45.09 26.87 -0.33
N ILE B 8 44.81 26.92 0.96
CA ILE B 8 43.45 26.70 1.43
C ILE B 8 42.97 27.88 2.25
N ILE B 9 41.96 28.57 1.73
CA ILE B 9 41.37 29.71 2.42
C ILE B 9 40.14 29.25 3.19
N GLY B 10 40.23 29.29 4.52
CA GLY B 10 39.15 28.82 5.40
C GLY B 10 39.33 27.35 5.75
N VAL B 11 39.59 27.06 7.02
CA VAL B 11 39.81 25.68 7.43
C VAL B 11 38.89 25.32 8.59
N GLY B 12 37.78 24.67 8.26
CA GLY B 12 36.84 24.20 9.26
C GLY B 12 36.82 22.70 9.25
N LYS B 13 35.66 22.13 9.56
CA LYS B 13 35.49 20.69 9.67
C LYS B 13 35.81 19.96 8.36
N MSE B 14 35.16 20.40 7.29
CA MSE B 14 35.27 19.76 5.97
C MSE B 14 36.66 19.93 5.35
O MSE B 14 37.27 18.95 4.90
CB MSE B 14 34.16 20.30 5.06
CG MSE B 14 33.81 19.43 3.83
SE MSE B 14 33.34 17.72 4.17
CE MSE B 14 34.87 16.97 3.62
N ALA B 15 37.17 21.17 5.36
CA ALA B 15 38.52 21.44 4.86
C ALA B 15 39.61 20.67 5.64
N SER B 16 39.48 20.55 6.96
CA SER B 16 40.42 19.74 7.76
C SER B 16 40.38 18.28 7.33
N ALA B 17 39.17 17.74 7.17
CA ALA B 17 39.00 16.36 6.75
C ALA B 17 39.73 16.03 5.44
N ILE B 18 39.60 16.87 4.41
CA ILE B 18 40.23 16.57 3.13
C ILE B 18 41.77 16.78 3.13
N ILE B 19 42.24 17.60 4.06
CA ILE B 19 43.69 17.84 4.26
C ILE B 19 44.43 16.56 4.63
N LYS B 20 43.78 15.66 5.37
CA LYS B 20 44.33 14.33 5.65
C LYS B 20 44.71 13.61 4.36
N GLY B 21 43.84 13.67 3.34
CA GLY B 21 44.08 13.02 2.06
C GLY B 21 45.06 13.79 1.21
N LEU B 22 44.97 15.13 1.24
CA LEU B 22 45.90 15.97 0.51
C LEU B 22 47.33 15.78 1.01
N LYS B 23 47.49 15.57 2.31
CA LYS B 23 48.80 15.31 2.91
C LYS B 23 49.49 14.08 2.32
N GLN B 24 48.71 13.17 1.72
CA GLN B 24 49.26 11.95 1.12
C GLN B 24 49.58 12.13 -0.36
N THR B 25 49.30 13.32 -0.90
CA THR B 25 49.68 13.69 -2.26
C THR B 25 51.09 14.29 -2.24
N PRO B 26 51.77 14.33 -3.40
CA PRO B 26 53.12 14.92 -3.40
C PRO B 26 53.11 16.46 -3.21
N HIS B 27 51.96 17.09 -3.32
CA HIS B 27 51.87 18.55 -3.36
C HIS B 27 52.14 19.21 -2.02
N GLU B 28 52.25 20.54 -2.06
CA GLU B 28 52.61 21.35 -0.92
C GLU B 28 51.43 22.21 -0.48
N LEU B 29 51.09 22.18 0.81
CA LEU B 29 49.86 22.80 1.29
C LEU B 29 50.09 23.97 2.24
N ILE B 30 49.51 25.12 1.92
CA ILE B 30 49.59 26.28 2.79
C ILE B 30 48.17 26.76 3.13
N ILE B 31 47.94 27.14 4.38
CA ILE B 31 46.59 27.53 4.81
C ILE B 31 46.45 29.02 5.21
N SER B 32 45.21 29.49 5.32
CA SER B 32 44.90 30.82 5.84
C SER B 32 43.51 30.85 6.43
N GLY B 33 43.42 31.20 7.71
CA GLY B 33 42.14 31.19 8.44
C GLY B 33 41.50 32.55 8.55
N SER B 34 40.55 32.70 9.48
CA SER B 34 39.74 33.92 9.60
C SER B 34 40.51 35.13 10.15
N SER B 35 41.41 34.87 11.09
CA SER B 35 42.36 35.88 11.57
C SER B 35 43.74 35.26 11.63
N LEU B 36 44.78 36.09 11.44
CA LEU B 36 46.17 35.64 11.53
C LEU B 36 46.40 34.77 12.77
N GLU B 37 45.73 35.14 13.85
CA GLU B 37 45.74 34.38 15.11
C GLU B 37 45.23 32.96 14.87
N ARG B 38 44.04 32.84 14.27
CA ARG B 38 43.45 31.54 13.96
C ARG B 38 44.28 30.77 12.95
N SER B 39 44.94 31.47 12.04
CA SER B 39 45.86 30.84 11.08
C SER B 39 46.99 30.09 11.79
N LYS B 40 47.54 30.72 12.83
CA LYS B 40 48.63 30.14 13.62
C LYS B 40 48.20 28.89 14.36
N GLU B 41 47.05 28.97 15.05
CA GLU B 41 46.48 27.84 15.76
C GLU B 41 46.21 26.66 14.83
N ILE B 42 45.80 26.94 13.60
CA ILE B 42 45.47 25.89 12.62
C ILE B 42 46.73 25.24 12.05
N ALA B 43 47.70 26.07 11.64
CA ALA B 43 48.99 25.59 11.17
C ALA B 43 49.64 24.67 12.22
N GLU B 44 49.44 25.02 13.50
CA GLU B 44 49.92 24.25 14.64
C GLU B 44 49.19 22.90 14.76
N GLN B 45 47.86 22.96 14.86
CA GLN B 45 47.02 21.76 14.91
C GLN B 45 47.33 20.80 13.76
N LEU B 46 47.58 21.35 12.57
CA LEU B 46 47.68 20.56 11.34
C LEU B 46 49.12 20.24 10.91
N ALA B 47 50.09 20.86 11.56
CA ALA B 47 51.51 20.77 11.16
C ALA B 47 51.73 21.19 9.70
N LEU B 48 51.22 22.37 9.34
CA LEU B 48 51.33 22.87 7.98
C LEU B 48 51.75 24.32 8.02
N PRO B 49 52.41 24.79 6.93
CA PRO B 49 52.73 26.21 6.72
C PRO B 49 51.47 27.08 6.67
N TYR B 50 51.58 28.32 7.15
CA TYR B 50 50.53 29.33 6.98
C TYR B 50 51.05 30.59 6.30
N ALA B 51 50.11 31.40 5.80
CA ALA B 51 50.40 32.66 5.14
C ALA B 51 49.83 33.86 5.91
N MSE B 52 50.41 35.04 5.69
CA MSE B 52 50.10 36.25 6.48
C MSE B 52 48.73 36.83 6.19
O MSE B 52 48.11 37.48 7.06
CB MSE B 52 51.18 37.32 6.25
CG MSE B 52 52.60 36.96 6.76
SE MSE B 52 52.73 36.25 8.43
CE MSE B 52 53.12 34.54 8.05
N SER B 53 48.25 36.62 4.97
CA SER B 53 46.92 37.07 4.55
C SER B 53 46.43 36.20 3.41
N HIS B 54 45.16 36.34 3.05
CA HIS B 54 44.61 35.63 1.90
C HIS B 54 45.37 36.02 0.64
N GLN B 55 45.58 37.33 0.47
CA GLN B 55 46.29 37.83 -0.70
C GLN B 55 47.72 37.28 -0.77
N ASP B 56 48.42 37.32 0.37
CA ASP B 56 49.77 36.75 0.45
C ASP B 56 49.75 35.28 0.02
N LEU B 57 48.80 34.51 0.56
CA LEU B 57 48.57 33.12 0.13
C LEU B 57 48.33 32.99 -1.39
N ILE B 58 47.38 33.76 -1.91
CA ILE B 58 47.10 33.76 -3.35
C ILE B 58 48.39 34.02 -4.15
N ASP B 59 49.23 34.90 -3.64
CA ASP B 59 50.49 35.23 -4.32
C ASP B 59 51.48 34.06 -4.47
N GLN B 60 51.42 33.08 -3.55
CA GLN B 60 52.37 31.94 -3.52
C GLN B 60 51.89 30.63 -4.15
N VAL B 61 50.56 30.47 -4.28
CA VAL B 61 50.01 29.15 -4.58
C VAL B 61 49.65 28.97 -6.06
N ASP B 62 49.72 27.72 -6.52
CA ASP B 62 49.35 27.36 -7.89
C ASP B 62 47.85 27.08 -8.04
N LEU B 63 47.21 26.73 -6.93
CA LEU B 63 45.79 26.35 -6.92
C LEU B 63 45.21 26.76 -5.58
N VAL B 64 43.97 27.24 -5.58
CA VAL B 64 43.31 27.65 -4.34
C VAL B 64 42.09 26.75 -4.06
N ILE B 65 42.00 26.23 -2.84
CA ILE B 65 40.80 25.54 -2.38
C ILE B 65 40.10 26.43 -1.37
N LEU B 66 38.80 26.65 -1.56
CA LEU B 66 38.02 27.47 -0.63
C LEU B 66 37.25 26.61 0.37
N GLY B 67 37.44 26.90 1.67
CA GLY B 67 36.86 26.11 2.75
C GLY B 67 35.86 26.87 3.62
N ILE B 68 35.55 28.11 3.21
CA ILE B 68 34.60 28.97 3.93
C ILE B 68 33.14 28.59 3.63
N LYS B 69 32.23 28.92 4.54
CA LYS B 69 30.80 28.67 4.30
C LYS B 69 30.24 29.58 3.18
N PRO B 70 29.24 29.08 2.42
CA PRO B 70 28.72 29.85 1.26
C PRO B 70 28.29 31.28 1.60
N GLN B 71 27.66 31.46 2.76
CA GLN B 71 27.19 32.79 3.22
C GLN B 71 28.29 33.86 3.25
N LEU B 72 29.55 33.44 3.30
CA LEU B 72 30.69 34.34 3.42
C LEU B 72 31.41 34.62 2.11
N PHE B 73 31.07 33.88 1.06
CA PHE B 73 31.74 33.99 -0.24
C PHE B 73 31.90 35.44 -0.70
N GLU B 74 30.81 36.20 -0.65
CA GLU B 74 30.79 37.59 -1.10
C GLU B 74 31.75 38.51 -0.32
N THR B 75 31.58 38.56 1.00
CA THR B 75 32.37 39.48 1.84
C THR B 75 33.84 39.06 2.05
N VAL B 76 34.22 37.87 1.58
CA VAL B 76 35.62 37.39 1.68
C VAL B 76 36.37 37.46 0.35
N LEU B 77 35.71 37.10 -0.74
CA LEU B 77 36.40 36.91 -2.02
C LEU B 77 36.54 38.17 -2.90
N LYS B 78 35.55 39.06 -2.86
CA LYS B 78 35.54 40.24 -3.74
C LYS B 78 36.73 41.20 -3.55
N PRO B 79 37.12 41.49 -2.28
CA PRO B 79 38.32 42.29 -2.00
C PRO B 79 39.64 41.69 -2.49
N LEU B 80 39.67 40.37 -2.73
CA LEU B 80 40.93 39.68 -3.08
C LEU B 80 41.18 39.68 -4.59
N HIS B 81 42.40 39.36 -5.00
CA HIS B 81 42.75 39.36 -6.43
C HIS B 81 43.39 38.02 -6.81
N PHE B 82 42.57 37.13 -7.37
CA PHE B 82 42.98 35.74 -7.63
C PHE B 82 43.75 35.58 -8.93
N LYS B 83 44.68 34.63 -8.95
CA LYS B 83 45.69 34.51 -10.01
C LYS B 83 45.91 33.06 -10.49
N GLN B 84 45.00 32.17 -10.12
CA GLN B 84 45.13 30.73 -10.38
C GLN B 84 43.76 30.07 -10.32
N PRO B 85 43.65 28.81 -10.82
CA PRO B 85 42.38 28.10 -10.73
C PRO B 85 41.89 27.97 -9.30
N ILE B 86 40.58 27.94 -9.12
CA ILE B 86 39.98 27.85 -7.79
C ILE B 86 39.00 26.68 -7.69
N ILE B 87 39.10 25.96 -6.57
CA ILE B 87 38.13 24.91 -6.20
C ILE B 87 37.26 25.38 -5.04
N SER B 88 35.96 25.39 -5.29
CA SER B 88 34.98 25.67 -4.25
C SER B 88 34.36 24.35 -3.76
N MSE B 89 34.22 24.19 -2.44
CA MSE B 89 33.45 23.03 -1.89
C MSE B 89 32.09 23.43 -1.35
O MSE B 89 31.40 22.61 -0.75
CB MSE B 89 34.26 22.25 -0.83
CG MSE B 89 34.43 22.92 0.54
SE MSE B 89 35.50 22.04 1.73
CE MSE B 89 37.01 21.99 0.78
N ALA B 90 31.69 24.69 -1.57
CA ALA B 90 30.48 25.25 -1.01
C ALA B 90 29.20 24.72 -1.65
N ALA B 91 28.23 24.42 -0.80
CA ALA B 91 26.88 24.05 -1.21
C ALA B 91 26.17 25.26 -1.79
N GLY B 92 25.45 25.02 -2.89
CA GLY B 92 24.52 25.97 -3.47
C GLY B 92 25.07 27.19 -4.20
N ILE B 93 26.39 27.26 -4.39
CA ILE B 93 26.97 28.40 -5.12
C ILE B 93 27.50 27.94 -6.45
N SER B 94 26.86 28.44 -7.50
CA SER B 94 27.17 28.00 -8.86
C SER B 94 28.52 28.55 -9.32
N LEU B 95 29.09 27.90 -10.33
CA LEU B 95 30.32 28.35 -10.96
C LEU B 95 30.17 29.68 -11.68
N GLN B 96 28.96 29.97 -12.16
CA GLN B 96 28.67 31.26 -12.81
C GLN B 96 28.76 32.33 -11.72
N ARG B 97 28.06 32.09 -10.63
CA ARG B 97 28.06 32.99 -9.48
C ARG B 97 29.43 33.19 -8.87
N LEU B 98 30.24 32.13 -8.84
CA LEU B 98 31.60 32.24 -8.28
C LEU B 98 32.47 33.15 -9.14
N ALA B 99 32.31 33.03 -10.46
CA ALA B 99 33.02 33.86 -11.43
C ALA B 99 32.78 35.33 -11.21
N THR B 100 31.58 35.70 -10.78
CA THR B 100 31.27 37.10 -10.47
C THR B 100 31.91 37.58 -9.15
N PHE B 101 32.29 36.65 -8.26
CA PHE B 101 33.03 37.05 -7.06
C PHE B 101 34.53 37.14 -7.30
N VAL B 102 35.04 36.34 -8.22
CA VAL B 102 36.50 36.18 -8.37
C VAL B 102 37.08 36.56 -9.73
N GLY B 103 36.28 36.53 -10.80
CA GLY B 103 36.76 36.85 -12.14
C GLY B 103 36.27 35.91 -13.23
N GLN B 104 36.14 36.45 -14.43
CA GLN B 104 35.65 35.68 -15.57
C GLN B 104 36.78 35.04 -16.36
N ASP B 105 38.01 35.24 -15.91
CA ASP B 105 39.18 34.75 -16.64
C ASP B 105 39.84 33.52 -15.99
N LEU B 106 39.24 33.00 -14.93
CA LEU B 106 39.83 31.89 -14.15
C LEU B 106 39.13 30.55 -14.39
N PRO B 107 39.91 29.46 -14.58
CA PRO B 107 39.30 28.13 -14.53
C PRO B 107 38.79 27.90 -13.11
N LEU B 108 37.52 27.48 -12.99
CA LEU B 108 36.86 27.29 -11.70
C LEU B 108 36.25 25.92 -11.62
N LEU B 109 36.46 25.26 -10.48
CA LEU B 109 35.90 23.93 -10.23
C LEU B 109 35.05 23.89 -8.99
N ARG B 110 34.07 22.99 -9.00
CA ARG B 110 33.27 22.69 -7.82
C ARG B 110 33.43 21.25 -7.38
N ILE B 111 33.64 21.06 -6.08
CA ILE B 111 33.52 19.74 -5.48
C ILE B 111 32.39 19.69 -4.43
N MSE B 112 31.82 18.50 -4.25
CA MSE B 112 30.90 18.26 -3.14
C MSE B 112 31.34 16.98 -2.43
O MSE B 112 30.98 15.89 -2.86
CB MSE B 112 29.44 18.15 -3.60
CG MSE B 112 28.38 17.99 -2.44
SE MSE B 112 28.66 19.02 -0.97
CE MSE B 112 28.55 20.63 -1.68
N PRO B 113 32.16 17.14 -1.38
CA PRO B 113 32.66 16.03 -0.57
C PRO B 113 31.73 15.75 0.61
N ASN B 114 32.08 14.76 1.42
CA ASN B 114 31.39 14.58 2.69
C ASN B 114 32.39 14.22 3.77
N MSE B 115 31.91 14.16 5.01
CA MSE B 115 32.78 14.00 6.16
C MSE B 115 33.53 12.68 6.17
O MSE B 115 34.47 12.53 6.94
CB MSE B 115 31.99 14.22 7.45
CG MSE B 115 32.86 14.42 8.68
SE MSE B 115 33.53 16.05 9.04
CE MSE B 115 33.84 16.85 7.50
N ASN B 116 33.12 11.73 5.33
CA ASN B 116 33.86 10.47 5.23
C ASN B 116 35.25 10.63 4.59
N ALA B 117 35.56 11.86 4.18
CA ALA B 117 36.93 12.22 3.80
C ALA B 117 37.90 11.94 4.96
N GLN B 118 37.37 11.99 6.19
CA GLN B 118 38.15 11.70 7.41
C GLN B 118 38.79 10.33 7.38
N ILE B 119 38.17 9.39 6.67
CA ILE B 119 38.74 8.07 6.54
C ILE B 119 39.05 7.79 5.07
N LEU B 120 39.17 8.86 4.29
CA LEU B 120 39.52 8.78 2.87
C LEU B 120 38.49 7.99 2.06
N GLN B 121 37.21 8.16 2.42
CA GLN B 121 36.08 7.51 1.74
C GLN B 121 34.88 8.44 1.44
N SER B 122 35.17 9.71 1.19
CA SER B 122 34.21 10.66 0.65
C SER B 122 33.63 10.17 -0.68
N SER B 123 32.38 10.56 -0.94
CA SER B 123 31.77 10.35 -2.24
C SER B 123 31.68 11.76 -2.79
N THR B 124 32.60 12.12 -3.68
CA THR B 124 32.82 13.52 -4.05
C THR B 124 32.42 13.78 -5.51
N ALA B 125 31.51 14.74 -5.68
CA ALA B 125 31.13 15.22 -7.01
C ALA B 125 32.19 16.20 -7.50
N LEU B 126 32.47 16.18 -8.80
CA LEU B 126 33.45 17.09 -9.40
C LEU B 126 32.94 17.68 -10.70
N THR B 127 33.01 19.00 -10.81
CA THR B 127 32.68 19.65 -12.08
C THR B 127 33.51 20.92 -12.29
N GLY B 128 33.65 21.34 -13.54
CA GLY B 128 34.44 22.53 -13.88
C GLY B 128 33.79 23.43 -14.92
N ASN B 129 34.11 24.72 -14.88
CA ASN B 129 33.57 25.65 -15.89
C ASN B 129 34.23 25.50 -17.27
N ALA B 130 33.82 26.34 -18.22
CA ALA B 130 34.28 26.20 -19.62
C ALA B 130 35.79 26.37 -19.78
N LEU B 131 36.40 27.08 -18.83
CA LEU B 131 37.83 27.38 -18.85
C LEU B 131 38.70 26.25 -18.31
N VAL B 132 38.07 25.29 -17.63
CA VAL B 132 38.80 24.16 -17.08
C VAL B 132 39.24 23.20 -18.19
N SER B 133 40.56 23.08 -18.31
CA SER B 133 41.18 22.11 -19.21
C SER B 133 40.94 20.67 -18.75
N GLN B 134 40.76 19.79 -19.73
CA GLN B 134 40.60 18.35 -19.52
C GLN B 134 41.74 17.76 -18.67
N GLU B 135 42.91 18.41 -18.71
CA GLU B 135 44.05 17.99 -17.90
C GLU B 135 44.02 18.59 -16.49
N LEU B 136 43.41 19.76 -16.35
CA LEU B 136 43.25 20.37 -15.04
C LEU B 136 42.20 19.61 -14.22
N GLN B 137 41.17 19.10 -14.92
CA GLN B 137 40.15 18.28 -14.28
C GLN B 137 40.73 16.95 -13.78
N ALA B 138 41.57 16.33 -14.60
CA ALA B 138 42.22 15.06 -14.25
C ALA B 138 43.15 15.23 -13.05
N ARG B 139 43.80 16.39 -12.98
CA ARG B 139 44.68 16.75 -11.87
C ARG B 139 43.89 16.97 -10.58
N VAL B 140 42.72 17.61 -10.70
CA VAL B 140 41.84 17.82 -9.55
C VAL B 140 41.20 16.49 -9.11
N ARG B 141 40.89 15.62 -10.07
CA ARG B 141 40.38 14.30 -9.77
C ARG B 141 41.41 13.47 -9.00
N ASP B 142 42.69 13.76 -9.22
CA ASP B 142 43.75 13.11 -8.45
C ASP B 142 43.66 13.55 -7.01
N LEU B 143 43.40 14.83 -6.81
CA LEU B 143 43.22 15.40 -5.48
C LEU B 143 42.01 14.81 -4.75
N THR B 144 40.87 14.71 -5.43
CA THR B 144 39.65 14.25 -4.78
C THR B 144 39.75 12.76 -4.53
N ASP B 145 40.39 12.03 -5.43
CA ASP B 145 40.66 10.60 -5.22
C ASP B 145 41.55 10.34 -4.03
N SER B 146 42.28 11.34 -3.55
CA SER B 146 43.12 11.15 -2.37
C SER B 146 42.32 10.98 -1.07
N PHE B 147 41.06 11.45 -1.06
CA PHE B 147 40.24 11.34 0.14
C PHE B 147 38.89 10.64 -0.10
N GLY B 148 38.79 9.92 -1.20
CA GLY B 148 37.63 9.07 -1.43
C GLY B 148 37.49 8.68 -2.89
N SER B 149 36.26 8.57 -3.36
CA SER B 149 35.98 8.37 -4.77
C SER B 149 35.43 9.67 -5.36
N THR B 150 35.38 9.72 -6.69
CA THR B 150 35.01 10.92 -7.41
C THR B 150 33.97 10.61 -8.47
N PHE B 151 32.91 11.41 -8.47
CA PHE B 151 31.83 11.28 -9.43
C PHE B 151 31.85 12.46 -10.39
N ASP B 152 31.78 12.17 -11.70
CA ASP B 152 31.63 13.20 -12.71
C ASP B 152 30.17 13.56 -12.81
N ILE B 153 29.80 14.69 -12.20
CA ILE B 153 28.40 15.10 -12.09
C ILE B 153 28.22 16.45 -12.79
N SER B 154 27.23 16.57 -13.69
CA SER B 154 26.86 17.89 -14.23
C SER B 154 26.49 18.85 -13.08
N GLU B 155 26.79 20.13 -13.25
CA GLU B 155 26.48 21.14 -12.22
C GLU B 155 24.99 21.27 -11.92
N LYS B 156 24.15 21.09 -12.92
CA LYS B 156 22.71 21.10 -12.72
C LYS B 156 22.25 20.05 -11.68
N ASP B 157 23.09 19.05 -11.41
CA ASP B 157 22.78 17.94 -10.49
C ASP B 157 23.49 18.09 -9.14
N PHE B 158 24.20 19.20 -8.92
CA PHE B 158 24.99 19.42 -7.71
C PHE B 158 24.19 19.56 -6.43
N ASP B 159 23.05 20.24 -6.49
CA ASP B 159 22.15 20.39 -5.34
C ASP B 159 21.57 19.03 -4.89
N THR B 160 21.12 18.21 -5.83
CA THR B 160 20.68 16.83 -5.52
C THR B 160 21.84 15.97 -4.95
N PHE B 161 23.02 16.06 -5.57
CA PHE B 161 24.20 15.37 -5.06
C PHE B 161 24.56 15.85 -3.64
N THR B 162 24.48 17.17 -3.42
CA THR B 162 24.72 17.71 -2.06
C THR B 162 23.86 16.95 -1.04
N ALA B 163 22.60 16.71 -1.38
CA ALA B 163 21.65 16.03 -0.50
C ALA B 163 21.93 14.55 -0.39
N LEU B 164 22.14 13.88 -1.51
CA LEU B 164 22.35 12.43 -1.48
C LEU B 164 23.67 12.00 -0.86
N ALA B 165 24.69 12.87 -0.89
CA ALA B 165 26.05 12.45 -0.51
C ALA B 165 26.69 13.32 0.57
N GLY B 166 26.50 14.62 0.46
CA GLY B 166 27.11 15.56 1.40
C GLY B 166 26.36 15.59 2.70
N SER B 167 25.03 15.71 2.61
CA SER B 167 24.17 15.83 3.76
C SER B 167 23.72 14.49 4.35
N SER B 168 23.57 13.48 3.50
CA SER B 168 23.02 12.21 3.93
C SER B 168 23.79 11.47 5.04
N PRO B 169 25.13 11.65 5.17
CA PRO B 169 25.74 10.99 6.34
C PRO B 169 25.03 11.32 7.65
N ALA B 170 24.57 12.55 7.80
CA ALA B 170 23.85 12.97 9.01
C ALA B 170 22.54 12.20 9.14
N TYR B 171 21.88 11.93 8.00
CA TYR B 171 20.57 11.25 8.02
C TYR B 171 20.75 9.77 8.30
N ILE B 172 21.82 9.18 7.74
CA ILE B 172 22.23 7.84 8.06
C ILE B 172 22.51 7.68 9.58
N TYR B 173 23.23 8.63 10.19
CA TYR B 173 23.52 8.58 11.62
C TYR B 173 22.25 8.72 12.50
N LEU B 174 21.34 9.62 12.14
CA LEU B 174 20.04 9.69 12.87
C LEU B 174 19.23 8.37 12.79
N PHE B 175 19.24 7.76 11.62
CA PHE B 175 18.60 6.47 11.41
C PHE B 175 19.26 5.39 12.31
N ILE B 176 20.59 5.29 12.25
CA ILE B 176 21.34 4.38 13.13
C ILE B 176 21.09 4.68 14.61
N GLU B 177 21.09 5.95 14.99
CA GLU B 177 20.82 6.29 16.38
C GLU B 177 19.41 5.83 16.81
N ALA B 178 18.45 5.93 15.88
CA ALA B 178 17.04 5.56 16.16
C ALA B 178 16.93 4.07 16.41
N LEU B 179 17.61 3.28 15.60
CA LEU B 179 17.63 1.84 15.76
C LEU B 179 18.26 1.48 17.12
N ALA B 180 19.35 2.16 17.46
CA ALA B 180 20.05 1.85 18.72
C ALA B 180 19.21 2.24 19.94
N LYS B 181 18.58 3.41 19.86
CA LYS B 181 17.71 3.85 20.94
C LYS B 181 16.56 2.86 21.13
N ALA B 182 16.04 2.31 20.03
CA ALA B 182 14.97 1.32 20.11
C ALA B 182 15.48 0.07 20.84
N GLY B 183 16.73 -0.33 20.55
CA GLY B 183 17.43 -1.37 21.31
C GLY B 183 17.51 -1.07 22.81
N VAL B 184 17.91 0.14 23.19
CA VAL B 184 17.91 0.56 24.59
C VAL B 184 16.52 0.42 25.18
N LYS B 185 15.52 0.99 24.52
CA LYS B 185 14.15 0.91 24.99
C LYS B 185 13.77 -0.54 25.30
N ASN B 186 14.20 -1.46 24.45
CA ASN B 186 13.85 -2.87 24.57
C ASN B 186 14.92 -3.73 25.25
N GLY B 187 15.76 -3.13 26.10
CA GLY B 187 16.62 -3.90 26.99
C GLY B 187 18.11 -4.06 26.67
N ILE B 188 18.55 -3.57 25.51
CA ILE B 188 19.98 -3.70 25.16
C ILE B 188 20.81 -2.43 25.37
N PRO B 189 21.96 -2.53 26.07
CA PRO B 189 22.79 -1.33 26.29
C PRO B 189 23.12 -0.57 24.99
N LYS B 190 23.10 0.75 25.09
CA LYS B 190 23.37 1.64 23.94
C LYS B 190 24.64 1.29 23.12
N ALA B 191 25.79 1.13 23.79
CA ALA B 191 27.04 0.72 23.12
C ALA B 191 26.92 -0.60 22.35
N LYS B 192 26.30 -1.60 22.98
CA LYS B 192 26.11 -2.89 22.36
C LYS B 192 25.12 -2.84 21.20
N ALA B 193 23.99 -2.17 21.41
CA ALA B 193 23.01 -1.95 20.35
C ALA B 193 23.63 -1.23 19.16
N LEU B 194 24.46 -0.23 19.45
CA LEU B 194 25.11 0.57 18.40
C LEU B 194 26.14 -0.28 17.62
N GLU B 195 26.77 -1.22 18.34
CA GLU B 195 27.76 -2.11 17.72
C GLU B 195 27.07 -3.02 16.71
N ILE B 196 25.96 -3.64 17.11
CA ILE B 196 25.20 -4.58 16.29
C ILE B 196 24.60 -3.90 15.03
N VAL B 197 23.98 -2.74 15.23
CA VAL B 197 23.34 -2.06 14.09
C VAL B 197 24.36 -1.51 13.10
N THR B 198 25.39 -0.86 13.61
CA THR B 198 26.47 -0.33 12.75
C THR B 198 27.07 -1.46 11.91
N GLN B 199 27.30 -2.62 12.53
CA GLN B 199 27.87 -3.75 11.83
C GLN B 199 26.88 -4.26 10.80
N THR B 200 25.60 -4.27 11.14
CA THR B 200 24.58 -4.73 10.21
C THR B 200 24.35 -3.75 9.05
N VAL B 201 24.39 -2.45 9.33
CA VAL B 201 24.34 -1.43 8.27
C VAL B 201 25.52 -1.62 7.31
N LEU B 202 26.73 -1.69 7.85
CA LEU B 202 27.92 -1.97 7.02
C LEU B 202 27.75 -3.16 6.09
N ALA B 203 27.36 -4.30 6.67
CA ALA B 203 27.28 -5.55 5.91
C ALA B 203 26.18 -5.53 4.87
N SER B 204 25.07 -4.88 5.23
CA SER B 204 23.88 -4.77 4.37
C SER B 204 24.20 -3.91 3.14
N ALA B 205 24.81 -2.75 3.37
CA ALA B 205 25.25 -1.90 2.27
C ALA B 205 26.25 -2.65 1.35
N SER B 206 27.17 -3.40 1.96
CA SER B 206 28.19 -4.16 1.20
C SER B 206 27.54 -5.26 0.36
N ASN B 207 26.59 -5.98 0.95
CA ASN B 207 25.81 -6.99 0.24
C ASN B 207 25.08 -6.43 -0.98
N LEU B 208 24.41 -5.28 -0.77
CA LEU B 208 23.72 -4.56 -1.86
C LEU B 208 24.68 -4.17 -2.97
N LYS B 209 25.79 -3.56 -2.59
CA LYS B 209 26.81 -3.12 -3.53
C LYS B 209 27.31 -4.26 -4.44
N THR B 210 27.59 -5.43 -3.87
CA THR B 210 28.16 -6.51 -4.65
C THR B 210 27.12 -7.38 -5.36
N SER B 211 25.85 -7.11 -5.09
CA SER B 211 24.75 -7.89 -5.66
C SER B 211 24.16 -7.24 -6.91
N SER B 212 23.48 -8.04 -7.72
CA SER B 212 22.71 -7.51 -8.84
C SER B 212 21.27 -7.17 -8.41
N GLN B 213 20.88 -7.66 -7.23
CA GLN B 213 19.52 -7.42 -6.70
C GLN B 213 19.29 -5.96 -6.23
N SER B 214 18.04 -5.49 -6.35
CA SER B 214 17.65 -4.15 -5.89
C SER B 214 17.39 -4.18 -4.40
N PRO B 215 17.33 -2.99 -3.76
CA PRO B 215 16.89 -2.96 -2.36
C PRO B 215 15.58 -3.71 -2.13
N HIS B 216 14.60 -3.52 -3.00
CA HIS B 216 13.32 -4.22 -2.88
C HIS B 216 13.42 -5.74 -3.12
N ASP B 217 14.33 -6.17 -4.01
CA ASP B 217 14.63 -7.61 -4.14
C ASP B 217 15.09 -8.19 -2.79
N PHE B 218 16.00 -7.49 -2.09
CA PHE B 218 16.43 -7.92 -0.77
C PHE B 218 15.29 -7.90 0.26
N ILE B 219 14.49 -6.84 0.26
CA ILE B 219 13.31 -6.79 1.15
C ILE B 219 12.42 -8.04 1.05
N ASP B 220 12.10 -8.47 -0.19
CA ASP B 220 11.32 -9.69 -0.46
C ASP B 220 11.97 -10.95 0.12
N ALA B 221 13.30 -11.05 -0.01
CA ALA B 221 14.04 -12.18 0.53
C ALA B 221 13.95 -12.21 2.06
N ILE B 222 14.05 -11.04 2.68
CA ILE B 222 14.12 -10.90 4.12
C ILE B 222 12.74 -11.03 4.83
N CYS B 223 11.67 -10.63 4.17
CA CYS B 223 10.34 -10.70 4.76
C CYS B 223 9.71 -12.10 4.71
N SER B 224 10.05 -12.96 5.68
CA SER B 224 9.42 -14.28 5.76
C SER B 224 7.92 -14.09 5.93
N PRO B 225 7.11 -14.90 5.22
CA PRO B 225 5.65 -14.79 5.25
C PRO B 225 5.15 -14.98 6.67
N GLY B 226 4.33 -14.05 7.16
CA GLY B 226 3.82 -14.14 8.52
C GLY B 226 4.87 -13.84 9.58
N GLY B 227 6.03 -13.34 9.15
CA GLY B 227 7.19 -13.14 10.05
C GLY B 227 7.30 -11.77 10.71
N THR B 228 8.45 -11.49 11.32
CA THR B 228 8.63 -10.30 12.16
C THR B 228 8.99 -9.06 11.33
N THR B 229 9.77 -9.29 10.26
CA THR B 229 10.25 -8.24 9.37
C THR B 229 9.14 -7.55 8.59
N ILE B 230 8.24 -8.33 7.99
CA ILE B 230 7.07 -7.77 7.33
C ILE B 230 6.15 -6.95 8.30
N ALA B 231 6.00 -7.39 9.54
CA ALA B 231 5.25 -6.57 10.51
C ALA B 231 5.91 -5.20 10.71
N GLY B 232 7.24 -5.21 10.87
CA GLY B 232 7.96 -3.93 11.06
C GLY B 232 7.96 -3.09 9.80
N LEU B 233 8.07 -3.74 8.63
CA LEU B 233 8.06 -3.04 7.35
C LEU B 233 6.74 -2.30 7.12
N MSE B 234 5.61 -2.97 7.36
CA MSE B 234 4.27 -2.35 7.25
C MSE B 234 4.07 -1.21 8.25
O MSE B 234 3.34 -0.28 7.97
CB MSE B 234 3.11 -3.34 7.35
CG MSE B 234 2.79 -4.19 6.06
SE MSE B 234 2.67 -3.31 4.47
CE MSE B 234 4.35 -3.67 4.07
N GLU B 235 4.72 -1.28 9.42
CA GLU B 235 4.72 -0.12 10.34
C GLU B 235 5.52 1.08 9.79
N LEU B 236 6.65 0.82 9.12
CA LEU B 236 7.38 1.89 8.41
C LEU B 236 6.50 2.55 7.35
N GLU B 237 5.76 1.71 6.62
CA GLU B 237 4.83 2.15 5.59
C GLU B 237 3.74 2.99 6.25
N ARG B 238 3.19 2.52 7.36
CA ARG B 238 2.10 3.25 8.01
C ARG B 238 2.53 4.66 8.41
N LEU B 239 3.77 4.77 8.91
CA LEU B 239 4.26 6.01 9.51
C LEU B 239 5.00 6.90 8.52
N GLY B 240 5.18 6.42 7.30
CA GLY B 240 5.68 7.24 6.19
C GLY B 240 7.20 7.37 6.11
N LEU B 241 7.91 6.29 6.39
CA LEU B 241 9.39 6.34 6.31
C LEU B 241 9.90 6.90 4.98
N THR B 242 9.45 6.34 3.87
CA THR B 242 9.93 6.75 2.56
C THR B 242 9.59 8.23 2.27
N ALA B 243 8.36 8.63 2.56
CA ALA B 243 7.93 10.03 2.35
C ALA B 243 8.73 10.98 3.24
N THR B 244 8.96 10.56 4.48
CA THR B 244 9.80 11.33 5.43
C THR B 244 11.22 11.61 4.89
N VAL B 245 11.91 10.56 4.45
CA VAL B 245 13.25 10.72 3.87
C VAL B 245 13.22 11.63 2.63
N SER B 246 12.27 11.36 1.73
CA SER B 246 12.12 12.13 0.52
C SER B 246 11.85 13.60 0.80
N SER B 247 10.95 13.88 1.73
CA SER B 247 10.65 15.25 2.08
C SER B 247 11.87 15.94 2.68
N ALA B 248 12.72 15.17 3.38
CA ALA B 248 13.92 15.74 3.99
C ALA B 248 14.96 16.06 2.92
N ILE B 249 15.04 15.21 1.90
CA ILE B 249 15.91 15.47 0.78
C ILE B 249 15.46 16.74 0.02
N ASP B 250 14.15 16.91 -0.15
CA ASP B 250 13.59 18.11 -0.80
C ASP B 250 13.92 19.39 -0.02
N LYS B 251 13.86 19.32 1.31
CA LYS B 251 14.20 20.51 2.13
C LYS B 251 15.67 20.82 2.05
N THR B 252 16.50 19.79 2.00
CA THR B 252 17.94 19.97 1.85
C THR B 252 18.21 20.71 0.54
N ILE B 253 17.61 20.21 -0.53
CA ILE B 253 17.75 20.80 -1.86
C ILE B 253 17.17 22.22 -1.95
N ASP B 254 15.98 22.42 -1.39
CA ASP B 254 15.43 23.78 -1.25
C ASP B 254 16.44 24.72 -0.59
N LYS B 255 17.13 24.22 0.43
CA LYS B 255 18.08 25.06 1.15
C LYS B 255 19.26 25.39 0.26
N ALA B 256 19.78 24.37 -0.44
CA ALA B 256 20.90 24.55 -1.36
C ALA B 256 20.53 25.57 -2.44
N LYS B 257 19.31 25.46 -2.97
CA LYS B 257 18.77 26.44 -3.91
C LYS B 257 18.74 27.86 -3.35
N SER B 258 18.22 28.05 -2.13
CA SER B 258 18.07 29.43 -1.61
C SER B 258 19.40 30.07 -1.28
N LEU B 259 20.39 29.26 -0.90
CA LEU B 259 21.77 29.74 -0.68
C LEU B 259 22.35 30.41 -1.93
N MSE C 4 32.28 -33.86 11.71
CA MSE C 4 30.82 -33.74 12.05
C MSE C 4 29.96 -33.52 10.79
O MSE C 4 30.31 -32.72 9.92
CB MSE C 4 30.60 -32.61 13.06
CG MSE C 4 29.18 -32.56 13.65
SE MSE C 4 28.69 -31.02 14.51
CE MSE C 4 29.68 -31.11 16.00
N LYS C 5 28.84 -34.24 10.71
CA LYS C 5 27.87 -34.07 9.62
C LYS C 5 26.67 -33.23 10.10
N ILE C 6 26.28 -32.25 9.29
CA ILE C 6 25.18 -31.32 9.62
C ILE C 6 24.01 -31.38 8.62
N GLY C 7 22.79 -31.53 9.14
CA GLY C 7 21.59 -31.59 8.30
C GLY C 7 20.66 -30.39 8.49
N ILE C 8 19.96 -30.01 7.42
CA ILE C 8 19.08 -28.83 7.44
C ILE C 8 17.66 -29.17 6.99
N ILE C 9 16.70 -28.97 7.91
CA ILE C 9 15.28 -29.18 7.64
C ILE C 9 14.58 -27.85 7.32
N GLY C 10 13.99 -27.78 6.12
CA GLY C 10 13.41 -26.55 5.57
C GLY C 10 14.50 -25.66 4.99
N VAL C 11 14.51 -25.49 3.68
CA VAL C 11 15.56 -24.71 3.04
C VAL C 11 14.95 -23.65 2.11
N GLY C 12 14.62 -22.50 2.70
CA GLY C 12 14.13 -21.36 1.96
C GLY C 12 15.20 -20.28 1.91
N LYS C 13 14.78 -19.03 2.04
CA LYS C 13 15.68 -17.89 1.83
C LYS C 13 16.79 -17.77 2.89
N MSE C 14 16.44 -17.74 4.18
CA MSE C 14 17.45 -17.58 5.22
C MSE C 14 18.36 -18.82 5.34
O MSE C 14 19.57 -18.70 5.56
CB MSE C 14 16.84 -17.26 6.58
CG MSE C 14 17.87 -16.84 7.64
SE MSE C 14 18.72 -15.28 7.30
CE MSE C 14 20.43 -15.82 7.25
N ALA C 15 17.77 -20.01 5.20
CA ALA C 15 18.54 -21.26 5.26
C ALA C 15 19.50 -21.35 4.06
N SER C 16 19.02 -21.04 2.85
CA SER C 16 19.87 -21.05 1.65
C SER C 16 21.07 -20.13 1.81
N ALA C 17 20.83 -18.95 2.41
CA ALA C 17 21.88 -17.96 2.66
C ALA C 17 22.96 -18.43 3.66
N ILE C 18 22.56 -19.22 4.66
CA ILE C 18 23.49 -19.75 5.66
C ILE C 18 24.33 -20.88 5.04
N ILE C 19 23.71 -21.66 4.17
CA ILE C 19 24.32 -22.81 3.53
C ILE C 19 25.57 -22.42 2.72
N LYS C 20 25.54 -21.20 2.17
CA LYS C 20 26.73 -20.58 1.58
C LYS C 20 27.97 -20.73 2.47
N GLY C 21 27.88 -20.26 3.71
CA GLY C 21 28.99 -20.26 4.64
C GLY C 21 29.24 -21.61 5.29
N LEU C 22 28.31 -22.55 5.07
CA LEU C 22 28.47 -23.90 5.60
C LEU C 22 29.24 -24.79 4.64
N LYS C 23 29.32 -24.36 3.37
CA LYS C 23 30.09 -25.06 2.35
C LYS C 23 31.58 -24.80 2.50
N GLN C 24 31.92 -23.77 3.26
CA GLN C 24 33.31 -23.43 3.55
C GLN C 24 33.79 -24.07 4.86
N THR C 25 32.93 -24.90 5.45
CA THR C 25 33.22 -25.55 6.73
C THR C 25 33.62 -27.04 6.67
N PRO C 26 33.04 -27.82 5.72
CA PRO C 26 33.00 -29.27 5.77
C PRO C 26 33.83 -29.96 6.87
N HIS C 27 33.21 -30.75 7.77
CA HIS C 27 31.77 -31.08 7.77
C HIS C 27 31.21 -31.74 6.51
N GLU C 28 29.88 -31.85 6.45
CA GLU C 28 29.15 -32.38 5.29
C GLU C 28 27.68 -32.04 5.44
N LEU C 29 27.07 -31.59 4.35
CA LEU C 29 25.72 -31.04 4.41
C LEU C 29 24.69 -31.91 3.69
N ILE C 30 23.49 -31.95 4.26
CA ILE C 30 22.35 -32.64 3.67
C ILE C 30 21.08 -31.82 3.98
N ILE C 31 20.13 -31.82 3.05
CA ILE C 31 18.96 -30.96 3.14
C ILE C 31 17.64 -31.71 2.96
N SER C 32 16.57 -31.21 3.57
CA SER C 32 15.25 -31.82 3.48
C SER C 32 14.13 -30.76 3.51
N GLY C 33 13.49 -30.55 2.35
CA GLY C 33 12.53 -29.46 2.17
C GLY C 33 11.06 -29.77 2.37
N SER C 34 10.22 -29.08 1.59
CA SER C 34 8.76 -29.16 1.68
C SER C 34 8.16 -30.41 1.02
N SER C 35 8.72 -30.80 -0.12
CA SER C 35 8.35 -32.04 -0.81
C SER C 35 9.57 -32.93 -0.92
N LEU C 36 9.36 -34.19 -1.27
CA LEU C 36 10.45 -35.01 -1.79
C LEU C 36 10.88 -34.38 -3.11
N GLU C 37 9.87 -33.99 -3.91
CA GLU C 37 10.09 -33.34 -5.20
C GLU C 37 10.84 -32.01 -5.10
N ARG C 38 10.46 -31.18 -4.11
CA ARG C 38 11.12 -29.90 -3.82
C ARG C 38 12.52 -30.10 -3.25
N SER C 39 12.71 -31.17 -2.46
CA SER C 39 14.02 -31.53 -1.92
C SER C 39 15.01 -31.76 -3.04
N LYS C 40 14.56 -32.43 -4.11
CA LYS C 40 15.36 -32.65 -5.32
C LYS C 40 15.77 -31.31 -5.93
N GLU C 41 14.78 -30.45 -6.15
CA GLU C 41 14.96 -29.13 -6.75
C GLU C 41 15.99 -28.30 -6.00
N ILE C 42 15.89 -28.30 -4.67
CA ILE C 42 16.81 -27.59 -3.80
C ILE C 42 18.20 -28.23 -3.80
N ALA C 43 18.23 -29.56 -3.64
CA ALA C 43 19.49 -30.32 -3.66
C ALA C 43 20.32 -30.10 -4.93
N GLU C 44 19.67 -30.14 -6.09
CA GLU C 44 20.35 -29.89 -7.37
C GLU C 44 20.79 -28.44 -7.51
N GLN C 45 19.96 -27.50 -7.05
CA GLN C 45 20.25 -26.07 -7.16
C GLN C 45 21.43 -25.62 -6.32
N LEU C 46 21.61 -26.23 -5.16
CA LEU C 46 22.73 -25.89 -4.28
C LEU C 46 23.89 -26.88 -4.43
N ALA C 47 23.69 -27.90 -5.26
CA ALA C 47 24.64 -29.00 -5.45
C ALA C 47 25.02 -29.64 -4.12
N LEU C 48 24.05 -30.29 -3.50
CA LEU C 48 24.20 -30.91 -2.18
C LEU C 48 23.32 -32.16 -2.04
N PRO C 49 23.78 -33.13 -1.21
CA PRO C 49 22.97 -34.32 -0.89
C PRO C 49 21.59 -33.96 -0.31
N TYR C 50 20.59 -34.77 -0.62
CA TYR C 50 19.28 -34.63 0.02
C TYR C 50 18.88 -35.91 0.77
N ALA C 51 17.81 -35.82 1.54
CA ALA C 51 17.27 -36.96 2.27
C ALA C 51 15.90 -37.36 1.70
N MSE C 52 15.50 -38.59 1.95
CA MSE C 52 14.22 -39.10 1.44
C MSE C 52 13.05 -38.60 2.29
O MSE C 52 11.90 -38.61 1.85
CB MSE C 52 14.23 -40.64 1.36
CG MSE C 52 15.45 -41.26 0.65
SE MSE C 52 15.82 -40.65 -1.01
CE MSE C 52 14.29 -41.01 -1.88
N SER C 53 13.38 -38.15 3.49
CA SER C 53 12.41 -37.64 4.45
C SER C 53 13.15 -36.93 5.58
N HIS C 54 12.40 -36.29 6.49
CA HIS C 54 13.01 -35.65 7.65
C HIS C 54 13.57 -36.71 8.59
N GLN C 55 12.77 -37.75 8.87
CA GLN C 55 13.19 -38.84 9.75
C GLN C 55 14.45 -39.53 9.23
N ASP C 56 14.54 -39.70 7.91
CA ASP C 56 15.76 -40.16 7.23
C ASP C 56 16.91 -39.19 7.53
N LEU C 57 16.68 -37.91 7.29
CA LEU C 57 17.65 -36.84 7.56
C LEU C 57 18.29 -36.96 8.96
N ILE C 58 17.43 -37.13 9.97
CA ILE C 58 17.83 -37.11 11.38
C ILE C 58 18.79 -38.25 11.72
N ASP C 59 18.51 -39.44 11.18
CA ASP C 59 19.26 -40.66 11.50
C ASP C 59 20.76 -40.58 11.20
N GLN C 60 21.10 -40.16 9.99
CA GLN C 60 22.50 -40.15 9.55
C GLN C 60 23.23 -38.84 9.86
N VAL C 61 22.66 -38.02 10.75
CA VAL C 61 23.24 -36.69 10.98
C VAL C 61 23.51 -36.34 12.45
N ASP C 62 24.62 -35.63 12.65
CA ASP C 62 25.16 -35.34 14.00
C ASP C 62 24.59 -34.10 14.65
N LEU C 63 24.22 -33.12 13.81
CA LEU C 63 23.71 -31.82 14.26
C LEU C 63 22.63 -31.36 13.29
N VAL C 64 21.51 -30.92 13.85
CA VAL C 64 20.42 -30.42 13.01
C VAL C 64 20.35 -28.89 13.07
N ILE C 65 20.04 -28.29 11.92
CA ILE C 65 19.71 -26.87 11.82
C ILE C 65 18.31 -26.76 11.23
N LEU C 66 17.43 -26.05 11.93
CA LEU C 66 16.06 -25.87 11.48
C LEU C 66 15.86 -24.52 10.75
N GLY C 67 15.28 -24.61 9.54
CA GLY C 67 15.06 -23.45 8.68
C GLY C 67 13.64 -23.28 8.19
N ILE C 68 12.70 -24.00 8.81
CA ILE C 68 11.28 -23.77 8.57
C ILE C 68 10.81 -22.53 9.35
N LYS C 69 9.70 -21.96 8.89
CA LYS C 69 8.97 -20.91 9.59
C LYS C 69 8.60 -21.34 11.02
N PRO C 70 8.55 -20.37 11.97
CA PRO C 70 8.12 -20.67 13.34
C PRO C 70 6.71 -21.26 13.41
N GLN C 71 5.82 -20.82 12.53
CA GLN C 71 4.41 -21.20 12.59
C GLN C 71 4.12 -22.67 12.34
N LEU C 72 5.08 -23.41 11.78
CA LEU C 72 4.94 -24.86 11.73
C LEU C 72 6.07 -25.70 12.36
N PHE C 73 6.65 -25.15 13.42
CA PHE C 73 7.46 -25.94 14.35
C PHE C 73 6.54 -27.00 14.96
N GLU C 74 5.34 -26.57 15.35
CA GLU C 74 4.30 -27.45 15.87
C GLU C 74 4.02 -28.61 14.88
N THR C 75 3.42 -28.28 13.74
CA THR C 75 3.00 -29.26 12.72
C THR C 75 4.10 -30.23 12.25
N VAL C 76 5.32 -29.74 12.03
CA VAL C 76 6.34 -30.58 11.39
C VAL C 76 7.43 -31.12 12.32
N LEU C 77 7.47 -30.69 13.57
CA LEU C 77 8.46 -31.23 14.50
C LEU C 77 7.95 -32.35 15.42
N LYS C 78 6.69 -32.24 15.87
CA LYS C 78 6.12 -33.20 16.83
C LYS C 78 6.16 -34.64 16.31
N PRO C 79 5.62 -34.90 15.10
CA PRO C 79 5.65 -36.28 14.59
C PRO C 79 7.04 -36.72 14.10
N LEU C 80 8.09 -36.42 14.86
CA LEU C 80 9.45 -36.80 14.49
C LEU C 80 10.24 -37.19 15.73
N HIS C 81 11.31 -37.96 15.52
CA HIS C 81 12.17 -38.38 16.64
C HIS C 81 13.58 -37.86 16.42
N PHE C 82 13.95 -36.85 17.19
CA PHE C 82 15.27 -36.22 17.08
C PHE C 82 16.24 -36.91 18.01
N LYS C 83 17.51 -36.92 17.63
CA LYS C 83 18.49 -37.83 18.23
C LYS C 83 19.84 -37.14 18.51
N GLN C 84 19.87 -35.82 18.38
CA GLN C 84 21.11 -35.04 18.37
C GLN C 84 20.86 -33.54 18.61
N PRO C 85 21.95 -32.75 18.85
CA PRO C 85 21.80 -31.31 19.08
C PRO C 85 21.08 -30.61 17.93
N ILE C 86 20.21 -29.67 18.27
CA ILE C 86 19.47 -28.91 17.28
C ILE C 86 19.74 -27.41 17.43
N ILE C 87 20.07 -26.77 16.32
CA ILE C 87 20.16 -25.31 16.24
C ILE C 87 18.89 -24.82 15.54
N SER C 88 18.17 -23.91 16.20
CA SER C 88 16.98 -23.27 15.63
C SER C 88 17.33 -21.83 15.21
N MSE C 89 16.88 -21.43 14.01
CA MSE C 89 17.11 -20.05 13.54
C MSE C 89 15.86 -19.18 13.67
O MSE C 89 15.90 -18.00 13.34
CB MSE C 89 17.69 -20.01 12.11
CG MSE C 89 16.69 -20.17 10.94
SE MSE C 89 17.45 -20.18 9.27
CE MSE C 89 18.92 -21.15 9.64
N ALA C 90 14.77 -19.77 14.16
CA ALA C 90 13.45 -19.16 14.14
C ALA C 90 13.28 -17.97 15.08
N ALA C 91 12.53 -16.97 14.61
CA ALA C 91 12.17 -15.83 15.44
C ALA C 91 11.06 -16.23 16.40
N GLY C 92 11.21 -15.82 17.64
CA GLY C 92 10.12 -15.86 18.61
C GLY C 92 9.77 -17.17 19.29
N ILE C 93 10.49 -18.24 18.95
CA ILE C 93 10.27 -19.53 19.60
C ILE C 93 11.38 -19.78 20.61
N SER C 94 11.01 -19.88 21.88
CA SER C 94 12.01 -20.05 22.93
C SER C 94 12.60 -21.46 22.94
N LEU C 95 13.74 -21.60 23.61
CA LEU C 95 14.39 -22.89 23.78
C LEU C 95 13.51 -23.82 24.62
N GLN C 96 12.98 -23.28 25.71
CA GLN C 96 12.03 -23.99 26.56
C GLN C 96 10.87 -24.54 25.74
N ARG C 97 10.34 -23.70 24.84
CA ARG C 97 9.22 -24.07 24.02
C ARG C 97 9.61 -25.05 22.94
N LEU C 98 10.85 -24.97 22.48
CA LEU C 98 11.38 -25.89 21.47
C LEU C 98 11.60 -27.30 22.04
N ALA C 99 11.97 -27.36 23.32
CA ALA C 99 12.17 -28.64 24.00
C ALA C 99 10.85 -29.41 24.10
N THR C 100 9.75 -28.70 24.36
CA THR C 100 8.41 -29.30 24.34
C THR C 100 7.99 -29.77 22.93
N PHE C 101 8.88 -29.58 21.94
CA PHE C 101 8.64 -30.06 20.58
C PHE C 101 9.54 -31.25 20.21
N VAL C 102 10.75 -31.27 20.77
CA VAL C 102 11.78 -32.23 20.34
C VAL C 102 12.35 -33.08 21.48
N GLY C 103 11.93 -32.79 22.71
CA GLY C 103 12.36 -33.56 23.87
C GLY C 103 13.13 -32.73 24.89
N GLN C 104 13.15 -33.24 26.13
CA GLN C 104 13.77 -32.56 27.26
C GLN C 104 15.22 -33.01 27.54
N ASP C 105 15.78 -33.80 26.64
CA ASP C 105 17.11 -34.40 26.85
C ASP C 105 18.17 -33.93 25.85
N LEU C 106 17.78 -33.03 24.95
CA LEU C 106 18.67 -32.59 23.90
C LEU C 106 19.33 -31.25 24.22
N PRO C 107 20.64 -31.13 23.94
CA PRO C 107 21.34 -29.84 24.03
C PRO C 107 20.90 -28.96 22.86
N LEU C 108 20.19 -27.88 23.16
CA LEU C 108 19.54 -27.07 22.12
C LEU C 108 20.12 -25.67 22.08
N LEU C 109 20.36 -25.21 20.84
CA LEU C 109 20.96 -23.91 20.57
C LEU C 109 20.02 -23.04 19.75
N ARG C 110 20.07 -21.75 20.03
CA ARG C 110 19.38 -20.78 19.21
C ARG C 110 20.38 -19.88 18.55
N ILE C 111 20.12 -19.53 17.29
CA ILE C 111 20.82 -18.46 16.58
C ILE C 111 19.83 -17.45 15.96
N MSE C 112 20.30 -16.20 15.84
CA MSE C 112 19.55 -15.21 15.07
C MSE C 112 20.51 -14.54 14.09
O MSE C 112 21.27 -13.67 14.48
CB MSE C 112 18.79 -14.22 15.98
CG MSE C 112 17.97 -13.16 15.22
SE MSE C 112 16.99 -13.76 13.82
CE MSE C 112 15.86 -14.88 14.65
N PRO C 113 20.51 -15.02 12.85
CA PRO C 113 21.36 -14.51 11.79
C PRO C 113 20.63 -13.51 10.90
N ASN C 114 21.34 -12.97 9.91
CA ASN C 114 20.70 -12.12 8.90
C ASN C 114 21.16 -12.41 7.47
N MSE C 115 20.46 -11.84 6.48
CA MSE C 115 20.72 -12.13 5.05
C MSE C 115 22.16 -11.85 4.59
O MSE C 115 22.60 -12.37 3.52
CB MSE C 115 19.71 -11.38 4.15
CG MSE C 115 19.45 -12.01 2.75
SE MSE C 115 18.84 -13.73 2.67
CE MSE C 115 17.45 -13.73 3.78
N ASN C 116 22.91 -11.07 5.37
CA ASN C 116 24.33 -10.82 5.08
C ASN C 116 25.20 -12.08 5.23
N ALA C 117 24.60 -13.16 5.75
CA ALA C 117 25.26 -14.45 5.73
C ALA C 117 25.73 -14.77 4.30
N GLN C 118 25.00 -14.25 3.30
CA GLN C 118 25.34 -14.43 1.88
C GLN C 118 26.77 -14.03 1.52
N ILE C 119 27.29 -13.02 2.22
CA ILE C 119 28.64 -12.52 1.98
C ILE C 119 29.53 -12.77 3.19
N LEU C 120 29.10 -13.72 4.02
CA LEU C 120 29.77 -14.11 5.28
C LEU C 120 30.01 -12.91 6.23
N GLN C 121 28.96 -12.10 6.42
CA GLN C 121 29.04 -10.94 7.27
C GLN C 121 27.77 -10.77 8.11
N SER C 122 27.14 -11.89 8.44
CA SER C 122 26.00 -11.88 9.33
C SER C 122 26.39 -11.31 10.70
N SER C 123 25.39 -10.74 11.37
CA SER C 123 25.51 -10.41 12.78
C SER C 123 24.62 -11.40 13.54
N THR C 124 25.23 -12.46 14.05
CA THR C 124 24.51 -13.61 14.55
C THR C 124 24.52 -13.72 16.07
N ALA C 125 23.36 -13.84 16.68
CA ALA C 125 23.27 -14.07 18.11
C ALA C 125 23.31 -15.58 18.35
N LEU C 126 23.95 -15.97 19.45
CA LEU C 126 24.06 -17.38 19.79
C LEU C 126 23.72 -17.63 21.25
N THR C 127 22.85 -18.60 21.48
CA THR C 127 22.59 -19.06 22.85
C THR C 127 22.11 -20.52 22.88
N GLY C 128 22.30 -21.18 24.02
CA GLY C 128 21.86 -22.57 24.22
C GLY C 128 21.32 -22.86 25.61
N ASN C 129 20.52 -23.93 25.72
CA ASN C 129 20.04 -24.40 27.03
C ASN C 129 21.16 -24.95 27.95
N ALA C 130 20.81 -25.27 29.20
CA ALA C 130 21.76 -25.75 30.21
C ALA C 130 22.46 -27.07 29.81
N LEU C 131 21.89 -27.76 28.82
CA LEU C 131 22.41 -29.02 28.33
C LEU C 131 23.57 -28.90 27.34
N VAL C 132 23.88 -27.68 26.90
CA VAL C 132 24.92 -27.45 25.90
C VAL C 132 26.30 -27.40 26.56
N SER C 133 27.22 -28.24 26.08
CA SER C 133 28.56 -28.32 26.65
C SER C 133 29.38 -27.08 26.29
N GLN C 134 30.44 -26.84 27.04
CA GLN C 134 31.28 -25.65 26.82
C GLN C 134 32.07 -25.66 25.51
N GLU C 135 32.29 -26.84 24.94
CA GLU C 135 33.01 -26.96 23.67
C GLU C 135 32.09 -27.31 22.49
N LEU C 136 30.81 -27.55 22.78
CA LEU C 136 29.78 -27.58 21.74
C LEU C 136 29.37 -26.15 21.40
N GLN C 137 29.27 -25.29 22.42
CA GLN C 137 29.00 -23.85 22.23
C GLN C 137 30.23 -23.14 21.66
N ALA C 138 31.40 -23.77 21.78
CA ALA C 138 32.61 -23.27 21.12
C ALA C 138 32.67 -23.76 19.68
N ARG C 139 32.10 -24.94 19.43
CA ARG C 139 32.08 -25.54 18.09
C ARG C 139 31.01 -24.88 17.21
N VAL C 140 29.86 -24.60 17.80
CA VAL C 140 28.80 -23.87 17.12
C VAL C 140 29.24 -22.42 16.85
N ARG C 141 29.93 -21.80 17.81
CA ARG C 141 30.48 -20.45 17.61
C ARG C 141 31.42 -20.37 16.40
N ASP C 142 32.28 -21.39 16.27
CA ASP C 142 33.15 -21.52 15.08
C ASP C 142 32.32 -21.65 13.81
N LEU C 143 31.20 -22.38 13.90
CA LEU C 143 30.22 -22.48 12.82
C LEU C 143 29.55 -21.12 12.47
N THR C 144 29.10 -20.37 13.47
CA THR C 144 28.50 -19.05 13.22
C THR C 144 29.54 -18.03 12.74
N ASP C 145 30.77 -18.16 13.26
CA ASP C 145 31.86 -17.25 12.90
C ASP C 145 32.25 -17.41 11.45
N SER C 146 31.77 -18.49 10.82
CA SER C 146 32.13 -18.78 9.44
C SER C 146 31.37 -17.92 8.43
N PHE C 147 30.08 -17.66 8.71
CA PHE C 147 29.28 -16.76 7.87
C PHE C 147 29.02 -15.36 8.45
N GLY C 148 29.84 -14.94 9.41
CA GLY C 148 29.76 -13.59 9.97
C GLY C 148 30.44 -13.46 11.33
N SER C 149 30.04 -12.46 12.11
CA SER C 149 30.43 -12.33 13.51
C SER C 149 29.40 -13.04 14.39
N THR C 150 29.73 -13.22 15.68
CA THR C 150 28.86 -13.92 16.63
C THR C 150 28.73 -13.15 17.93
N PHE C 151 27.49 -13.08 18.41
CA PHE C 151 27.17 -12.32 19.61
C PHE C 151 26.62 -13.25 20.69
N ASP C 152 27.24 -13.20 21.87
CA ASP C 152 26.77 -13.97 23.01
C ASP C 152 25.66 -13.17 23.68
N ILE C 153 24.43 -13.62 23.47
CA ILE C 153 23.26 -12.86 23.89
C ILE C 153 22.38 -13.74 24.77
N SER C 154 21.95 -13.21 25.92
CA SER C 154 20.94 -13.86 26.75
C SER C 154 19.73 -14.09 25.89
N GLU C 155 19.04 -15.22 26.09
CA GLU C 155 17.85 -15.52 25.29
C GLU C 155 16.75 -14.52 25.60
N LYS C 156 16.80 -13.92 26.77
CA LYS C 156 15.86 -12.86 27.13
C LYS C 156 16.00 -11.64 26.20
N ASP C 157 17.12 -11.54 25.48
CA ASP C 157 17.34 -10.40 24.54
C ASP C 157 17.23 -10.80 23.08
N PHE C 158 16.81 -12.03 22.82
CA PHE C 158 16.77 -12.51 21.42
C PHE C 158 15.75 -11.79 20.57
N ASP C 159 14.63 -11.38 21.18
CA ASP C 159 13.57 -10.73 20.44
C ASP C 159 14.03 -9.36 19.98
N THR C 160 14.66 -8.61 20.88
CA THR C 160 15.27 -7.35 20.50
C THR C 160 16.39 -7.53 19.46
N PHE C 161 17.25 -8.52 19.65
CA PHE C 161 18.34 -8.77 18.71
C PHE C 161 17.77 -9.11 17.33
N THR C 162 16.70 -9.92 17.30
CA THR C 162 15.95 -10.23 16.07
C THR C 162 15.57 -8.97 15.27
N ALA C 163 15.11 -7.94 15.98
CA ALA C 163 14.76 -6.67 15.35
C ALA C 163 16.00 -5.88 14.91
N LEU C 164 16.97 -5.75 15.79
CA LEU C 164 18.18 -4.93 15.52
C LEU C 164 19.09 -5.50 14.43
N ALA C 165 19.16 -6.82 14.34
CA ALA C 165 20.11 -7.49 13.45
C ALA C 165 19.46 -8.31 12.37
N GLY C 166 18.40 -9.04 12.71
CA GLY C 166 17.71 -9.95 11.75
C GLY C 166 16.78 -9.25 10.79
N SER C 167 15.92 -8.38 11.31
CA SER C 167 14.94 -7.68 10.49
C SER C 167 15.50 -6.41 9.86
N SER C 168 16.44 -5.77 10.55
CA SER C 168 16.82 -4.40 10.19
C SER C 168 17.47 -4.23 8.80
N PRO C 169 18.12 -5.26 8.26
CA PRO C 169 18.55 -5.13 6.86
C PRO C 169 17.45 -4.67 5.90
N ALA C 170 16.22 -5.14 6.08
CA ALA C 170 15.10 -4.68 5.24
C ALA C 170 14.76 -3.21 5.53
N TYR C 171 14.93 -2.79 6.78
CA TYR C 171 14.63 -1.40 7.14
C TYR C 171 15.71 -0.48 6.60
N ILE C 172 16.95 -1.01 6.58
CA ILE C 172 18.09 -0.32 5.99
C ILE C 172 17.92 -0.20 4.47
N TYR C 173 17.46 -1.28 3.81
CA TYR C 173 17.17 -1.23 2.38
C TYR C 173 16.03 -0.29 2.03
N LEU C 174 14.98 -0.24 2.84
CA LEU C 174 13.90 0.75 2.56
C LEU C 174 14.41 2.20 2.65
N PHE C 175 15.26 2.46 3.64
CA PHE C 175 15.84 3.77 3.85
C PHE C 175 16.75 4.14 2.68
N ILE C 176 17.60 3.20 2.27
CA ILE C 176 18.44 3.39 1.10
C ILE C 176 17.61 3.61 -0.18
N GLU C 177 16.58 2.81 -0.39
CA GLU C 177 15.66 2.96 -1.52
C GLU C 177 14.97 4.34 -1.50
N ALA C 178 14.61 4.82 -0.32
CA ALA C 178 13.95 6.12 -0.20
C ALA C 178 14.89 7.26 -0.61
N LEU C 179 16.16 7.15 -0.21
CA LEU C 179 17.18 8.14 -0.59
C LEU C 179 17.37 8.16 -2.11
N ALA C 180 17.47 6.97 -2.71
CA ALA C 180 17.59 6.87 -4.17
C ALA C 180 16.37 7.37 -4.95
N LYS C 181 15.17 7.02 -4.46
CA LYS C 181 13.91 7.54 -5.02
C LYS C 181 13.87 9.08 -4.96
N ALA C 182 14.40 9.64 -3.89
CA ALA C 182 14.45 11.10 -3.73
C ALA C 182 15.39 11.68 -4.80
N GLY C 183 16.50 10.96 -5.06
CA GLY C 183 17.42 11.33 -6.14
C GLY C 183 16.72 11.30 -7.48
N VAL C 184 15.97 10.23 -7.77
CA VAL C 184 15.17 10.16 -9.00
C VAL C 184 14.12 11.28 -9.08
N LYS C 185 13.41 11.54 -7.99
CA LYS C 185 12.47 12.67 -7.97
C LYS C 185 13.18 13.94 -8.46
N ASN C 186 14.43 14.10 -8.03
CA ASN C 186 15.19 15.32 -8.27
C ASN C 186 16.20 15.25 -9.41
N GLY C 187 16.08 14.24 -10.28
CA GLY C 187 16.76 14.25 -11.58
C GLY C 187 17.94 13.32 -11.80
N ILE C 188 18.26 12.51 -10.79
CA ILE C 188 19.37 11.59 -10.91
C ILE C 188 18.82 10.18 -11.15
N PRO C 189 19.30 9.52 -12.23
CA PRO C 189 18.90 8.17 -12.58
C PRO C 189 18.98 7.24 -11.37
N LYS C 190 18.05 6.31 -11.29
CA LYS C 190 17.98 5.40 -10.13
C LYS C 190 19.29 4.65 -9.80
N ALA C 191 19.92 4.04 -10.82
CA ALA C 191 21.15 3.24 -10.61
C ALA C 191 22.31 4.11 -10.08
N LYS C 192 22.46 5.29 -10.68
CA LYS C 192 23.44 6.27 -10.25
C LYS C 192 23.17 6.72 -8.81
N ALA C 193 21.92 7.05 -8.49
CA ALA C 193 21.55 7.53 -7.16
C ALA C 193 21.78 6.43 -6.11
N LEU C 194 21.43 5.20 -6.47
CA LEU C 194 21.64 4.05 -5.59
C LEU C 194 23.15 3.80 -5.36
N GLU C 195 23.95 4.03 -6.40
CA GLU C 195 25.39 3.86 -6.30
C GLU C 195 25.97 4.89 -5.30
N ILE C 196 25.60 6.14 -5.50
CA ILE C 196 26.05 7.23 -4.62
C ILE C 196 25.68 6.96 -3.16
N VAL C 197 24.41 6.64 -2.90
CA VAL C 197 23.99 6.51 -1.50
C VAL C 197 24.49 5.25 -0.83
N THR C 198 24.52 4.14 -1.56
CA THR C 198 25.07 2.88 -1.00
C THR C 198 26.53 3.07 -0.57
N GLN C 199 27.32 3.72 -1.42
CA GLN C 199 28.71 4.01 -1.08
C GLN C 199 28.78 5.00 0.09
N THR C 200 27.87 5.98 0.13
CA THR C 200 27.88 6.89 1.26
C THR C 200 27.47 6.16 2.57
N VAL C 201 26.54 5.22 2.47
CA VAL C 201 26.10 4.51 3.69
C VAL C 201 27.25 3.65 4.23
N LEU C 202 27.92 2.95 3.33
CA LEU C 202 29.06 2.10 3.67
C LEU C 202 30.19 2.90 4.36
N ALA C 203 30.59 4.02 3.74
CA ALA C 203 31.61 4.88 4.32
C ALA C 203 31.21 5.49 5.66
N SER C 204 29.95 5.91 5.78
CA SER C 204 29.47 6.53 7.01
C SER C 204 29.49 5.53 8.14
N ALA C 205 28.97 4.35 7.88
CA ALA C 205 28.96 3.25 8.85
C ALA C 205 30.40 2.91 9.27
N SER C 206 31.31 2.87 8.29
CA SER C 206 32.70 2.54 8.59
C SER C 206 33.38 3.63 9.42
N ASN C 207 33.07 4.89 9.12
CA ASN C 207 33.58 6.02 9.88
C ASN C 207 33.05 5.97 11.31
N LEU C 208 31.76 5.70 11.48
CA LEU C 208 31.22 5.53 12.84
C LEU C 208 31.90 4.38 13.61
N LYS C 209 31.98 3.20 12.99
CA LYS C 209 32.63 2.03 13.59
C LYS C 209 34.02 2.37 14.15
N THR C 210 34.90 2.92 13.32
CA THR C 210 36.29 3.13 13.70
C THR C 210 36.55 4.40 14.54
N SER C 211 35.49 5.14 14.86
CA SER C 211 35.65 6.39 15.59
C SER C 211 35.12 6.24 17.03
N SER C 212 35.57 7.12 17.93
CA SER C 212 35.01 7.14 19.29
C SER C 212 33.83 8.10 19.42
N GLN C 213 33.55 8.85 18.36
CA GLN C 213 32.44 9.81 18.31
C GLN C 213 31.10 9.06 18.26
N SER C 214 30.05 9.61 18.89
CA SER C 214 28.72 9.03 18.79
C SER C 214 28.05 9.49 17.49
N PRO C 215 26.97 8.81 17.07
CA PRO C 215 26.20 9.29 15.92
C PRO C 215 25.82 10.79 16.03
N HIS C 216 25.38 11.24 17.20
CA HIS C 216 25.10 12.67 17.39
C HIS C 216 26.31 13.58 17.38
N ASP C 217 27.48 13.06 17.77
CA ASP C 217 28.71 13.85 17.59
C ASP C 217 28.92 14.16 16.09
N PHE C 218 28.83 13.11 15.26
CA PHE C 218 28.91 13.29 13.83
C PHE C 218 27.88 14.27 13.28
N ILE C 219 26.63 14.12 13.72
CA ILE C 219 25.58 15.03 13.28
C ILE C 219 25.95 16.50 13.56
N ASP C 220 26.45 16.79 14.76
CA ASP C 220 26.96 18.14 15.11
C ASP C 220 28.10 18.57 14.19
N ALA C 221 29.01 17.64 13.88
CA ALA C 221 30.13 17.93 13.00
C ALA C 221 29.63 18.28 11.61
N ILE C 222 28.63 17.55 11.12
CA ILE C 222 28.14 17.76 9.75
C ILE C 222 27.19 18.97 9.59
N CYS C 223 26.42 19.31 10.62
CA CYS C 223 25.47 20.41 10.53
C CYS C 223 26.08 21.81 10.66
N SER C 224 26.44 22.42 9.53
CA SER C 224 26.95 23.81 9.55
C SER C 224 25.78 24.75 9.83
N PRO C 225 26.01 25.81 10.62
CA PRO C 225 24.92 26.72 10.93
C PRO C 225 24.31 27.32 9.67
N GLY C 226 22.98 27.29 9.62
CA GLY C 226 22.23 27.82 8.48
C GLY C 226 22.54 27.08 7.20
N GLY C 227 22.98 25.82 7.30
CA GLY C 227 23.44 25.06 6.14
C GLY C 227 22.34 24.16 5.63
N THR C 228 22.67 23.31 4.65
CA THR C 228 21.68 22.41 4.05
C THR C 228 21.37 21.18 4.89
N THR C 229 22.36 20.68 5.62
CA THR C 229 22.15 19.44 6.39
C THR C 229 21.18 19.67 7.55
N ILE C 230 21.32 20.81 8.23
CA ILE C 230 20.42 21.11 9.36
C ILE C 230 18.95 21.29 8.92
N ALA C 231 18.74 21.88 7.74
CA ALA C 231 17.38 22.00 7.21
C ALA C 231 16.78 20.61 6.95
N GLY C 232 17.56 19.70 6.39
CA GLY C 232 17.07 18.32 6.16
C GLY C 232 16.83 17.57 7.45
N LEU C 233 17.70 17.78 8.44
CA LEU C 233 17.60 17.09 9.73
C LEU C 233 16.35 17.52 10.50
N MSE C 234 16.06 18.83 10.48
CA MSE C 234 14.88 19.35 11.16
C MSE C 234 13.59 18.93 10.43
O MSE C 234 12.54 18.79 11.06
CB MSE C 234 14.98 20.88 11.35
CG MSE C 234 16.00 21.34 12.47
SE MSE C 234 15.98 20.41 14.06
CE MSE C 234 17.24 19.35 13.72
N GLU C 235 13.69 18.65 9.13
CA GLU C 235 12.57 18.01 8.43
C GLU C 235 12.38 16.56 8.88
N LEU C 236 13.47 15.80 9.04
CA LEU C 236 13.43 14.47 9.64
C LEU C 236 12.76 14.49 11.00
N GLU C 237 13.14 15.46 11.82
CA GLU C 237 12.48 15.66 13.10
C GLU C 237 11.01 15.99 12.97
N ARG C 238 10.67 16.97 12.12
CA ARG C 238 9.28 17.41 11.96
C ARG C 238 8.40 16.23 11.61
N LEU C 239 8.91 15.33 10.76
CA LEU C 239 8.12 14.21 10.31
C LEU C 239 8.32 12.96 11.19
N GLY C 240 9.20 13.02 12.19
CA GLY C 240 9.30 11.94 13.16
C GLY C 240 10.07 10.71 12.70
N LEU C 241 11.18 10.93 12.00
CA LEU C 241 12.02 9.80 11.59
C LEU C 241 12.35 8.82 12.72
N THR C 242 12.85 9.35 13.84
CA THR C 242 13.25 8.52 14.98
C THR C 242 12.07 7.70 15.54
N ALA C 243 10.95 8.36 15.79
CA ALA C 243 9.70 7.71 16.26
C ALA C 243 9.21 6.60 15.32
N THR C 244 9.29 6.88 14.03
CA THR C 244 8.90 5.92 13.01
C THR C 244 9.72 4.64 13.07
N VAL C 245 11.04 4.81 13.18
CA VAL C 245 11.98 3.68 13.24
C VAL C 245 11.77 2.87 14.52
N SER C 246 11.66 3.58 15.64
CA SER C 246 11.49 2.95 16.92
C SER C 246 10.16 2.19 16.98
N SER C 247 9.09 2.80 16.46
CA SER C 247 7.77 2.14 16.39
C SER C 247 7.81 0.86 15.53
N ALA C 248 8.56 0.88 14.42
CA ALA C 248 8.75 -0.33 13.59
C ALA C 248 9.52 -1.41 14.33
N ILE C 249 10.53 -1.01 15.10
CA ILE C 249 11.22 -1.97 15.94
C ILE C 249 10.28 -2.58 16.98
N ASP C 250 9.49 -1.74 17.71
CA ASP C 250 8.48 -2.23 18.63
C ASP C 250 7.55 -3.28 18.01
N LYS C 251 7.06 -3.00 16.80
CA LYS C 251 6.13 -3.87 16.09
C LYS C 251 6.80 -5.15 15.70
N THR C 252 8.07 -5.05 15.32
CA THR C 252 8.87 -6.25 15.01
C THR C 252 8.95 -7.14 16.24
N ILE C 253 9.22 -6.52 17.40
CA ILE C 253 9.34 -7.22 18.67
C ILE C 253 7.99 -7.77 19.14
N ASP C 254 6.92 -6.95 19.07
CA ASP C 254 5.54 -7.39 19.37
C ASP C 254 5.21 -8.66 18.57
N LYS C 255 5.64 -8.71 17.30
CA LYS C 255 5.36 -9.89 16.46
C LYS C 255 6.18 -11.10 16.89
N ALA C 256 7.46 -10.87 17.21
CA ALA C 256 8.32 -11.92 17.75
C ALA C 256 7.72 -12.49 19.05
N LYS C 257 7.21 -11.60 19.91
CA LYS C 257 6.57 -12.04 21.14
C LYS C 257 5.37 -12.94 20.86
N SER C 258 4.50 -12.54 19.93
CA SER C 258 3.28 -13.28 19.70
C SER C 258 3.46 -14.60 18.95
N LEU C 259 4.59 -14.79 18.28
CA LEU C 259 4.88 -16.04 17.57
C LEU C 259 5.20 -17.17 18.54
N ASN D 2 -19.90 -41.06 -15.72
CA ASN D 2 -19.00 -40.19 -14.88
C ASN D 2 -19.56 -38.77 -14.66
N ALA D 3 -20.89 -38.66 -14.66
CA ALA D 3 -21.57 -37.37 -14.45
C ALA D 3 -22.37 -37.37 -13.16
N MSE D 4 -22.17 -36.33 -12.37
CA MSE D 4 -22.88 -36.15 -11.11
C MSE D 4 -24.12 -35.31 -11.32
O MSE D 4 -24.32 -34.70 -12.38
CB MSE D 4 -21.99 -35.43 -10.10
CG MSE D 4 -20.69 -36.13 -9.79
SE MSE D 4 -19.73 -35.22 -8.55
CE MSE D 4 -19.17 -33.83 -9.53
N LYS D 5 -24.95 -35.29 -10.29
CA LYS D 5 -25.99 -34.29 -10.13
C LYS D 5 -25.54 -33.40 -8.95
N ILE D 6 -25.51 -32.09 -9.17
CA ILE D 6 -25.07 -31.14 -8.14
C ILE D 6 -26.21 -30.22 -7.73
N GLY D 7 -26.42 -30.11 -6.42
CA GLY D 7 -27.47 -29.26 -5.87
C GLY D 7 -26.94 -28.03 -5.15
N ILE D 8 -27.65 -26.91 -5.28
CA ILE D 8 -27.16 -25.63 -4.77
C ILE D 8 -28.16 -25.00 -3.78
N ILE D 9 -27.72 -24.86 -2.52
CA ILE D 9 -28.57 -24.30 -1.48
C ILE D 9 -28.14 -22.86 -1.22
N GLY D 10 -29.08 -21.93 -1.48
CA GLY D 10 -28.79 -20.50 -1.44
C GLY D 10 -28.15 -20.03 -2.73
N VAL D 11 -28.84 -19.16 -3.45
CA VAL D 11 -28.34 -18.66 -4.73
C VAL D 11 -28.41 -17.14 -4.78
N GLY D 12 -27.32 -16.49 -4.39
CA GLY D 12 -27.22 -15.04 -4.40
C GLY D 12 -26.34 -14.59 -5.54
N LYS D 13 -25.65 -13.46 -5.34
CA LYS D 13 -24.77 -12.93 -6.40
C LYS D 13 -23.66 -13.90 -6.75
N MSE D 14 -22.95 -14.36 -5.73
CA MSE D 14 -21.77 -15.21 -5.92
C MSE D 14 -22.16 -16.59 -6.52
O MSE D 14 -21.57 -17.02 -7.51
CB MSE D 14 -20.97 -15.34 -4.62
CG MSE D 14 -19.52 -15.88 -4.76
SE MSE D 14 -18.45 -15.00 -5.92
CE MSE D 14 -18.47 -16.16 -7.24
N ALA D 15 -23.14 -17.24 -5.90
CA ALA D 15 -23.62 -18.53 -6.39
C ALA D 15 -24.11 -18.44 -7.84
N SER D 16 -24.86 -17.38 -8.18
CA SER D 16 -25.32 -17.18 -9.57
C SER D 16 -24.14 -17.05 -10.53
N ALA D 17 -23.06 -16.42 -10.04
CA ALA D 17 -21.86 -16.22 -10.85
C ALA D 17 -21.12 -17.50 -11.24
N ILE D 18 -21.17 -18.55 -10.42
CA ILE D 18 -20.43 -19.77 -10.76
C ILE D 18 -21.25 -20.74 -11.65
N ILE D 19 -22.55 -20.47 -11.78
CA ILE D 19 -23.48 -21.29 -12.54
C ILE D 19 -23.07 -21.41 -14.00
N LYS D 20 -22.71 -20.27 -14.57
CA LYS D 20 -22.35 -20.16 -15.96
C LYS D 20 -21.22 -21.14 -16.30
N GLY D 21 -20.21 -21.23 -15.43
CA GLY D 21 -19.15 -22.20 -15.58
C GLY D 21 -19.61 -23.63 -15.32
N LEU D 22 -20.48 -23.78 -14.34
CA LEU D 22 -21.04 -25.09 -14.02
C LEU D 22 -21.85 -25.67 -15.16
N LYS D 23 -22.47 -24.78 -15.96
CA LYS D 23 -23.25 -25.21 -17.13
C LYS D 23 -22.39 -25.76 -18.26
N GLN D 24 -21.15 -25.29 -18.40
CA GLN D 24 -20.23 -25.85 -19.39
C GLN D 24 -19.69 -27.24 -19.01
N THR D 25 -20.05 -27.73 -17.82
CA THR D 25 -19.68 -29.08 -17.37
C THR D 25 -20.78 -30.10 -17.77
N PRO D 26 -20.42 -31.41 -17.82
CA PRO D 26 -21.38 -32.51 -18.08
C PRO D 26 -22.47 -32.68 -17.01
N HIS D 27 -22.26 -32.11 -15.83
CA HIS D 27 -23.11 -32.39 -14.66
C HIS D 27 -24.47 -31.73 -14.72
N GLU D 28 -25.44 -32.36 -14.05
CA GLU D 28 -26.80 -31.87 -13.94
C GLU D 28 -26.90 -31.01 -12.69
N LEU D 29 -27.71 -29.95 -12.73
CA LEU D 29 -27.79 -28.98 -11.63
C LEU D 29 -29.23 -28.74 -11.18
N ILE D 30 -29.39 -28.47 -9.89
CA ILE D 30 -30.69 -28.10 -9.32
C ILE D 30 -30.47 -27.15 -8.13
N ILE D 31 -31.43 -26.31 -7.84
CA ILE D 31 -31.25 -25.24 -6.86
C ILE D 31 -32.36 -25.18 -5.83
N SER D 32 -32.11 -24.46 -4.73
CA SER D 32 -33.10 -24.28 -3.69
C SER D 32 -32.79 -22.97 -2.94
N GLY D 33 -33.77 -22.06 -2.91
CA GLY D 33 -33.61 -20.74 -2.30
C GLY D 33 -34.16 -20.61 -0.88
N SER D 34 -34.45 -19.38 -0.46
CA SER D 34 -34.90 -19.08 0.92
C SER D 34 -36.41 -19.30 1.12
N SER D 35 -37.09 -19.71 0.06
CA SER D 35 -38.52 -20.07 0.08
C SER D 35 -38.85 -20.73 -1.25
N LEU D 36 -39.98 -21.43 -1.31
CA LEU D 36 -40.41 -22.03 -2.57
C LEU D 36 -40.68 -20.95 -3.63
N GLU D 37 -41.27 -19.83 -3.20
CA GLU D 37 -41.50 -18.74 -4.12
C GLU D 37 -40.19 -18.25 -4.74
N ARG D 38 -39.15 -18.14 -3.91
CA ARG D 38 -37.86 -17.66 -4.38
C ARG D 38 -37.14 -18.68 -5.25
N SER D 39 -37.25 -19.96 -4.93
CA SER D 39 -36.63 -21.01 -5.76
C SER D 39 -37.08 -20.92 -7.22
N LYS D 40 -38.39 -20.75 -7.42
CA LYS D 40 -38.96 -20.67 -8.77
C LYS D 40 -38.54 -19.40 -9.55
N GLU D 41 -38.43 -18.27 -8.84
CA GLU D 41 -37.98 -17.01 -9.46
C GLU D 41 -36.54 -17.12 -9.93
N ILE D 42 -35.73 -17.80 -9.13
CA ILE D 42 -34.32 -18.00 -9.42
C ILE D 42 -34.14 -19.01 -10.56
N ALA D 43 -34.89 -20.11 -10.51
CA ALA D 43 -34.90 -21.11 -11.58
C ALA D 43 -35.31 -20.49 -12.92
N GLU D 44 -36.30 -19.61 -12.86
CA GLU D 44 -36.76 -18.84 -14.00
C GLU D 44 -35.58 -18.04 -14.59
N GLN D 45 -34.90 -17.29 -13.74
CA GLN D 45 -33.78 -16.46 -14.18
C GLN D 45 -32.55 -17.22 -14.68
N LEU D 46 -32.30 -18.40 -14.11
CA LEU D 46 -31.06 -19.11 -14.40
C LEU D 46 -31.24 -20.28 -15.36
N ALA D 47 -32.50 -20.58 -15.69
CA ALA D 47 -32.87 -21.73 -16.53
C ALA D 47 -32.30 -23.02 -15.94
N LEU D 48 -32.78 -23.33 -14.74
CA LEU D 48 -32.33 -24.53 -14.01
C LEU D 48 -33.48 -25.09 -13.18
N PRO D 49 -33.51 -26.42 -13.00
CA PRO D 49 -34.50 -27.05 -12.13
C PRO D 49 -34.37 -26.57 -10.70
N TYR D 50 -35.51 -26.52 -9.99
CA TYR D 50 -35.52 -26.22 -8.57
C TYR D 50 -36.09 -27.40 -7.81
N ALA D 51 -35.65 -27.57 -6.56
CA ALA D 51 -36.20 -28.56 -5.65
C ALA D 51 -37.36 -27.94 -4.86
N MSE D 52 -38.20 -28.80 -4.29
CA MSE D 52 -39.35 -28.37 -3.51
C MSE D 52 -38.96 -27.88 -2.10
O MSE D 52 -39.76 -27.27 -1.39
CB MSE D 52 -40.40 -29.49 -3.43
CG MSE D 52 -41.00 -29.97 -4.79
SE MSE D 52 -41.71 -28.70 -5.87
CE MSE D 52 -42.93 -27.97 -4.78
N SER D 53 -37.72 -28.19 -1.71
CA SER D 53 -37.16 -27.85 -0.39
C SER D 53 -35.69 -28.30 -0.36
N HIS D 54 -34.95 -27.86 0.65
CA HIS D 54 -33.54 -28.25 0.80
C HIS D 54 -33.36 -29.77 0.94
N GLN D 55 -34.16 -30.39 1.80
CA GLN D 55 -34.08 -31.85 1.96
C GLN D 55 -34.42 -32.56 0.66
N ASP D 56 -35.43 -32.04 -0.05
CA ASP D 56 -35.80 -32.55 -1.36
C ASP D 56 -34.59 -32.48 -2.31
N LEU D 57 -33.84 -31.38 -2.23
CA LEU D 57 -32.61 -31.21 -2.99
C LEU D 57 -31.57 -32.25 -2.56
N ILE D 58 -31.32 -32.31 -1.24
CA ILE D 58 -30.32 -33.22 -0.67
C ILE D 58 -30.56 -34.67 -1.09
N ASP D 59 -31.83 -35.06 -1.07
CA ASP D 59 -32.23 -36.44 -1.29
C ASP D 59 -31.90 -36.95 -2.70
N GLN D 60 -31.77 -36.03 -3.67
CA GLN D 60 -31.63 -36.43 -5.06
C GLN D 60 -30.31 -36.04 -5.70
N VAL D 61 -29.29 -35.82 -4.88
CA VAL D 61 -28.10 -35.14 -5.36
C VAL D 61 -26.78 -35.79 -4.90
N ASP D 62 -25.78 -35.79 -5.77
CA ASP D 62 -24.47 -36.39 -5.48
C ASP D 62 -23.55 -35.46 -4.71
N LEU D 63 -23.77 -34.15 -4.87
CA LEU D 63 -22.90 -33.13 -4.28
C LEU D 63 -23.73 -31.90 -3.94
N VAL D 64 -23.46 -31.29 -2.79
CA VAL D 64 -24.13 -30.03 -2.40
C VAL D 64 -23.13 -28.86 -2.41
N ILE D 65 -23.51 -27.77 -3.06
CA ILE D 65 -22.77 -26.52 -2.96
C ILE D 65 -23.61 -25.54 -2.13
N LEU D 66 -23.01 -24.97 -1.10
CA LEU D 66 -23.65 -23.96 -0.28
C LEU D 66 -23.33 -22.50 -0.71
N GLY D 67 -24.38 -21.75 -1.04
CA GLY D 67 -24.24 -20.34 -1.42
C GLY D 67 -24.91 -19.35 -0.48
N ILE D 68 -25.30 -19.82 0.70
CA ILE D 68 -25.85 -18.92 1.73
C ILE D 68 -24.74 -18.15 2.46
N LYS D 69 -25.12 -17.08 3.13
CA LYS D 69 -24.20 -16.28 3.94
C LYS D 69 -23.69 -17.06 5.16
N PRO D 70 -22.46 -16.76 5.64
CA PRO D 70 -21.92 -17.44 6.83
C PRO D 70 -22.81 -17.29 8.07
N GLN D 71 -23.40 -16.12 8.25
CA GLN D 71 -24.28 -15.84 9.39
C GLN D 71 -25.46 -16.80 9.50
N LEU D 72 -25.83 -17.45 8.39
CA LEU D 72 -26.99 -18.35 8.34
C LEU D 72 -26.70 -19.85 8.40
N PHE D 73 -25.44 -20.25 8.38
CA PHE D 73 -25.08 -21.69 8.38
C PHE D 73 -25.80 -22.50 9.49
N GLU D 74 -25.62 -22.07 10.74
CA GLU D 74 -26.22 -22.74 11.88
C GLU D 74 -27.75 -22.91 11.73
N THR D 75 -28.46 -21.80 11.51
CA THR D 75 -29.91 -21.81 11.39
C THR D 75 -30.40 -22.71 10.24
N VAL D 76 -29.72 -22.63 9.10
CA VAL D 76 -30.19 -23.29 7.88
C VAL D 76 -29.78 -24.77 7.79
N LEU D 77 -28.56 -25.09 8.23
CA LEU D 77 -27.98 -26.41 8.00
C LEU D 77 -28.30 -27.47 9.08
N LYS D 78 -28.45 -27.04 10.33
CA LYS D 78 -28.69 -27.99 11.45
C LYS D 78 -29.94 -28.88 11.27
N PRO D 79 -31.10 -28.27 10.95
CA PRO D 79 -32.35 -29.02 10.72
C PRO D 79 -32.31 -30.05 9.58
N LEU D 80 -31.30 -29.98 8.72
CA LEU D 80 -31.26 -30.83 7.52
C LEU D 80 -30.45 -32.11 7.75
N HIS D 81 -30.59 -33.08 6.85
CA HIS D 81 -29.85 -34.33 6.96
C HIS D 81 -29.05 -34.58 5.69
N PHE D 82 -27.75 -34.31 5.76
CA PHE D 82 -26.91 -34.40 4.57
C PHE D 82 -26.37 -35.81 4.35
N LYS D 83 -26.16 -36.15 3.09
CA LYS D 83 -25.95 -37.52 2.71
C LYS D 83 -24.90 -37.65 1.62
N GLN D 84 -24.06 -36.61 1.47
CA GLN D 84 -23.07 -36.51 0.39
C GLN D 84 -22.01 -35.45 0.69
N PRO D 85 -20.90 -35.44 -0.09
CA PRO D 85 -19.92 -34.36 0.10
C PRO D 85 -20.56 -32.98 -0.05
N ILE D 86 -20.03 -32.00 0.70
CA ILE D 86 -20.53 -30.62 0.67
C ILE D 86 -19.38 -29.63 0.43
N ILE D 87 -19.62 -28.69 -0.50
CA ILE D 87 -18.72 -27.56 -0.74
C ILE D 87 -19.34 -26.26 -0.20
N SER D 88 -18.64 -25.64 0.75
CA SER D 88 -18.96 -24.32 1.21
C SER D 88 -18.14 -23.25 0.44
N MSE D 89 -18.79 -22.15 0.06
CA MSE D 89 -18.05 -20.97 -0.50
C MSE D 89 -18.00 -19.81 0.51
O MSE D 89 -17.66 -18.68 0.14
CB MSE D 89 -18.66 -20.48 -1.82
CG MSE D 89 -20.00 -19.67 -1.72
SE MSE D 89 -20.81 -19.24 -3.32
CE MSE D 89 -20.69 -20.87 -4.13
N ALA D 90 -18.36 -20.09 1.75
CA ALA D 90 -18.56 -19.00 2.70
C ALA D 90 -17.24 -18.52 3.31
N ALA D 91 -17.12 -17.20 3.42
CA ALA D 91 -16.04 -16.57 4.18
C ALA D 91 -16.11 -16.99 5.65
N GLY D 92 -14.96 -17.22 6.26
CA GLY D 92 -14.87 -17.30 7.71
C GLY D 92 -15.31 -18.52 8.50
N ILE D 93 -15.86 -19.54 7.83
CA ILE D 93 -16.31 -20.74 8.52
C ILE D 93 -15.46 -21.94 8.18
N SER D 94 -14.78 -22.48 9.19
CA SER D 94 -13.85 -23.58 9.00
C SER D 94 -14.58 -24.86 8.72
N LEU D 95 -13.88 -25.78 8.08
CA LEU D 95 -14.35 -27.13 7.85
C LEU D 95 -14.76 -27.76 9.17
N GLN D 96 -13.96 -27.53 10.22
CA GLN D 96 -14.25 -28.10 11.52
C GLN D 96 -15.59 -27.62 12.05
N ARG D 97 -15.87 -26.34 11.87
CA ARG D 97 -17.13 -25.76 12.28
C ARG D 97 -18.28 -26.24 11.38
N LEU D 98 -18.01 -26.38 10.08
CA LEU D 98 -19.03 -26.93 9.17
C LEU D 98 -19.46 -28.35 9.60
N ALA D 99 -18.49 -29.22 9.87
CA ALA D 99 -18.74 -30.57 10.37
C ALA D 99 -19.65 -30.61 11.63
N THR D 100 -19.52 -29.64 12.52
CA THR D 100 -20.44 -29.57 13.66
C THR D 100 -21.90 -29.23 13.27
N PHE D 101 -22.10 -28.63 12.08
CA PHE D 101 -23.43 -28.30 11.59
C PHE D 101 -23.99 -29.44 10.72
N VAL D 102 -23.12 -30.18 10.03
CA VAL D 102 -23.62 -31.16 9.05
C VAL D 102 -23.22 -32.62 9.31
N GLY D 103 -22.30 -32.83 10.24
CA GLY D 103 -21.92 -34.19 10.60
C GLY D 103 -20.46 -34.52 10.38
N GLN D 104 -19.98 -35.46 11.19
CA GLN D 104 -18.57 -35.78 11.24
C GLN D 104 -18.18 -36.86 10.27
N ASP D 105 -19.14 -37.36 9.50
CA ASP D 105 -18.87 -38.48 8.60
C ASP D 105 -18.90 -38.11 7.12
N LEU D 106 -18.79 -36.82 6.83
CA LEU D 106 -18.92 -36.33 5.45
C LEU D 106 -17.62 -35.75 4.93
N PRO D 107 -17.25 -36.10 3.68
CA PRO D 107 -16.19 -35.33 3.01
C PRO D 107 -16.70 -33.89 2.87
N LEU D 108 -15.94 -32.91 3.36
CA LEU D 108 -16.31 -31.50 3.26
C LEU D 108 -15.19 -30.72 2.56
N LEU D 109 -15.59 -29.80 1.66
CA LEU D 109 -14.64 -28.94 0.96
C LEU D 109 -15.00 -27.48 1.11
N ARG D 110 -13.98 -26.64 1.08
CA ARG D 110 -14.19 -25.20 0.97
C ARG D 110 -13.62 -24.67 -0.32
N ILE D 111 -14.34 -23.75 -0.94
CA ILE D 111 -13.79 -22.93 -1.99
C ILE D 111 -13.88 -21.44 -1.67
N MSE D 112 -13.00 -20.65 -2.26
CA MSE D 112 -13.12 -19.20 -2.17
C MSE D 112 -12.96 -18.63 -3.56
O MSE D 112 -11.82 -18.50 -4.04
CB MSE D 112 -12.12 -18.58 -1.19
CG MSE D 112 -12.26 -17.06 -0.97
SE MSE D 112 -13.93 -16.43 -0.68
CE MSE D 112 -14.38 -17.49 0.71
N PRO D 113 -14.08 -18.36 -4.23
CA PRO D 113 -14.08 -17.75 -5.54
C PRO D 113 -14.21 -16.23 -5.46
N ASN D 114 -14.29 -15.59 -6.63
CA ASN D 114 -14.67 -14.18 -6.73
C ASN D 114 -15.58 -13.93 -7.91
N MSE D 115 -16.03 -12.68 -8.06
CA MSE D 115 -17.09 -12.31 -9.01
C MSE D 115 -16.70 -12.48 -10.46
O MSE D 115 -17.56 -12.43 -11.33
CB MSE D 115 -17.56 -10.86 -8.74
CG MSE D 115 -19.01 -10.53 -9.25
SE MSE D 115 -20.39 -11.53 -8.59
CE MSE D 115 -20.27 -11.24 -6.83
N ASN D 116 -15.40 -12.64 -10.72
CA ASN D 116 -14.88 -12.88 -12.06
C ASN D 116 -15.25 -14.26 -12.59
N ALA D 117 -15.86 -15.06 -11.72
CA ALA D 117 -16.52 -16.28 -12.18
C ALA D 117 -17.56 -15.96 -13.27
N GLN D 118 -18.11 -14.74 -13.24
CA GLN D 118 -19.05 -14.26 -14.27
C GLN D 118 -18.51 -14.38 -15.68
N ILE D 119 -17.20 -14.23 -15.81
CA ILE D 119 -16.56 -14.36 -17.13
C ILE D 119 -15.61 -15.56 -17.16
N LEU D 120 -15.82 -16.50 -16.25
CA LEU D 120 -15.00 -17.72 -16.15
C LEU D 120 -13.51 -17.47 -15.85
N GLN D 121 -13.25 -16.46 -15.01
CA GLN D 121 -11.89 -16.06 -14.67
C GLN D 121 -11.72 -15.78 -13.18
N SER D 122 -12.47 -16.52 -12.36
CA SER D 122 -12.29 -16.52 -10.91
C SER D 122 -10.89 -16.99 -10.53
N SER D 123 -10.42 -16.48 -9.39
CA SER D 123 -9.22 -16.99 -8.74
C SER D 123 -9.70 -17.70 -7.47
N THR D 124 -9.83 -19.03 -7.55
CA THR D 124 -10.55 -19.82 -6.54
C THR D 124 -9.63 -20.74 -5.74
N ALA D 125 -9.64 -20.57 -4.43
CA ALA D 125 -8.95 -21.46 -3.50
C ALA D 125 -9.78 -22.72 -3.31
N LEU D 126 -9.11 -23.84 -3.07
CA LEU D 126 -9.80 -25.11 -2.86
C LEU D 126 -9.08 -25.89 -1.78
N THR D 127 -9.85 -26.44 -0.84
CA THR D 127 -9.29 -27.31 0.18
C THR D 127 -10.36 -28.30 0.68
N GLY D 128 -9.90 -29.44 1.23
CA GLY D 128 -10.82 -30.46 1.75
C GLY D 128 -10.43 -30.96 3.15
N ASN D 129 -11.40 -31.48 3.90
CA ASN D 129 -11.09 -32.12 5.17
C ASN D 129 -10.42 -33.51 4.99
N ALA D 130 -10.17 -34.20 6.10
CA ALA D 130 -9.47 -35.50 6.07
C ALA D 130 -10.22 -36.60 5.31
N LEU D 131 -11.53 -36.42 5.15
CA LEU D 131 -12.39 -37.41 4.49
C LEU D 131 -12.44 -37.29 2.98
N VAL D 132 -11.88 -36.21 2.45
CA VAL D 132 -11.84 -35.97 1.00
C VAL D 132 -10.75 -36.80 0.31
N SER D 133 -11.13 -37.61 -0.66
CA SER D 133 -10.17 -38.45 -1.37
C SER D 133 -9.40 -37.65 -2.41
N GLN D 134 -8.30 -38.22 -2.91
CA GLN D 134 -7.58 -37.69 -4.06
C GLN D 134 -8.57 -37.43 -5.19
N GLU D 135 -9.37 -38.46 -5.50
CA GLU D 135 -10.30 -38.44 -6.63
C GLU D 135 -11.43 -37.41 -6.47
N LEU D 136 -12.03 -37.31 -5.30
CA LEU D 136 -13.08 -36.31 -5.06
C LEU D 136 -12.54 -34.88 -5.26
N GLN D 137 -11.36 -34.57 -4.73
CA GLN D 137 -10.82 -33.21 -4.82
C GLN D 137 -10.50 -32.89 -6.27
N ALA D 138 -10.08 -33.92 -7.01
CA ALA D 138 -9.80 -33.81 -8.44
C ALA D 138 -11.09 -33.50 -9.21
N ARG D 139 -12.19 -34.14 -8.79
CA ARG D 139 -13.50 -33.86 -9.35
C ARG D 139 -13.96 -32.44 -9.02
N VAL D 140 -13.76 -31.99 -7.77
CA VAL D 140 -14.06 -30.59 -7.40
C VAL D 140 -13.13 -29.63 -8.16
N ARG D 141 -11.85 -29.97 -8.31
CA ARG D 141 -10.92 -29.15 -9.09
C ARG D 141 -11.45 -28.89 -10.51
N ASP D 142 -11.96 -29.94 -11.19
CA ASP D 142 -12.62 -29.75 -12.50
C ASP D 142 -13.79 -28.78 -12.41
N LEU D 143 -14.56 -28.85 -11.33
CA LEU D 143 -15.67 -27.90 -11.12
C LEU D 143 -15.24 -26.43 -11.07
N THR D 144 -14.22 -26.14 -10.27
CA THR D 144 -13.78 -24.75 -10.07
C THR D 144 -13.00 -24.29 -11.30
N ASP D 145 -12.30 -25.23 -11.95
CA ASP D 145 -11.60 -24.93 -13.20
C ASP D 145 -12.58 -24.47 -14.28
N SER D 146 -13.86 -24.80 -14.12
CA SER D 146 -14.85 -24.42 -15.13
C SER D 146 -15.27 -22.94 -15.09
N PHE D 147 -14.95 -22.24 -13.99
CA PHE D 147 -15.21 -20.79 -13.89
C PHE D 147 -13.96 -19.98 -13.49
N GLY D 148 -12.78 -20.54 -13.74
CA GLY D 148 -11.54 -19.81 -13.54
C GLY D 148 -10.35 -20.70 -13.33
N SER D 149 -9.40 -20.22 -12.56
CA SER D 149 -8.28 -21.02 -12.13
C SER D 149 -8.53 -21.51 -10.72
N THR D 150 -7.76 -22.52 -10.29
CA THR D 150 -7.89 -23.10 -8.96
C THR D 150 -6.55 -23.11 -8.25
N PHE D 151 -6.55 -22.66 -6.99
CA PHE D 151 -5.37 -22.70 -6.13
C PHE D 151 -5.54 -23.71 -4.98
N ASP D 152 -4.63 -24.67 -4.89
CA ASP D 152 -4.61 -25.63 -3.79
C ASP D 152 -3.98 -24.89 -2.64
N ILE D 153 -4.78 -24.37 -1.73
CA ILE D 153 -4.20 -23.68 -0.60
C ILE D 153 -4.65 -24.29 0.72
N SER D 154 -3.78 -24.29 1.71
CA SER D 154 -4.13 -24.92 2.95
C SER D 154 -5.17 -24.03 3.67
N GLU D 155 -6.02 -24.64 4.51
CA GLU D 155 -7.15 -23.93 5.10
C GLU D 155 -6.71 -22.84 6.06
N LYS D 156 -5.54 -23.03 6.67
CA LYS D 156 -5.02 -22.01 7.56
C LYS D 156 -4.75 -20.71 6.78
N ASP D 157 -4.71 -20.82 5.45
CA ASP D 157 -4.47 -19.66 4.59
C ASP D 157 -5.73 -19.08 3.95
N PHE D 158 -6.90 -19.63 4.31
CA PHE D 158 -8.15 -19.25 3.62
C PHE D 158 -8.62 -17.84 3.88
N ASP D 159 -8.47 -17.33 5.10
CA ASP D 159 -8.94 -15.99 5.41
C ASP D 159 -8.11 -14.96 4.64
N THR D 160 -6.81 -15.17 4.56
CA THR D 160 -5.94 -14.33 3.76
C THR D 160 -6.28 -14.43 2.26
N PHE D 161 -6.52 -15.66 1.77
CA PHE D 161 -6.92 -15.81 0.34
C PHE D 161 -8.24 -15.08 0.09
N THR D 162 -9.20 -15.18 1.01
CA THR D 162 -10.48 -14.46 0.91
C THR D 162 -10.27 -12.95 0.65
N ALA D 163 -9.36 -12.35 1.39
CA ALA D 163 -9.06 -10.94 1.23
C ALA D 163 -8.33 -10.64 -0.07
N LEU D 164 -7.30 -11.43 -0.42
CA LEU D 164 -6.50 -11.14 -1.60
C LEU D 164 -7.24 -11.34 -2.89
N ALA D 165 -8.22 -12.26 -2.89
CA ALA D 165 -8.84 -12.69 -4.15
C ALA D 165 -10.37 -12.56 -4.19
N GLY D 166 -11.01 -12.78 -3.05
CA GLY D 166 -12.47 -12.72 -2.95
C GLY D 166 -12.98 -11.31 -2.77
N SER D 167 -12.42 -10.59 -1.80
CA SER D 167 -12.78 -9.20 -1.53
C SER D 167 -12.11 -8.19 -2.46
N SER D 168 -10.89 -8.50 -2.92
CA SER D 168 -10.06 -7.54 -3.62
C SER D 168 -10.63 -6.92 -4.90
N PRO D 169 -11.45 -7.67 -5.68
CA PRO D 169 -12.04 -7.01 -6.83
C PRO D 169 -12.76 -5.71 -6.45
N ALA D 170 -13.44 -5.68 -5.32
CA ALA D 170 -14.08 -4.44 -4.85
C ALA D 170 -13.05 -3.35 -4.61
N TYR D 171 -11.89 -3.73 -4.08
CA TYR D 171 -10.81 -2.77 -3.82
C TYR D 171 -10.15 -2.29 -5.13
N ILE D 172 -10.01 -3.20 -6.09
CA ILE D 172 -9.56 -2.88 -7.42
C ILE D 172 -10.51 -1.91 -8.12
N TYR D 173 -11.81 -2.11 -8.01
CA TYR D 173 -12.77 -1.17 -8.59
C TYR D 173 -12.82 0.19 -7.88
N LEU D 174 -12.63 0.22 -6.57
CA LEU D 174 -12.59 1.54 -5.88
C LEU D 174 -11.38 2.33 -6.37
N PHE D 175 -10.28 1.61 -6.60
CA PHE D 175 -9.04 2.22 -7.09
C PHE D 175 -9.24 2.78 -8.50
N ILE D 176 -9.75 1.93 -9.42
CA ILE D 176 -10.10 2.35 -10.77
C ILE D 176 -11.05 3.57 -10.76
N GLU D 177 -12.08 3.49 -9.93
CA GLU D 177 -13.04 4.59 -9.79
C GLU D 177 -12.34 5.86 -9.36
N ALA D 178 -11.36 5.75 -8.46
CA ALA D 178 -10.64 6.93 -7.93
C ALA D 178 -9.81 7.58 -9.05
N LEU D 179 -9.22 6.74 -9.91
CA LEU D 179 -8.43 7.20 -11.03
C LEU D 179 -9.33 7.89 -12.05
N ALA D 180 -10.49 7.30 -12.33
CA ALA D 180 -11.48 7.87 -13.23
C ALA D 180 -12.06 9.20 -12.72
N LYS D 181 -12.38 9.29 -11.43
CA LYS D 181 -12.84 10.56 -10.85
C LYS D 181 -11.78 11.65 -10.86
N ALA D 182 -10.51 11.27 -10.69
CA ALA D 182 -9.38 12.21 -10.83
C ALA D 182 -9.37 12.78 -12.25
N GLY D 183 -9.57 11.90 -13.24
CA GLY D 183 -9.81 12.32 -14.62
C GLY D 183 -10.92 13.35 -14.78
N VAL D 184 -12.12 13.04 -14.29
CA VAL D 184 -13.23 14.01 -14.32
C VAL D 184 -12.83 15.35 -13.66
N LYS D 185 -12.23 15.28 -12.47
CA LYS D 185 -11.87 16.48 -11.75
C LYS D 185 -11.05 17.36 -12.68
N ASN D 186 -10.22 16.70 -13.50
CA ASN D 186 -9.26 17.36 -14.36
C ASN D 186 -9.69 17.49 -15.84
N GLY D 187 -10.99 17.35 -16.10
CA GLY D 187 -11.54 17.80 -17.37
C GLY D 187 -11.89 16.71 -18.36
N ILE D 188 -11.63 15.45 -18.02
CA ILE D 188 -11.97 14.34 -18.92
C ILE D 188 -13.27 13.63 -18.52
N PRO D 189 -14.22 13.45 -19.47
CA PRO D 189 -15.49 12.82 -19.14
C PRO D 189 -15.34 11.45 -18.50
N LYS D 190 -16.24 11.14 -17.58
CA LYS D 190 -16.19 9.92 -16.78
C LYS D 190 -16.05 8.65 -17.63
N ALA D 191 -16.90 8.50 -18.66
CA ALA D 191 -16.87 7.32 -19.53
C ALA D 191 -15.51 7.16 -20.22
N LYS D 192 -15.03 8.26 -20.78
CA LYS D 192 -13.72 8.30 -21.40
C LYS D 192 -12.58 7.99 -20.40
N ALA D 193 -12.59 8.68 -19.26
CA ALA D 193 -11.60 8.44 -18.21
C ALA D 193 -11.59 6.97 -17.84
N LEU D 194 -12.77 6.39 -17.70
CA LEU D 194 -12.88 5.02 -17.23
C LEU D 194 -12.38 4.04 -18.30
N GLU D 195 -12.66 4.35 -19.57
CA GLU D 195 -12.20 3.51 -20.66
C GLU D 195 -10.66 3.46 -20.69
N ILE D 196 -10.03 4.64 -20.59
CA ILE D 196 -8.56 4.76 -20.56
C ILE D 196 -7.95 4.01 -19.36
N VAL D 197 -8.46 4.25 -18.15
CA VAL D 197 -7.81 3.61 -17.01
C VAL D 197 -8.05 2.12 -16.96
N THR D 198 -9.24 1.66 -17.35
CA THR D 198 -9.57 0.22 -17.28
C THR D 198 -8.65 -0.55 -18.26
N GLN D 199 -8.42 0.04 -19.42
CA GLN D 199 -7.57 -0.54 -20.46
C GLN D 199 -6.12 -0.56 -20.00
N THR D 200 -5.70 0.49 -19.29
CA THR D 200 -4.35 0.58 -18.73
C THR D 200 -4.12 -0.44 -17.60
N VAL D 201 -5.05 -0.54 -16.65
CA VAL D 201 -4.99 -1.57 -15.59
C VAL D 201 -4.91 -2.97 -16.21
N LEU D 202 -5.75 -3.22 -17.21
CA LEU D 202 -5.77 -4.53 -17.86
C LEU D 202 -4.42 -4.86 -18.51
N ALA D 203 -3.87 -3.90 -19.27
CA ALA D 203 -2.59 -4.09 -19.95
C ALA D 203 -1.39 -4.18 -18.98
N SER D 204 -1.39 -3.30 -17.96
CA SER D 204 -0.37 -3.31 -16.90
C SER D 204 -0.29 -4.67 -16.22
N ALA D 205 -1.44 -5.16 -15.76
CA ALA D 205 -1.46 -6.48 -15.11
C ALA D 205 -1.02 -7.60 -16.08
N SER D 206 -1.36 -7.48 -17.36
CA SER D 206 -0.94 -8.48 -18.36
C SER D 206 0.59 -8.43 -18.57
N ASN D 207 1.15 -7.22 -18.64
CA ASN D 207 2.59 -7.04 -18.79
C ASN D 207 3.33 -7.63 -17.58
N LEU D 208 2.81 -7.33 -16.40
CA LEU D 208 3.41 -7.90 -15.19
C LEU D 208 3.40 -9.44 -15.20
N LYS D 209 2.26 -10.01 -15.55
CA LYS D 209 2.09 -11.44 -15.56
C LYS D 209 3.10 -12.14 -16.48
N THR D 210 3.34 -11.57 -17.65
CA THR D 210 4.23 -12.18 -18.63
C THR D 210 5.71 -11.80 -18.50
N SER D 211 6.00 -10.75 -17.73
CA SER D 211 7.39 -10.35 -17.50
C SER D 211 7.93 -11.14 -16.33
N SER D 212 9.25 -11.17 -16.19
CA SER D 212 9.88 -11.74 -15.01
C SER D 212 10.23 -10.63 -14.00
N GLN D 213 10.05 -9.38 -14.41
CA GLN D 213 10.31 -8.24 -13.55
C GLN D 213 9.26 -8.11 -12.44
N SER D 214 9.69 -7.62 -11.28
CA SER D 214 8.80 -7.37 -10.16
C SER D 214 7.98 -6.08 -10.39
N PRO D 215 6.90 -5.88 -9.64
CA PRO D 215 6.22 -4.57 -9.69
C PRO D 215 7.14 -3.36 -9.43
N HIS D 216 8.04 -3.48 -8.47
CA HIS D 216 9.03 -2.43 -8.22
C HIS D 216 10.04 -2.22 -9.35
N ASP D 217 10.45 -3.31 -10.03
CA ASP D 217 11.24 -3.20 -11.25
C ASP D 217 10.51 -2.33 -12.28
N PHE D 218 9.24 -2.62 -12.53
CA PHE D 218 8.43 -1.83 -13.46
C PHE D 218 8.36 -0.36 -13.00
N ILE D 219 8.11 -0.15 -11.73
CA ILE D 219 8.09 1.23 -11.21
C ILE D 219 9.37 1.97 -11.57
N ASP D 220 10.53 1.32 -11.38
CA ASP D 220 11.79 1.95 -11.72
C ASP D 220 11.86 2.33 -13.21
N ALA D 221 11.30 1.49 -14.08
CA ALA D 221 11.28 1.74 -15.52
C ALA D 221 10.42 2.94 -15.86
N ILE D 222 9.25 3.01 -15.25
CA ILE D 222 8.26 4.04 -15.55
C ILE D 222 8.63 5.44 -14.97
N CYS D 223 9.39 5.47 -13.87
CA CYS D 223 9.76 6.73 -13.21
C CYS D 223 10.96 7.44 -13.85
N SER D 224 10.74 8.18 -14.95
CA SER D 224 11.83 8.95 -15.58
C SER D 224 12.36 9.94 -14.54
N PRO D 225 13.69 10.12 -14.46
CA PRO D 225 14.27 11.09 -13.53
C PRO D 225 13.68 12.50 -13.69
N GLY D 226 13.36 13.15 -12.57
CA GLY D 226 12.77 14.50 -12.60
C GLY D 226 11.44 14.57 -13.37
N GLY D 227 10.77 13.41 -13.49
CA GLY D 227 9.55 13.30 -14.28
C GLY D 227 8.25 13.41 -13.49
N THR D 228 7.15 13.09 -14.18
CA THR D 228 5.81 13.27 -13.60
C THR D 228 5.41 12.08 -12.68
N THR D 229 5.78 10.85 -13.09
CA THR D 229 5.43 9.62 -12.37
C THR D 229 6.04 9.60 -10.97
N ILE D 230 7.34 9.87 -10.90
CA ILE D 230 8.00 9.94 -9.59
C ILE D 230 7.34 10.98 -8.64
N ALA D 231 6.82 12.07 -9.19
CA ALA D 231 6.13 13.08 -8.37
C ALA D 231 4.82 12.53 -7.80
N GLY D 232 4.06 11.82 -8.63
CA GLY D 232 2.82 11.17 -8.19
C GLY D 232 3.09 10.05 -7.20
N LEU D 233 4.12 9.25 -7.50
CA LEU D 233 4.54 8.14 -6.63
C LEU D 233 4.89 8.57 -5.20
N MSE D 234 5.65 9.65 -5.07
CA MSE D 234 6.04 10.16 -3.75
C MSE D 234 4.81 10.74 -3.04
O MSE D 234 4.75 10.73 -1.82
CB MSE D 234 7.16 11.18 -3.83
CG MSE D 234 8.58 10.60 -4.04
SE MSE D 234 9.14 9.24 -2.93
CE MSE D 234 8.73 7.98 -4.05
N GLU D 235 3.82 11.21 -3.81
CA GLU D 235 2.52 11.61 -3.21
C GLU D 235 1.71 10.42 -2.65
N LEU D 236 1.62 9.30 -3.38
CA LEU D 236 1.15 8.02 -2.82
C LEU D 236 1.87 7.56 -1.54
N GLU D 237 3.21 7.68 -1.53
CA GLU D 237 4.03 7.44 -0.36
C GLU D 237 3.66 8.38 0.79
N ARG D 238 3.56 9.66 0.49
CA ARG D 238 3.22 10.63 1.51
C ARG D 238 1.90 10.32 2.17
N LEU D 239 0.88 10.01 1.37
CA LEU D 239 -0.47 9.85 1.89
C LEU D 239 -0.75 8.42 2.37
N GLY D 240 0.17 7.51 2.07
CA GLY D 240 0.16 6.15 2.66
C GLY D 240 -0.61 5.11 1.85
N LEU D 241 -0.50 5.14 0.53
CA LEU D 241 -1.29 4.20 -0.27
C LEU D 241 -1.05 2.77 0.23
N THR D 242 0.23 2.39 0.36
CA THR D 242 0.57 1.01 0.74
C THR D 242 -0.01 0.60 2.11
N ALA D 243 0.16 1.46 3.10
CA ALA D 243 -0.37 1.16 4.43
C ALA D 243 -1.91 1.15 4.44
N THR D 244 -2.51 2.02 3.65
CA THR D 244 -3.98 2.00 3.51
C THR D 244 -4.49 0.64 2.98
N VAL D 245 -3.90 0.15 1.89
CA VAL D 245 -4.32 -1.15 1.30
C VAL D 245 -4.11 -2.29 2.30
N SER D 246 -2.98 -2.24 3.00
CA SER D 246 -2.60 -3.27 3.95
C SER D 246 -3.55 -3.29 5.14
N SER D 247 -3.86 -2.10 5.63
CA SER D 247 -4.82 -1.97 6.71
C SER D 247 -6.21 -2.51 6.29
N ALA D 248 -6.67 -2.25 5.06
CA ALA D 248 -7.95 -2.80 4.58
C ALA D 248 -7.94 -4.31 4.53
N ILE D 249 -6.82 -4.87 4.08
CA ILE D 249 -6.66 -6.31 4.04
C ILE D 249 -6.73 -6.87 5.45
N ASP D 250 -6.04 -6.22 6.40
CA ASP D 250 -6.07 -6.65 7.78
C ASP D 250 -7.51 -6.64 8.31
N LYS D 251 -8.26 -5.59 8.02
CA LYS D 251 -9.67 -5.49 8.46
C LYS D 251 -10.57 -6.54 7.82
N THR D 252 -10.33 -6.82 6.55
CA THR D 252 -11.05 -7.90 5.83
C THR D 252 -10.83 -9.24 6.55
N ILE D 253 -9.58 -9.52 6.88
CA ILE D 253 -9.20 -10.75 7.58
C ILE D 253 -9.75 -10.80 9.01
N ASP D 254 -9.64 -9.70 9.78
CA ASP D 254 -10.30 -9.60 11.11
C ASP D 254 -11.77 -10.02 11.07
N LYS D 255 -12.50 -9.47 10.09
CA LYS D 255 -13.91 -9.81 9.91
C LYS D 255 -14.09 -11.29 9.60
N ALA D 256 -13.24 -11.83 8.75
CA ALA D 256 -13.35 -13.25 8.41
C ALA D 256 -13.14 -14.09 9.68
N LYS D 257 -12.09 -13.76 10.44
CA LYS D 257 -11.85 -14.39 11.74
C LYS D 257 -13.07 -14.33 12.67
N SER D 258 -13.71 -13.17 12.78
CA SER D 258 -14.82 -13.05 13.74
C SER D 258 -16.07 -13.80 13.25
N LEU D 259 -16.23 -13.94 11.94
CA LEU D 259 -17.37 -14.73 11.44
C LEU D 259 -17.25 -16.19 11.89
N SER E 1 -66.44 -3.86 19.26
CA SER E 1 -65.96 -3.12 18.05
C SER E 1 -64.49 -3.39 17.80
N ASN E 2 -64.04 -3.12 16.57
CA ASN E 2 -62.61 -3.12 16.22
C ASN E 2 -61.78 -2.21 17.13
N ALA E 3 -62.44 -1.24 17.75
CA ALA E 3 -61.78 -0.30 18.64
C ALA E 3 -61.27 -1.00 19.89
N MSE E 4 -60.02 -0.72 20.25
CA MSE E 4 -59.48 -1.20 21.53
C MSE E 4 -59.11 -0.02 22.43
O MSE E 4 -59.13 1.13 22.00
CB MSE E 4 -58.34 -2.23 21.37
CG MSE E 4 -57.31 -1.98 20.26
SE MSE E 4 -56.03 -3.30 20.12
CE MSE E 4 -55.44 -2.95 18.46
N LYS E 5 -58.82 -0.29 23.70
CA LYS E 5 -58.27 0.73 24.57
C LYS E 5 -56.76 0.55 24.66
N ILE E 6 -56.02 1.62 24.37
CA ILE E 6 -54.56 1.61 24.40
C ILE E 6 -54.02 2.58 25.46
N GLY E 7 -53.18 2.05 26.34
CA GLY E 7 -52.51 2.86 27.35
C GLY E 7 -51.06 3.07 27.02
N ILE E 8 -50.56 4.28 27.26
CA ILE E 8 -49.16 4.61 27.03
C ILE E 8 -48.48 4.97 28.34
N ILE E 9 -47.45 4.21 28.69
CA ILE E 9 -46.67 4.46 29.89
C ILE E 9 -45.38 5.20 29.54
N GLY E 10 -45.26 6.43 30.07
CA GLY E 10 -44.18 7.33 29.69
C GLY E 10 -44.47 8.03 28.37
N VAL E 11 -44.64 9.34 28.43
CA VAL E 11 -44.96 10.12 27.24
C VAL E 11 -44.02 11.31 27.12
N GLY E 12 -42.92 11.07 26.43
CA GLY E 12 -41.96 12.12 26.12
C GLY E 12 -42.12 12.52 24.68
N LYS E 13 -41.02 12.97 24.08
CA LYS E 13 -41.04 13.47 22.72
C LYS E 13 -41.47 12.41 21.69
N MSE E 14 -40.87 11.21 21.77
CA MSE E 14 -41.17 10.18 20.77
C MSE E 14 -42.63 9.66 20.92
O MSE E 14 -43.37 9.60 19.92
CB MSE E 14 -40.13 9.05 20.82
CG MSE E 14 -40.06 8.13 19.58
SE MSE E 14 -39.97 8.85 17.95
CE MSE E 14 -41.67 8.58 17.45
N ALA E 15 -43.05 9.36 22.14
CA ALA E 15 -44.43 8.93 22.38
C ALA E 15 -45.46 10.01 22.04
N SER E 16 -45.16 11.26 22.39
CA SER E 16 -46.04 12.38 21.99
C SER E 16 -46.24 12.41 20.48
N ALA E 17 -45.15 12.29 19.71
CA ALA E 17 -45.22 12.21 18.25
C ALA E 17 -46.19 11.12 17.73
N ILE E 18 -46.16 9.91 18.28
CA ILE E 18 -47.05 8.85 17.76
C ILE E 18 -48.53 8.99 18.19
N ILE E 19 -48.80 9.78 19.22
CA ILE E 19 -50.17 10.03 19.68
C ILE E 19 -51.03 10.62 18.57
N LYS E 20 -50.52 11.67 17.92
CA LYS E 20 -51.21 12.29 16.80
C LYS E 20 -51.74 11.27 15.79
N GLY E 21 -50.88 10.34 15.35
CA GLY E 21 -51.29 9.26 14.44
C GLY E 21 -52.31 8.31 15.05
N LEU E 22 -52.16 8.04 16.35
CA LEU E 22 -53.08 7.17 17.10
C LEU E 22 -54.47 7.80 17.31
N LYS E 23 -54.53 9.14 17.34
CA LYS E 23 -55.81 9.85 17.38
C LYS E 23 -56.61 9.71 16.09
N GLN E 24 -55.94 9.35 15.00
CA GLN E 24 -56.61 9.16 13.71
C GLN E 24 -57.09 7.71 13.54
N THR E 25 -56.99 6.93 14.61
CA THR E 25 -57.52 5.58 14.65
C THR E 25 -58.82 5.53 15.48
N PRO E 26 -59.59 4.41 15.36
CA PRO E 26 -60.85 4.28 16.14
C PRO E 26 -60.61 4.09 17.63
N HIS E 27 -59.35 3.85 18.02
CA HIS E 27 -59.03 3.36 19.35
C HIS E 27 -59.09 4.41 20.44
N GLU E 28 -59.24 3.94 21.66
CA GLU E 28 -59.35 4.78 22.83
C GLU E 28 -57.97 4.88 23.46
N LEU E 29 -57.59 6.08 23.88
CA LEU E 29 -56.25 6.27 24.41
C LEU E 29 -56.24 6.76 25.85
N ILE E 30 -55.26 6.28 26.61
CA ILE E 30 -55.03 6.74 27.98
C ILE E 30 -53.53 6.72 28.29
N ILE E 31 -53.05 7.74 29.00
CA ILE E 31 -51.63 7.92 29.26
C ILE E 31 -51.27 7.82 30.74
N SER E 32 -49.97 7.75 31.03
CA SER E 32 -49.46 7.63 32.39
C SER E 32 -48.00 8.11 32.45
N GLY E 33 -47.76 9.19 33.19
CA GLY E 33 -46.45 9.86 33.20
C GLY E 33 -45.49 9.41 34.28
N SER E 34 -44.49 10.26 34.57
CA SER E 34 -43.45 9.95 35.56
C SER E 34 -43.92 10.17 36.99
N SER E 35 -44.86 11.10 37.15
CA SER E 35 -45.59 11.31 38.40
C SER E 35 -47.03 11.63 38.03
N LEU E 36 -47.94 11.46 38.97
CA LEU E 36 -49.35 11.83 38.78
C LEU E 36 -49.49 13.31 38.39
N GLU E 37 -48.68 14.14 39.03
CA GLU E 37 -48.61 15.57 38.69
C GLU E 37 -48.25 15.78 37.22
N ARG E 38 -47.23 15.07 36.75
CA ARG E 38 -46.78 15.10 35.35
C ARG E 38 -47.83 14.54 34.39
N SER E 39 -48.54 13.49 34.80
CA SER E 39 -49.57 12.84 33.97
C SER E 39 -50.72 13.79 33.63
N LYS E 40 -51.32 14.38 34.68
CA LYS E 40 -52.36 15.40 34.54
C LYS E 40 -51.91 16.49 33.59
N GLU E 41 -50.69 16.98 33.83
CA GLU E 41 -50.06 18.06 33.08
C GLU E 41 -49.91 17.78 31.59
N ILE E 42 -49.52 16.56 31.21
CA ILE E 42 -49.40 16.22 29.80
C ILE E 42 -50.73 15.78 29.17
N ALA E 43 -51.60 15.18 29.98
CA ALA E 43 -52.97 14.87 29.58
C ALA E 43 -53.73 16.16 29.27
N GLU E 44 -53.42 17.20 30.04
CA GLU E 44 -53.84 18.57 29.76
C GLU E 44 -53.42 18.95 28.34
N GLN E 45 -52.10 18.89 28.08
CA GLN E 45 -51.52 19.37 26.83
C GLN E 45 -51.95 18.58 25.60
N LEU E 46 -52.24 17.30 25.78
CA LEU E 46 -52.62 16.40 24.68
C LEU E 46 -54.12 16.15 24.53
N ALA E 47 -54.89 16.67 25.49
CA ALA E 47 -56.35 16.47 25.57
C ALA E 47 -56.77 14.98 25.62
N LEU E 48 -56.20 14.26 26.58
CA LEU E 48 -56.44 12.82 26.71
C LEU E 48 -56.66 12.42 28.16
N PRO E 49 -57.35 11.27 28.39
CA PRO E 49 -57.46 10.72 29.74
C PRO E 49 -56.10 10.36 30.31
N TYR E 50 -55.93 10.54 31.62
CA TYR E 50 -54.72 10.08 32.32
C TYR E 50 -55.11 9.04 33.37
N ALA E 51 -54.14 8.20 33.75
CA ALA E 51 -54.35 7.19 34.79
C ALA E 51 -53.76 7.62 36.14
N MSE E 52 -54.35 7.07 37.20
CA MSE E 52 -53.95 7.36 38.57
C MSE E 52 -52.60 6.72 38.93
O MSE E 52 -51.92 7.17 39.86
CB MSE E 52 -55.04 6.93 39.56
CG MSE E 52 -56.38 7.67 39.40
SE MSE E 52 -56.28 9.49 39.43
CE MSE E 52 -55.41 9.80 40.97
N SER E 53 -52.23 5.68 38.18
CA SER E 53 -50.96 4.96 38.34
C SER E 53 -50.74 4.13 37.08
N HIS E 54 -49.56 3.51 36.95
CA HIS E 54 -49.31 2.60 35.82
C HIS E 54 -50.18 1.35 35.95
N GLN E 55 -50.33 0.85 37.17
CA GLN E 55 -51.19 -0.31 37.40
C GLN E 55 -52.64 0.03 37.07
N ASP E 56 -53.07 1.24 37.45
CA ASP E 56 -54.40 1.76 37.13
C ASP E 56 -54.61 1.77 35.61
N LEU E 57 -53.58 2.23 34.88
CA LEU E 57 -53.52 2.13 33.42
C LEU E 57 -53.68 0.66 32.95
N ILE E 58 -52.82 -0.22 33.46
CA ILE E 58 -52.77 -1.63 33.05
C ILE E 58 -54.11 -2.38 33.19
N ASP E 59 -54.86 -2.07 34.24
CA ASP E 59 -56.09 -2.80 34.59
C ASP E 59 -57.30 -2.57 33.66
N GLN E 60 -57.26 -1.52 32.83
CA GLN E 60 -58.38 -1.18 31.95
C GLN E 60 -58.11 -1.27 30.43
N VAL E 61 -56.87 -1.56 30.06
CA VAL E 61 -56.40 -1.44 28.69
C VAL E 61 -56.24 -2.78 27.94
N ASP E 62 -56.38 -2.79 26.62
CA ASP E 62 -56.23 -4.02 25.80
C ASP E 62 -54.82 -4.22 25.24
N LEU E 63 -54.02 -3.17 25.29
CA LEU E 63 -52.69 -3.12 24.70
C LEU E 63 -51.94 -1.98 25.36
N VAL E 64 -50.70 -2.25 25.77
CA VAL E 64 -49.83 -1.23 26.34
C VAL E 64 -48.72 -0.82 25.36
N ILE E 65 -48.42 0.48 25.34
CA ILE E 65 -47.27 0.98 24.60
C ILE E 65 -46.32 1.63 25.60
N LEU E 66 -45.06 1.20 25.55
CA LEU E 66 -44.04 1.76 26.41
C LEU E 66 -43.24 2.91 25.77
N GLY E 67 -43.37 4.10 26.35
CA GLY E 67 -42.61 5.26 25.90
C GLY E 67 -41.47 5.74 26.79
N ILE E 68 -41.15 4.94 27.82
CA ILE E 68 -40.04 5.26 28.73
C ILE E 68 -38.69 4.96 28.08
N LYS E 69 -37.61 5.57 28.58
CA LYS E 69 -36.28 5.28 28.04
C LYS E 69 -35.75 3.92 28.51
N PRO E 70 -34.89 3.28 27.70
CA PRO E 70 -34.43 1.92 28.00
C PRO E 70 -33.78 1.77 29.40
N GLN E 71 -33.06 2.79 29.84
CA GLN E 71 -32.38 2.77 31.15
C GLN E 71 -33.31 2.61 32.35
N LEU E 72 -34.62 2.79 32.13
CA LEU E 72 -35.61 2.71 33.20
C LEU E 72 -36.53 1.51 33.12
N PHE E 73 -36.30 0.61 32.16
CA PHE E 73 -37.15 -0.57 31.97
C PHE E 73 -37.27 -1.46 33.24
N GLU E 74 -36.14 -1.87 33.79
CA GLU E 74 -36.10 -2.70 35.00
C GLU E 74 -36.81 -2.03 36.17
N THR E 75 -36.32 -0.86 36.58
CA THR E 75 -36.92 -0.07 37.65
C THR E 75 -38.44 0.12 37.53
N VAL E 76 -38.91 0.49 36.34
CA VAL E 76 -40.31 0.86 36.16
C VAL E 76 -41.22 -0.35 35.91
N LEU E 77 -40.73 -1.38 35.24
CA LEU E 77 -41.60 -2.49 34.78
C LEU E 77 -41.78 -3.66 35.76
N LYS E 78 -40.72 -4.00 36.48
CA LYS E 78 -40.72 -5.18 37.34
C LYS E 78 -41.84 -5.16 38.40
N PRO E 79 -42.00 -4.05 39.16
CA PRO E 79 -43.11 -3.98 40.15
C PRO E 79 -44.54 -4.06 39.59
N LEU E 80 -44.71 -4.00 38.28
CA LEU E 80 -46.05 -3.94 37.68
C LEU E 80 -46.55 -5.33 37.28
N HIS E 81 -47.86 -5.50 37.13
CA HIS E 81 -48.39 -6.80 36.68
C HIS E 81 -49.15 -6.66 35.36
N PHE E 82 -48.54 -7.12 34.26
CA PHE E 82 -49.11 -6.90 32.93
C PHE E 82 -50.10 -8.01 32.54
N LYS E 83 -51.08 -7.66 31.72
CA LYS E 83 -52.26 -8.48 31.49
C LYS E 83 -52.67 -8.50 30.01
N GLN E 84 -51.88 -7.83 29.17
CA GLN E 84 -52.19 -7.67 27.75
C GLN E 84 -50.90 -7.60 26.94
N PRO E 85 -51.00 -7.69 25.59
CA PRO E 85 -49.78 -7.53 24.78
C PRO E 85 -49.15 -6.15 25.00
N ILE E 86 -47.82 -6.08 24.86
CA ILE E 86 -47.09 -4.84 25.08
C ILE E 86 -46.22 -4.53 23.86
N ILE E 87 -46.18 -3.24 23.50
CA ILE E 87 -45.29 -2.73 22.47
C ILE E 87 -44.21 -1.87 23.11
N SER E 88 -42.96 -2.23 22.88
CA SER E 88 -41.82 -1.41 23.28
C SER E 88 -41.28 -0.63 22.09
N MSE E 89 -41.01 0.65 22.32
CA MSE E 89 -40.36 1.48 21.27
C MSE E 89 -38.86 1.72 21.55
O MSE E 89 -38.18 2.43 20.80
CB MSE E 89 -41.13 2.78 21.03
CG MSE E 89 -40.88 3.92 22.02
SE MSE E 89 -41.87 5.44 21.68
CE MSE E 89 -43.49 4.71 21.65
N ALA E 90 -38.35 1.09 22.61
CA ALA E 90 -37.04 1.40 23.14
C ALA E 90 -35.92 0.78 22.31
N ALA E 91 -34.89 1.57 22.07
CA ALA E 91 -33.65 1.11 21.46
C ALA E 91 -32.91 0.18 22.40
N GLY E 92 -32.29 -0.84 21.82
CA GLY E 92 -31.35 -1.68 22.55
C GLY E 92 -31.87 -2.74 23.52
N ILE E 93 -33.19 -2.88 23.64
CA ILE E 93 -33.77 -3.88 24.56
C ILE E 93 -34.51 -4.94 23.77
N SER E 94 -33.97 -6.16 23.78
CA SER E 94 -34.58 -7.27 23.07
C SER E 94 -35.91 -7.69 23.69
N LEU E 95 -36.70 -8.39 22.89
CA LEU E 95 -37.94 -9.00 23.32
C LEU E 95 -37.70 -10.03 24.42
N GLN E 96 -36.54 -10.69 24.36
CA GLN E 96 -36.15 -11.69 25.36
C GLN E 96 -35.94 -11.03 26.71
N ARG E 97 -35.19 -9.94 26.73
CA ARG E 97 -34.96 -9.15 27.95
C ARG E 97 -36.25 -8.52 28.48
N LEU E 98 -37.12 -8.06 27.59
CA LEU E 98 -38.40 -7.47 27.99
C LEU E 98 -39.27 -8.50 28.71
N ALA E 99 -39.30 -9.72 28.18
CA ALA E 99 -40.05 -10.82 28.78
C ALA E 99 -39.61 -11.13 30.22
N THR E 100 -38.33 -10.95 30.54
CA THR E 100 -37.85 -11.15 31.92
C THR E 100 -38.33 -10.04 32.85
N PHE E 101 -38.62 -8.86 32.30
CA PHE E 101 -39.05 -7.72 33.13
C PHE E 101 -40.54 -7.77 33.38
N VAL E 102 -41.25 -8.50 32.52
CA VAL E 102 -42.68 -8.30 32.28
C VAL E 102 -43.52 -9.60 32.21
N GLY E 103 -42.89 -10.72 31.89
CA GLY E 103 -43.61 -12.00 31.88
C GLY E 103 -43.44 -12.82 30.62
N GLN E 104 -43.40 -14.14 30.80
CA GLN E 104 -43.12 -15.10 29.73
C GLN E 104 -44.39 -15.56 29.02
N ASP E 105 -45.53 -15.06 29.50
CA ASP E 105 -46.83 -15.42 28.95
C ASP E 105 -47.49 -14.31 28.13
N LEU E 106 -46.75 -13.24 27.83
CA LEU E 106 -47.29 -12.11 27.07
C LEU E 106 -46.80 -12.04 25.62
N PRO E 107 -47.73 -11.81 24.67
CA PRO E 107 -47.28 -11.44 23.34
C PRO E 107 -46.59 -10.08 23.43
N LEU E 108 -45.37 -9.99 22.91
CA LEU E 108 -44.61 -8.75 22.99
C LEU E 108 -44.12 -8.33 21.62
N LEU E 109 -44.19 -7.02 21.37
CA LEU E 109 -43.77 -6.46 20.10
C LEU E 109 -42.79 -5.33 20.27
N ARG E 110 -41.88 -5.23 19.31
CA ARG E 110 -40.99 -4.08 19.24
C ARG E 110 -41.24 -3.24 17.98
N ILE E 111 -41.25 -1.92 18.19
CA ILE E 111 -41.20 -0.96 17.09
C ILE E 111 -39.98 -0.04 17.17
N MSE E 112 -39.51 0.41 16.01
CA MSE E 112 -38.47 1.43 15.96
C MSE E 112 -38.94 2.54 15.04
O MSE E 112 -38.77 2.45 13.83
CB MSE E 112 -37.11 0.87 15.51
CG MSE E 112 -35.92 1.90 15.60
SE MSE E 112 -35.94 3.03 17.05
CE MSE E 112 -35.74 1.78 18.29
N PRO E 113 -39.58 3.58 15.63
CA PRO E 113 -40.10 4.76 14.96
C PRO E 113 -39.08 5.90 14.90
N ASN E 114 -39.45 7.00 14.24
CA ASN E 114 -38.63 8.20 14.27
C ASN E 114 -39.49 9.46 14.43
N MSE E 115 -38.85 10.62 14.55
CA MSE E 115 -39.56 11.84 14.91
C MSE E 115 -40.48 12.32 13.77
O MSE E 115 -41.35 13.17 13.98
CB MSE E 115 -38.56 12.92 15.37
CG MSE E 115 -39.14 14.16 16.08
SE MSE E 115 -40.00 13.91 17.66
CE MSE E 115 -38.98 12.80 18.56
N ASN E 116 -40.32 11.74 12.58
CA ASN E 116 -41.20 12.04 11.44
C ASN E 116 -42.64 11.51 11.63
N ALA E 117 -42.83 10.73 12.68
CA ALA E 117 -44.18 10.43 13.17
C ALA E 117 -44.98 11.72 13.33
N GLN E 118 -44.31 12.82 13.67
CA GLN E 118 -44.94 14.13 13.84
C GLN E 118 -45.73 14.56 12.62
N ILE E 119 -45.32 14.10 11.44
CA ILE E 119 -46.05 14.42 10.23
C ILE E 119 -46.62 13.15 9.61
N LEU E 120 -46.67 12.08 10.42
CA LEU E 120 -47.19 10.79 10.00
C LEU E 120 -46.38 10.20 8.87
N GLN E 121 -45.05 10.40 8.92
CA GLN E 121 -44.13 9.85 7.93
C GLN E 121 -42.92 9.17 8.57
N SER E 122 -43.14 8.60 9.75
CA SER E 122 -42.14 7.77 10.39
C SER E 122 -41.79 6.60 9.49
N SER E 123 -40.54 6.13 9.60
CA SER E 123 -40.14 4.88 8.97
C SER E 123 -39.90 3.90 10.11
N THR E 124 -40.89 3.02 10.35
CA THR E 124 -40.99 2.25 11.58
C THR E 124 -40.77 0.76 11.37
N ALA E 125 -39.80 0.19 12.10
CA ALA E 125 -39.62 -1.25 12.11
C ALA E 125 -40.63 -1.87 13.09
N LEU E 126 -41.04 -3.09 12.77
CA LEU E 126 -42.00 -3.84 13.60
C LEU E 126 -41.58 -5.30 13.67
N THR E 127 -41.52 -5.84 14.87
CA THR E 127 -41.36 -7.28 15.03
C THR E 127 -42.05 -7.80 16.30
N GLY E 128 -42.32 -9.10 16.35
CA GLY E 128 -42.97 -9.72 17.53
C GLY E 128 -42.34 -11.01 18.03
N ASN E 129 -42.56 -11.33 19.30
CA ASN E 129 -42.09 -12.60 19.83
C ASN E 129 -42.96 -13.76 19.33
N ALA E 130 -42.59 -14.97 19.72
CA ALA E 130 -43.25 -16.18 19.25
C ALA E 130 -44.73 -16.29 19.71
N LEU E 131 -45.11 -15.46 20.70
CA LEU E 131 -46.49 -15.40 21.21
C LEU E 131 -47.45 -14.48 20.43
N VAL E 132 -46.90 -13.71 19.49
CA VAL E 132 -47.68 -12.80 18.67
C VAL E 132 -48.28 -13.53 17.46
N SER E 133 -49.60 -13.49 17.35
CA SER E 133 -50.29 -14.09 16.19
C SER E 133 -50.21 -13.20 14.93
N GLN E 134 -50.52 -13.80 13.77
CA GLN E 134 -50.70 -13.06 12.51
C GLN E 134 -51.66 -11.89 12.66
N GLU E 135 -52.78 -12.14 13.33
CA GLU E 135 -53.83 -11.15 13.47
C GLU E 135 -53.39 -9.99 14.35
N LEU E 136 -52.70 -10.31 15.43
CA LEU E 136 -52.19 -9.29 16.35
C LEU E 136 -51.10 -8.43 15.69
N GLN E 137 -50.21 -9.06 14.93
CA GLN E 137 -49.16 -8.31 14.23
C GLN E 137 -49.79 -7.35 13.23
N ALA E 138 -50.81 -7.83 12.52
CA ALA E 138 -51.57 -7.03 11.55
C ALA E 138 -52.31 -5.86 12.21
N ARG E 139 -52.87 -6.09 13.39
CA ARG E 139 -53.52 -5.02 14.17
C ARG E 139 -52.51 -3.95 14.60
N VAL E 140 -51.33 -4.38 15.01
CA VAL E 140 -50.27 -3.46 15.39
C VAL E 140 -49.67 -2.76 14.16
N ARG E 141 -49.55 -3.47 13.05
CA ARG E 141 -49.14 -2.87 11.79
C ARG E 141 -50.11 -1.74 11.37
N ASP E 142 -51.41 -1.92 11.64
CA ASP E 142 -52.38 -0.85 11.44
C ASP E 142 -52.06 0.39 12.25
N LEU E 143 -51.65 0.18 13.50
CA LEU E 143 -51.20 1.25 14.40
C LEU E 143 -49.97 2.00 13.86
N THR E 144 -48.97 1.23 13.41
CA THR E 144 -47.75 1.85 12.92
C THR E 144 -48.02 2.58 11.60
N ASP E 145 -48.88 2.02 10.76
CA ASP E 145 -49.23 2.68 9.49
C ASP E 145 -49.96 4.01 9.70
N SER E 146 -50.47 4.24 10.91
CA SER E 146 -51.17 5.50 11.19
C SER E 146 -50.22 6.67 11.36
N PHE E 147 -48.93 6.41 11.62
CA PHE E 147 -47.98 7.51 11.77
C PHE E 147 -46.77 7.42 10.84
N GLY E 148 -46.89 6.62 9.79
CA GLY E 148 -45.85 6.50 8.78
C GLY E 148 -45.95 5.19 8.01
N SER E 149 -44.81 4.68 7.56
CA SER E 149 -44.72 3.37 6.94
C SER E 149 -44.19 2.35 7.94
N THR E 150 -44.32 1.07 7.58
CA THR E 150 -43.95 -0.02 8.48
C THR E 150 -43.04 -1.01 7.76
N PHE E 151 -41.92 -1.34 8.39
CA PHE E 151 -40.99 -2.32 7.84
C PHE E 151 -41.00 -3.60 8.67
N ASP E 152 -41.13 -4.73 7.97
CA ASP E 152 -41.06 -6.07 8.58
C ASP E 152 -39.59 -6.45 8.71
N ILE E 153 -39.03 -6.22 9.89
CA ILE E 153 -37.58 -6.34 10.12
C ILE E 153 -37.31 -7.47 11.14
N SER E 154 -36.33 -8.34 10.89
CA SER E 154 -35.91 -9.31 11.89
C SER E 154 -35.38 -8.58 13.10
N GLU E 155 -35.58 -9.15 14.30
CA GLU E 155 -35.09 -8.51 15.51
C GLU E 155 -33.59 -8.39 15.52
N LYS E 156 -32.89 -9.29 14.83
CA LYS E 156 -31.45 -9.24 14.82
C LYS E 156 -30.94 -8.00 14.07
N ASP E 157 -31.82 -7.34 13.32
CA ASP E 157 -31.47 -6.15 12.54
C ASP E 157 -32.00 -4.87 13.17
N PHE E 158 -32.58 -4.97 14.36
CA PHE E 158 -33.21 -3.80 14.98
C PHE E 158 -32.25 -2.69 15.36
N ASP E 159 -31.04 -3.05 15.77
CA ASP E 159 -30.03 -2.05 16.18
C ASP E 159 -29.52 -1.24 14.98
N THR E 160 -29.26 -1.92 13.87
CA THR E 160 -28.93 -1.28 12.60
C THR E 160 -30.07 -0.40 12.09
N PHE E 161 -31.33 -0.86 12.21
CA PHE E 161 -32.46 -0.07 11.76
C PHE E 161 -32.61 1.16 12.68
N THR E 162 -32.39 0.98 13.97
CA THR E 162 -32.35 2.11 14.93
C THR E 162 -31.42 3.23 14.44
N ALA E 163 -30.26 2.84 13.90
CA ALA E 163 -29.30 3.83 13.38
C ALA E 163 -29.73 4.42 12.04
N LEU E 164 -30.19 3.57 11.12
CA LEU E 164 -30.54 4.03 9.79
C LEU E 164 -31.79 4.87 9.73
N ALA E 165 -32.73 4.64 10.65
CA ALA E 165 -34.04 5.29 10.55
C ALA E 165 -34.37 6.08 11.80
N GLY E 166 -33.96 5.55 12.95
CA GLY E 166 -34.33 6.14 14.24
C GLY E 166 -33.48 7.33 14.61
N SER E 167 -32.18 7.19 14.43
CA SER E 167 -31.23 8.23 14.81
C SER E 167 -30.88 9.13 13.64
N SER E 168 -30.95 8.58 12.42
CA SER E 168 -30.47 9.28 11.23
C SER E 168 -31.11 10.64 10.99
N PRO E 169 -32.40 10.82 11.38
CA PRO E 169 -32.91 12.19 11.24
C PRO E 169 -32.00 13.26 11.83
N ALA E 170 -31.44 13.02 13.01
CA ALA E 170 -30.50 13.98 13.61
C ALA E 170 -29.26 14.20 12.72
N TYR E 171 -28.76 13.14 12.08
CA TYR E 171 -27.56 13.24 11.27
C TYR E 171 -27.89 14.03 10.01
N ILE E 172 -29.09 13.78 9.48
CA ILE E 172 -29.62 14.49 8.31
C ILE E 172 -29.76 15.98 8.63
N TYR E 173 -30.30 16.31 9.81
CA TYR E 173 -30.38 17.72 10.24
C TYR E 173 -29.03 18.39 10.40
N LEU E 174 -28.06 17.69 10.98
CA LEU E 174 -26.70 18.28 11.15
C LEU E 174 -26.05 18.55 9.78
N PHE E 175 -26.22 17.60 8.86
CA PHE E 175 -25.79 17.75 7.48
C PHE E 175 -26.47 18.94 6.80
N ILE E 176 -27.78 19.07 6.98
CA ILE E 176 -28.52 20.20 6.42
C ILE E 176 -28.04 21.52 7.03
N GLU E 177 -27.86 21.53 8.35
CA GLU E 177 -27.38 22.72 9.04
C GLU E 177 -26.00 23.11 8.51
N ALA E 178 -25.17 22.09 8.21
CA ALA E 178 -23.80 22.33 7.71
C ALA E 178 -23.81 23.04 6.36
N LEU E 179 -24.63 22.55 5.42
CA LEU E 179 -24.80 23.22 4.12
C LEU E 179 -25.29 24.67 4.29
N ALA E 180 -26.28 24.85 5.14
CA ALA E 180 -26.84 26.17 5.40
C ALA E 180 -25.85 27.13 6.05
N LYS E 181 -25.10 26.64 7.05
CA LYS E 181 -24.07 27.47 7.68
C LYS E 181 -22.99 27.86 6.65
N ALA E 182 -22.71 26.95 5.71
CA ALA E 182 -21.72 27.24 4.64
C ALA E 182 -22.27 28.33 3.69
N GLY E 183 -23.58 28.33 3.45
CA GLY E 183 -24.25 29.41 2.75
C GLY E 183 -24.10 30.71 3.53
N VAL E 184 -24.24 30.68 4.85
CA VAL E 184 -24.04 31.88 5.65
C VAL E 184 -22.60 32.41 5.52
N LYS E 185 -21.61 31.52 5.69
CA LYS E 185 -20.20 31.89 5.56
C LYS E 185 -19.99 32.68 4.27
N ASN E 186 -20.66 32.20 3.22
CA ASN E 186 -20.49 32.69 1.87
C ASN E 186 -21.54 33.71 1.37
N GLY E 187 -22.23 34.37 2.29
CA GLY E 187 -23.07 35.53 1.91
C GLY E 187 -24.58 35.36 1.92
N ILE E 188 -25.07 34.14 2.09
CA ILE E 188 -26.52 33.94 2.05
C ILE E 188 -27.15 33.82 3.43
N PRO E 189 -28.15 34.67 3.73
CA PRO E 189 -28.82 34.63 5.03
C PRO E 189 -29.30 33.23 5.43
N LYS E 190 -29.19 32.92 6.72
CA LYS E 190 -29.48 31.57 7.26
C LYS E 190 -30.83 30.99 6.79
N ALA E 191 -31.91 31.73 7.01
CA ALA E 191 -33.27 31.30 6.65
C ALA E 191 -33.36 30.96 5.16
N LYS E 192 -32.82 31.85 4.33
CA LYS E 192 -32.79 31.65 2.89
C LYS E 192 -31.94 30.41 2.52
N ALA E 193 -30.76 30.27 3.13
CA ALA E 193 -29.88 29.14 2.85
C ALA E 193 -30.58 27.84 3.23
N LEU E 194 -31.25 27.83 4.39
CA LEU E 194 -32.00 26.64 4.84
C LEU E 194 -33.16 26.27 3.89
N GLU E 195 -33.85 27.28 3.40
CA GLU E 195 -34.97 27.07 2.51
C GLU E 195 -34.48 26.41 1.22
N ILE E 196 -33.43 26.97 0.63
CA ILE E 196 -32.86 26.42 -0.58
C ILE E 196 -32.36 24.99 -0.37
N VAL E 197 -31.57 24.74 0.68
CA VAL E 197 -31.05 23.36 0.80
C VAL E 197 -32.12 22.32 1.22
N THR E 198 -33.04 22.71 2.11
CA THR E 198 -34.12 21.79 2.51
C THR E 198 -34.94 21.35 1.28
N GLN E 199 -35.26 22.30 0.39
CA GLN E 199 -36.04 22.03 -0.81
C GLN E 199 -35.24 21.15 -1.75
N THR E 200 -33.93 21.39 -1.82
CA THR E 200 -33.05 20.59 -2.65
C THR E 200 -32.89 19.17 -2.13
N VAL E 201 -32.83 19.02 -0.81
CA VAL E 201 -32.72 17.70 -0.17
C VAL E 201 -34.00 16.91 -0.45
N LEU E 202 -35.15 17.53 -0.19
CA LEU E 202 -36.45 16.94 -0.53
C LEU E 202 -36.53 16.43 -1.96
N ALA E 203 -36.24 17.33 -2.91
CA ALA E 203 -36.31 17.00 -4.33
C ALA E 203 -35.32 15.91 -4.75
N SER E 204 -34.10 15.95 -4.19
CA SER E 204 -33.06 14.97 -4.54
C SER E 204 -33.46 13.59 -4.06
N ALA E 205 -34.01 13.53 -2.85
CA ALA E 205 -34.48 12.26 -2.31
C ALA E 205 -35.69 11.70 -3.10
N SER E 206 -36.61 12.56 -3.56
CA SER E 206 -37.74 12.06 -4.38
C SER E 206 -37.22 11.53 -5.69
N ASN E 207 -36.27 12.24 -6.28
CA ASN E 207 -35.71 11.85 -7.55
C ASN E 207 -35.03 10.48 -7.46
N LEU E 208 -34.20 10.29 -6.43
CA LEU E 208 -33.64 8.96 -6.16
C LEU E 208 -34.74 7.89 -5.95
N LYS E 209 -35.73 8.20 -5.12
CA LYS E 209 -36.80 7.28 -4.80
C LYS E 209 -37.51 6.74 -6.06
N THR E 210 -37.84 7.63 -6.99
CA THR E 210 -38.63 7.28 -8.15
C THR E 210 -37.80 6.88 -9.36
N SER E 211 -36.49 6.85 -9.21
CA SER E 211 -35.61 6.49 -10.30
C SER E 211 -34.99 5.11 -10.09
N SER E 212 -34.59 4.46 -11.18
CA SER E 212 -33.91 3.16 -11.08
C SER E 212 -32.40 3.31 -10.89
N GLN E 213 -31.91 4.54 -11.04
CA GLN E 213 -30.48 4.84 -10.91
C GLN E 213 -30.02 4.81 -9.44
N SER E 214 -28.77 4.41 -9.22
CA SER E 214 -28.17 4.42 -7.89
C SER E 214 -27.72 5.85 -7.51
N PRO E 215 -27.44 6.09 -6.21
CA PRO E 215 -26.79 7.34 -5.78
C PRO E 215 -25.51 7.69 -6.57
N HIS E 216 -24.63 6.71 -6.81
CA HIS E 216 -23.43 6.96 -7.63
C HIS E 216 -23.71 7.24 -9.10
N ASP E 217 -24.75 6.63 -9.67
CA ASP E 217 -25.22 6.97 -11.01
C ASP E 217 -25.57 8.45 -11.09
N PHE E 218 -26.34 8.94 -10.12
CA PHE E 218 -26.67 10.34 -10.08
C PHE E 218 -25.43 11.23 -9.97
N ILE E 219 -24.53 10.87 -9.07
CA ILE E 219 -23.27 11.60 -8.89
C ILE E 219 -22.50 11.72 -10.20
N ASP E 220 -22.36 10.63 -10.96
CA ASP E 220 -21.74 10.73 -12.28
C ASP E 220 -22.49 11.73 -13.17
N ALA E 221 -23.82 11.69 -13.15
CA ALA E 221 -24.63 12.60 -13.97
C ALA E 221 -24.40 14.06 -13.59
N ILE E 222 -24.33 14.35 -12.29
CA ILE E 222 -24.20 15.71 -11.78
C ILE E 222 -22.77 16.33 -11.93
N CYS E 223 -21.73 15.49 -11.91
CA CYS E 223 -20.35 15.98 -12.01
C CYS E 223 -19.85 16.27 -13.43
N SER E 224 -20.13 17.46 -13.96
CA SER E 224 -19.54 17.90 -15.24
C SER E 224 -18.02 17.82 -15.14
N PRO E 225 -17.36 17.34 -16.20
CA PRO E 225 -15.90 17.31 -16.26
C PRO E 225 -15.32 18.70 -16.04
N GLY E 226 -14.32 18.78 -15.16
CA GLY E 226 -13.68 20.06 -14.80
C GLY E 226 -14.64 21.05 -14.15
N GLY E 227 -15.74 20.56 -13.58
CA GLY E 227 -16.83 21.43 -13.08
C GLY E 227 -16.73 21.71 -11.60
N THR E 228 -17.75 22.39 -11.06
CA THR E 228 -17.73 22.80 -9.68
C THR E 228 -18.07 21.61 -8.77
N THR E 229 -18.91 20.70 -9.24
CA THR E 229 -19.40 19.62 -8.36
C THR E 229 -18.32 18.58 -8.05
N ILE E 230 -17.58 18.14 -9.08
CA ILE E 230 -16.44 17.26 -8.85
C ILE E 230 -15.37 17.87 -7.92
N ALA E 231 -15.16 19.18 -7.99
CA ALA E 231 -14.24 19.85 -7.05
C ALA E 231 -14.72 19.62 -5.59
N GLY E 232 -15.98 19.94 -5.31
CA GLY E 232 -16.56 19.72 -3.98
C GLY E 232 -16.59 18.27 -3.55
N LEU E 233 -16.86 17.36 -4.49
CA LEU E 233 -16.92 15.94 -4.19
C LEU E 233 -15.58 15.35 -3.77
N MSE E 234 -14.50 15.71 -4.47
CA MSE E 234 -13.15 15.28 -4.09
C MSE E 234 -12.71 15.89 -2.76
O MSE E 234 -11.89 15.31 -2.05
CB MSE E 234 -12.13 15.60 -5.17
CG MSE E 234 -12.12 14.65 -6.38
SE MSE E 234 -12.17 12.85 -6.08
CE MSE E 234 -13.85 12.83 -6.18
N GLU E 235 -13.25 17.06 -2.40
CA GLU E 235 -13.00 17.61 -1.08
C GLU E 235 -13.73 16.78 -0.01
N LEU E 236 -14.92 16.26 -0.32
CA LEU E 236 -15.62 15.35 0.60
C LEU E 236 -14.82 14.07 0.79
N GLU E 237 -14.24 13.56 -0.30
CA GLU E 237 -13.36 12.39 -0.23
C GLU E 237 -12.11 12.69 0.60
N ARG E 238 -11.44 13.79 0.29
CA ARG E 238 -10.25 14.14 1.05
C ARG E 238 -10.51 14.18 2.55
N LEU E 239 -11.63 14.78 2.97
CA LEU E 239 -11.92 14.94 4.38
C LEU E 239 -12.68 13.73 4.99
N GLY E 240 -13.03 12.74 4.18
CA GLY E 240 -13.62 11.49 4.67
C GLY E 240 -15.09 11.54 5.09
N LEU E 241 -15.93 12.17 4.27
CA LEU E 241 -17.37 12.22 4.56
C LEU E 241 -18.00 10.82 4.78
N THR E 242 -17.73 9.90 3.85
CA THR E 242 -18.30 8.55 3.94
C THR E 242 -17.83 7.82 5.20
N ALA E 243 -16.53 7.78 5.44
CA ALA E 243 -15.97 7.20 6.68
C ALA E 243 -16.57 7.84 7.93
N THR E 244 -16.75 9.15 7.89
CA THR E 244 -17.33 9.88 9.03
C THR E 244 -18.75 9.38 9.36
N VAL E 245 -19.60 9.32 8.34
CA VAL E 245 -20.99 8.91 8.53
C VAL E 245 -21.06 7.47 9.07
N SER E 246 -20.28 6.61 8.44
CA SER E 246 -20.28 5.20 8.74
C SER E 246 -19.75 4.94 10.15
N SER E 247 -18.69 5.65 10.52
CA SER E 247 -18.18 5.56 11.89
C SER E 247 -19.27 6.00 12.87
N ALA E 248 -20.04 7.02 12.51
CA ALA E 248 -21.14 7.51 13.38
C ALA E 248 -22.23 6.46 13.54
N ILE E 249 -22.56 5.77 12.46
CA ILE E 249 -23.54 4.72 12.50
C ILE E 249 -23.05 3.57 13.37
N ASP E 250 -21.77 3.19 13.21
CA ASP E 250 -21.12 2.21 14.11
C ASP E 250 -21.25 2.58 15.59
N LYS E 251 -20.93 3.83 15.92
CA LYS E 251 -21.06 4.30 17.32
C LYS E 251 -22.51 4.23 17.81
N THR E 252 -23.45 4.51 16.91
CA THR E 252 -24.87 4.47 17.26
C THR E 252 -25.25 3.02 17.59
N ILE E 253 -24.82 2.10 16.74
CA ILE E 253 -25.10 0.69 16.91
C ILE E 253 -24.42 0.16 18.17
N ASP E 254 -23.15 0.53 18.40
CA ASP E 254 -22.43 0.14 19.63
C ASP E 254 -23.23 0.54 20.87
N LYS E 255 -23.76 1.75 20.86
CA LYS E 255 -24.54 2.23 22.02
C LYS E 255 -25.80 1.40 22.18
N ALA E 256 -26.51 1.16 21.07
CA ALA E 256 -27.69 0.33 21.12
C ALA E 256 -27.32 -1.04 21.72
N LYS E 257 -26.20 -1.63 21.27
CA LYS E 257 -25.74 -2.91 21.81
C LYS E 257 -25.48 -2.85 23.31
N SER E 258 -24.86 -1.78 23.81
CA SER E 258 -24.53 -1.76 25.23
C SER E 258 -25.74 -1.51 26.11
N LEU E 259 -26.76 -0.81 25.59
CA LEU E 259 -27.99 -0.61 26.37
C LEU E 259 -28.67 -1.94 26.74
NA NA F . 4.43 21.83 -19.03
PA NAP G . 15.12 7.42 -20.13
O1A NAP G . 16.01 8.01 -19.08
O2A NAP G . 15.00 5.94 -20.09
O5B NAP G . 15.59 7.79 -21.63
C5B NAP G . 16.27 8.97 -21.95
C4B NAP G . 17.26 8.60 -23.04
O4B NAP G . 17.75 9.75 -23.69
C3B NAP G . 18.46 7.85 -22.44
O3B NAP G . 18.57 6.62 -23.12
C2B NAP G . 19.64 8.76 -22.72
O2B NAP G . 20.85 8.09 -23.07
C1B NAP G . 19.13 9.58 -23.90
N9A NAP G . 19.88 10.83 -24.07
C8A NAP G . 20.49 11.62 -23.11
N7A NAP G . 21.09 12.66 -23.75
C5A NAP G . 20.89 12.53 -25.10
C6A NAP G . 21.28 13.30 -26.20
N6A NAP G . 22.17 14.27 -26.02
N1A NAP G . 20.92 12.92 -27.47
C2A NAP G . 20.16 11.79 -27.66
N3A NAP G . 19.77 11.01 -26.57
C4A NAP G . 20.12 11.38 -25.31
O3 NAP G . 13.68 8.19 -20.03
PN NAP G . 12.25 7.55 -20.44
O1N NAP G . 11.62 7.18 -19.15
O2N NAP G . 12.37 6.55 -21.52
O5D NAP G . 11.50 8.85 -21.02
C5D NAP G . 11.56 9.21 -22.38
C4D NAP G . 10.44 10.17 -22.71
O4D NAP G . 9.20 9.49 -22.73
C3D NAP G . 10.29 11.30 -21.70
O3D NAP G . 10.20 12.47 -22.47
C2D NAP G . 9.01 11.02 -20.91
O2D NAP G . 8.33 12.21 -20.51
C1D NAP G . 8.23 10.12 -21.90
N1N NAP G . 7.43 9.03 -21.31
C2N NAP G . 8.02 8.12 -20.47
C3N NAP G . 7.26 7.07 -19.93
C7N NAP G . 7.91 6.01 -19.10
O7N NAP G . 7.07 5.05 -18.56
N7N NAP G . 9.23 5.98 -18.90
C4N NAP G . 5.91 6.96 -20.27
C5N NAP G . 5.31 7.90 -21.12
C6N NAP G . 6.09 8.93 -21.65
P2B NAP G . 21.75 7.35 -21.96
O1X NAP G . 23.12 7.06 -22.54
O2X NAP G . 21.91 8.27 -20.77
O3X NAP G . 21.08 6.04 -21.58
C FMT H . -4.36 20.59 -10.30
O1 FMT H . -3.75 20.10 -11.25
O2 FMT H . -3.94 20.64 -9.14
NA NA I . 21.95 28.10 -4.55
PA NAP J . 32.96 25.30 9.32
O1A NAP J . 32.29 26.36 10.11
O2A NAP J . 33.45 24.19 10.19
O5B NAP J . 34.18 25.91 8.44
C5B NAP J . 34.26 27.25 8.04
C4B NAP J . 35.58 27.83 8.54
O4B NAP J . 35.90 29.01 7.82
C3B NAP J . 35.50 28.22 10.01
O3B NAP J . 36.35 27.38 10.78
C2B NAP J . 35.96 29.67 10.08
O2B NAP J . 36.95 29.92 11.08
C1B NAP J . 36.53 29.93 8.70
N9A NAP J . 36.34 31.36 8.36
C8A NAP J . 35.39 32.21 8.86
N7A NAP J . 35.57 33.44 8.31
C5A NAP J . 36.64 33.38 7.47
C6A NAP J . 37.24 34.35 6.67
N6A NAP J . 37.13 35.62 7.06
N1A NAP J . 38.33 33.99 5.91
C2A NAP J . 38.83 32.70 5.94
N3A NAP J . 38.23 31.74 6.73
C4A NAP J . 37.14 32.08 7.49
O3 NAP J . 31.93 24.74 8.20
PN NAP J . 32.21 23.36 7.37
O1N NAP J . 31.18 22.38 7.83
O2N NAP J . 33.65 23.01 7.44
O5D NAP J . 31.86 23.79 5.85
C5D NAP J . 32.77 24.47 5.01
C4D NAP J . 32.33 24.38 3.54
O4D NAP J . 32.28 23.03 3.09
C3D NAP J . 30.95 24.98 3.29
O3D NAP J . 31.05 25.83 2.18
C2D NAP J . 30.04 23.79 3.01
O2D NAP J . 29.00 24.08 2.08
C1D NAP J . 31.02 22.71 2.53
N1N NAP J . 30.61 21.33 2.92
C2N NAP J . 30.36 21.01 4.25
C3N NAP J . 30.00 19.70 4.58
C7N NAP J . 29.99 19.26 6.03
O7N NAP J . 29.77 17.89 6.26
N7N NAP J . 30.18 20.12 7.03
C4N NAP J . 29.88 18.72 3.57
C5N NAP J . 30.14 19.05 2.25
C6N NAP J . 30.52 20.37 1.94
P2B NAP J . 36.56 30.29 12.60
O1X NAP J . 35.25 31.04 12.68
O2X NAP J . 36.43 29.01 13.40
O3X NAP J . 37.65 31.17 13.18
C FMT K . 13.03 20.43 -4.17
O1 FMT K . 11.88 20.38 -4.63
O2 FMT K . 13.77 21.41 -4.24
NA NA L . 7.37 -15.54 20.84
PA NAP M . 10.97 -19.03 3.56
O1A NAP M . 9.51 -18.85 3.26
O2A NAP M . 11.85 -18.40 2.55
O5B NAP M . 11.31 -20.61 3.66
C5B NAP M . 10.59 -21.52 4.47
C4B NAP M . 10.82 -22.90 3.85
O4B NAP M . 10.18 -23.95 4.58
C3B NAP M . 10.28 -22.91 2.44
O3B NAP M . 11.34 -23.08 1.54
C2B NAP M . 9.29 -24.07 2.40
O2B NAP M . 9.39 -24.85 1.22
C1B NAP M . 9.68 -24.88 3.62
N9A NAP M . 8.56 -25.74 4.09
C8A NAP M . 7.21 -25.49 3.99
N7A NAP M . 6.53 -26.54 4.51
C5A NAP M . 7.42 -27.46 4.94
C6A NAP M . 7.27 -28.71 5.55
N6A NAP M . 6.06 -29.21 5.84
N1A NAP M . 8.40 -29.44 5.88
C2A NAP M . 9.67 -28.93 5.62
N3A NAP M . 9.80 -27.69 5.00
C4A NAP M . 8.71 -26.96 4.68
O3 NAP M . 11.32 -18.50 5.04
PN NAP M . 12.73 -17.81 5.45
O1N NAP M . 12.59 -16.35 5.26
O2N NAP M . 13.87 -18.51 4.79
O5D NAP M . 12.79 -18.05 7.04
C5D NAP M . 13.40 -19.18 7.64
C4D NAP M . 13.52 -19.00 9.15
O4D NAP M . 14.62 -18.15 9.49
C3D NAP M . 12.27 -18.40 9.79
O3D NAP M . 11.92 -19.26 10.85
C2D NAP M . 12.69 -17.02 10.28
O2D NAP M . 12.14 -16.72 11.56
C1D NAP M . 14.21 -17.08 10.34
N1N NAP M . 14.92 -15.87 9.87
C2N NAP M . 14.61 -15.32 8.65
C3N NAP M . 15.30 -14.20 8.19
C7N NAP M . 15.19 -13.77 6.75
O7N NAP M . 15.90 -12.61 6.36
N7N NAP M . 14.44 -14.48 5.90
C4N NAP M . 16.33 -13.66 8.98
C5N NAP M . 16.65 -14.24 10.20
C6N NAP M . 15.93 -15.37 10.64
P2B NAP M . 8.61 -24.45 -0.13
O1X NAP M . 8.43 -25.69 -1.00
O2X NAP M . 7.25 -23.85 0.15
O3X NAP M . 9.48 -23.46 -0.86
C FMT N . 7.69 -3.94 22.53
O1 FMT N . 6.90 -3.05 22.86
O2 FMT N . 7.38 -5.13 22.42
NA NA O . -14.05 -17.11 11.24
PA NAP P . -26.21 -12.74 -1.19
O1A NAP P . -26.89 -11.90 -0.17
O2A NAP P . -26.28 -12.17 -2.57
O5B NAP P . -26.78 -14.26 -1.30
C5B NAP P . -27.25 -15.02 -0.21
C4B NAP P . -28.48 -15.77 -0.71
O4B NAP P . -28.92 -16.72 0.23
C3B NAP P . -29.63 -14.79 -0.99
O3B NAP P . -29.99 -14.88 -2.36
C2B NAP P . -30.77 -15.28 -0.10
O2B NAP P . -32.03 -15.31 -0.76
C1B NAP P . -30.34 -16.70 0.24
N9A NAP P . -30.95 -17.18 1.50
C8A NAP P . -31.32 -16.44 2.59
N7A NAP P . -31.85 -17.28 3.52
C5A NAP P . -31.82 -18.55 3.03
C6A NAP P . -32.24 -19.78 3.55
N6A NAP P . -33.09 -19.78 4.57
N1A NAP P . -32.08 -20.94 2.80
C2A NAP P . -31.52 -20.86 1.54
N3A NAP P . -31.12 -19.64 1.01
C4A NAP P . -31.26 -18.50 1.76
O3 NAP P . -24.68 -12.99 -0.71
PN NAP P . -23.45 -13.35 -1.69
O1N NAP P . -22.66 -12.10 -1.89
O2N NAP P . -23.93 -14.11 -2.88
O5D NAP P . -22.59 -14.31 -0.73
C5D NAP P . -23.00 -15.63 -0.45
C4D NAP P . -21.80 -16.41 0.05
O4D NAP P . -20.74 -16.34 -0.88
C3D NAP P . -21.30 -15.85 1.37
O3D NAP P . -21.25 -16.95 2.25
C2D NAP P . -19.92 -15.26 1.07
O2D NAP P . -19.00 -15.46 2.13
C1D NAP P . -19.53 -15.96 -0.24
N1N NAP P . -18.72 -15.14 -1.18
C2N NAP P . -19.19 -13.92 -1.64
C3N NAP P . -18.42 -13.17 -2.53
C7N NAP P . -19.00 -11.97 -3.25
O7N NAP P . -18.19 -11.35 -4.22
N7N NAP P . -20.22 -11.54 -2.97
C4N NAP P . -17.16 -13.66 -2.95
C5N NAP P . -16.69 -14.90 -2.48
C6N NAP P . -17.50 -15.63 -1.59
P2B NAP P . -33.00 -14.03 -0.83
O1X NAP P . -34.40 -14.51 -1.16
O2X NAP P . -33.03 -13.31 0.49
O3X NAP P . -32.52 -13.11 -1.93
C FMT Q . -4.88 -9.83 11.36
O1 FMT Q . -5.98 -10.15 10.89
O2 FMT Q . -4.56 -8.67 11.66
NA NA R . -28.72 -3.74 23.64
PA NAP S . -37.64 11.48 26.59
O1A NAP S . -36.61 11.78 27.63
O2A NAP S . -37.93 12.70 25.79
O5B NAP S . -38.99 10.87 27.22
C5B NAP S . -38.99 9.97 28.31
C4B NAP S . -40.21 10.29 29.18
O4B NAP S . -40.46 9.28 30.13
C3B NAP S . -40.02 11.60 29.93
O3B NAP S . -41.05 12.49 29.54
C2B NAP S . -40.11 11.24 31.41
O2B NAP S . -40.91 12.12 32.19
C1B NAP S . -40.82 9.90 31.36
N9A NAP S . -40.55 9.09 32.57
C8A NAP S . -39.43 9.14 33.38
N7A NAP S . -39.59 8.26 34.39
C5A NAP S . -40.80 7.65 34.25
C6A NAP S . -41.46 6.68 35.01
N6A NAP S . -41.19 6.63 36.31
N1A NAP S . -42.71 6.26 34.60
C2A NAP S . -43.31 6.79 33.47
N3A NAP S . -42.64 7.75 32.73
C4A NAP S . -41.41 8.17 33.11
O3 NAP S . -37.13 10.24 25.68
PN NAP S . -37.62 9.98 24.16
O1N NAP S . -36.63 10.66 23.27
O2N NAP S . -39.07 10.26 23.98
O5D NAP S . -37.38 8.39 24.03
C5D NAP S . -38.31 7.46 24.55
C4D NAP S . -38.11 6.10 23.89
O4D NAP S . -38.24 6.18 22.49
C3D NAP S . -36.72 5.52 24.18
O3D NAP S . -36.90 4.20 24.61
C2D NAP S . -35.96 5.56 22.85
O2D NAP S . -35.09 4.45 22.74
C1D NAP S . -37.11 5.61 21.82
N1N NAP S . -36.86 6.37 20.58
C2N NAP S . -36.65 7.74 20.59
C3N NAP S . -36.45 8.44 19.40
C7N NAP S . -36.33 9.94 19.38
O7N NAP S . -36.20 10.55 18.12
N7N NAP S . -36.35 10.63 20.53
C4N NAP S . -36.48 7.75 18.18
C5N NAP S . -36.71 6.39 18.16
C6N NAP S . -36.91 5.71 19.37
P2B NAP S . -40.45 13.59 32.68
O1X NAP S . -41.49 14.09 33.67
O2X NAP S . -39.11 13.49 33.37
O3X NAP S . -40.37 14.54 31.49
C FMT T . -20.53 -2.19 15.20
O1 FMT T . -21.32 -2.29 16.15
O2 FMT T . -19.39 -1.75 15.29
#